data_3DN8
# 
_entry.id   3DN8 
# 
_audit_conform.dict_name       mmcif_pdbx.dic 
_audit_conform.dict_version    5.381 
_audit_conform.dict_location   http://mmcif.pdb.org/dictionaries/ascii/mmcif_pdbx.dic 
# 
loop_
_database_2.database_id 
_database_2.database_code 
_database_2.pdbx_database_accession 
_database_2.pdbx_DOI 
PDB   3DN8         pdb_00003dn8 10.2210/pdb3dn8/pdb 
RCSB  RCSB048248   ?            ?                   
WWPDB D_1000048248 ?            ?                   
# 
loop_
_pdbx_database_related.db_name 
_pdbx_database_related.db_id 
_pdbx_database_related.details 
_pdbx_database_related.content_type 
PDB 181L 'T4 lysozyme L99A bound with benzene at room temperature' unspecified 
PDB 3DKE .                                                         unspecified 
PDB 3DMV .                                                         unspecified 
PDB 3DMX .                                                         unspecified 
PDB 3DMZ .                                                         unspecified 
PDB 3DN0 .                                                         unspecified 
PDB 3DN1 .                                                         unspecified 
PDB 3DN2 .                                                         unspecified 
PDB 3DN3 .                                                         unspecified 
PDB 3DN4 .                                                         unspecified 
PDB 3DN6 .                                                         unspecified 
PDB 3DNA .                                                         unspecified 
# 
_pdbx_database_status.status_code                     REL 
_pdbx_database_status.entry_id                        3DN8 
_pdbx_database_status.recvd_initial_deposition_date   2008-07-01 
_pdbx_database_status.deposit_site                    RCSB 
_pdbx_database_status.process_site                    RCSB 
_pdbx_database_status.status_code_sf                  REL 
_pdbx_database_status.status_code_mr                  ? 
_pdbx_database_status.SG_entry                        ? 
_pdbx_database_status.pdb_format_compatible           Y 
_pdbx_database_status.status_code_cs                  ? 
_pdbx_database_status.status_code_nmr_data            ? 
_pdbx_database_status.methods_development_category    ? 
# 
loop_
_audit_author.name 
_audit_author.pdbx_ordinal 
'Liu, L.'        1 
'Matthews, B.W.' 2 
# 
_citation.id                        primary 
_citation.title                     
'Halogenated benzenes bound within a non-polar cavity in T4 lysozyme provide examples of I...S and I...Se halogen-bonding.' 
_citation.journal_abbrev            J.Mol.Biol. 
_citation.journal_volume            385 
_citation.page_first                595 
_citation.page_last                 605 
_citation.year                      2009 
_citation.journal_id_ASTM           JMOBAK 
_citation.country                   UK 
_citation.journal_id_ISSN           0022-2836 
_citation.journal_id_CSD            0070 
_citation.book_publisher            ? 
_citation.pdbx_database_id_PubMed   19014950 
_citation.pdbx_database_id_DOI      10.1016/j.jmb.2008.10.086 
# 
loop_
_citation_author.citation_id 
_citation_author.name 
_citation_author.ordinal 
_citation_author.identifier_ORCID 
primary 'Liu, L.'        1 ? 
primary 'Baase, W.A.'    2 ? 
primary 'Matthews, B.W.' 3 ? 
# 
_cell.entry_id           3DN8 
_cell.length_a           60.031 
_cell.length_b           60.031 
_cell.length_c           95.956 
_cell.angle_alpha        90.00 
_cell.angle_beta         90.00 
_cell.angle_gamma        120.00 
_cell.Z_PDB              6 
_cell.pdbx_unique_axis   ? 
_cell.length_a_esd       ? 
_cell.length_b_esd       ? 
_cell.length_c_esd       ? 
_cell.angle_alpha_esd    ? 
_cell.angle_beta_esd     ? 
_cell.angle_gamma_esd    ? 
# 
_symmetry.entry_id                         3DN8 
_symmetry.space_group_name_H-M             'P 32 2 1' 
_symmetry.pdbx_full_space_group_name_H-M   ? 
_symmetry.cell_setting                     ? 
_symmetry.Int_Tables_number                154 
_symmetry.space_group_name_Hall            ? 
# 
loop_
_entity.id 
_entity.type 
_entity.src_method 
_entity.pdbx_description 
_entity.formula_weight 
_entity.pdbx_number_of_molecules 
_entity.pdbx_ec 
_entity.pdbx_mutation 
_entity.pdbx_fragment 
_entity.details 
1 polymer     man Lysozyme                            18820.760 1   3.2.1.17 'C54T, C97A, L99A, seleno version' ? ? 
2 non-polymer syn 'PHOSPHATE ION'                     94.971    1   ?        ?                                  ? ? 
3 non-polymer syn 'CHLORIDE ION'                      35.453    1   ?        ?                                  ? ? 
4 non-polymer syn '2-HYDROXYETHYL DISULFIDE'          154.251   3   ?        ?                                  ? ? 
5 non-polymer syn BETA-MERCAPTOETHANOL                78.133    1   ?        ?                                  ? ? 
6 non-polymer syn 1,2,3,4,5-pentafluoro-6-iodobenzene 293.961   1   ?        ?                                  ? ? 
7 water       nat water                               18.015    210 ?        ?                                  ? ? 
# 
_entity_name_com.entity_id   1 
_entity_name_com.name        'Lysis protein, Muramidase, Endolysin' 
# 
_entity_poly.entity_id                      1 
_entity_poly.type                           'polypeptide(L)' 
_entity_poly.nstd_linkage                   no 
_entity_poly.nstd_monomer                   yes 
_entity_poly.pdbx_seq_one_letter_code       
;(MSE)NIFE(MSE)LRIDEGLRLKIYKDTEGYYTIGIGHLLTKSPSLNAAKSELDKAIGRNTNGVITKDEAEKLFNQDVD
AAVRGILRNAKLKPVYDSLDAVRRAAAIN(MSE)VFQ(MSE)GETGVAGFTNSLR(MSE)LQQKRWDEAAVNLAKSRWYN
QTPNRAKRVITTFRTGTWDAYKNL
;
_entity_poly.pdbx_seq_one_letter_code_can   
;MNIFEMLRIDEGLRLKIYKDTEGYYTIGIGHLLTKSPSLNAAKSELDKAIGRNTNGVITKDEAEKLFNQDVDAAVRGILR
NAKLKPVYDSLDAVRRAAAINMVFQMGETGVAGFTNSLRMLQQKRWDEAAVNLAKSRWYNQTPNRAKRVITTFRTGTWDA
YKNL
;
_entity_poly.pdbx_strand_id                 A 
_entity_poly.pdbx_target_identifier         ? 
# 
loop_
_entity_poly_seq.entity_id 
_entity_poly_seq.num 
_entity_poly_seq.mon_id 
_entity_poly_seq.hetero 
1 1   MSE n 
1 2   ASN n 
1 3   ILE n 
1 4   PHE n 
1 5   GLU n 
1 6   MSE n 
1 7   LEU n 
1 8   ARG n 
1 9   ILE n 
1 10  ASP n 
1 11  GLU n 
1 12  GLY n 
1 13  LEU n 
1 14  ARG n 
1 15  LEU n 
1 16  LYS n 
1 17  ILE n 
1 18  TYR n 
1 19  LYS n 
1 20  ASP n 
1 21  THR n 
1 22  GLU n 
1 23  GLY n 
1 24  TYR n 
1 25  TYR n 
1 26  THR n 
1 27  ILE n 
1 28  GLY n 
1 29  ILE n 
1 30  GLY n 
1 31  HIS n 
1 32  LEU n 
1 33  LEU n 
1 34  THR n 
1 35  LYS n 
1 36  SER n 
1 37  PRO n 
1 38  SER n 
1 39  LEU n 
1 40  ASN n 
1 41  ALA n 
1 42  ALA n 
1 43  LYS n 
1 44  SER n 
1 45  GLU n 
1 46  LEU n 
1 47  ASP n 
1 48  LYS n 
1 49  ALA n 
1 50  ILE n 
1 51  GLY n 
1 52  ARG n 
1 53  ASN n 
1 54  THR n 
1 55  ASN n 
1 56  GLY n 
1 57  VAL n 
1 58  ILE n 
1 59  THR n 
1 60  LYS n 
1 61  ASP n 
1 62  GLU n 
1 63  ALA n 
1 64  GLU n 
1 65  LYS n 
1 66  LEU n 
1 67  PHE n 
1 68  ASN n 
1 69  GLN n 
1 70  ASP n 
1 71  VAL n 
1 72  ASP n 
1 73  ALA n 
1 74  ALA n 
1 75  VAL n 
1 76  ARG n 
1 77  GLY n 
1 78  ILE n 
1 79  LEU n 
1 80  ARG n 
1 81  ASN n 
1 82  ALA n 
1 83  LYS n 
1 84  LEU n 
1 85  LYS n 
1 86  PRO n 
1 87  VAL n 
1 88  TYR n 
1 89  ASP n 
1 90  SER n 
1 91  LEU n 
1 92  ASP n 
1 93  ALA n 
1 94  VAL n 
1 95  ARG n 
1 96  ARG n 
1 97  ALA n 
1 98  ALA n 
1 99  ALA n 
1 100 ILE n 
1 101 ASN n 
1 102 MSE n 
1 103 VAL n 
1 104 PHE n 
1 105 GLN n 
1 106 MSE n 
1 107 GLY n 
1 108 GLU n 
1 109 THR n 
1 110 GLY n 
1 111 VAL n 
1 112 ALA n 
1 113 GLY n 
1 114 PHE n 
1 115 THR n 
1 116 ASN n 
1 117 SER n 
1 118 LEU n 
1 119 ARG n 
1 120 MSE n 
1 121 LEU n 
1 122 GLN n 
1 123 GLN n 
1 124 LYS n 
1 125 ARG n 
1 126 TRP n 
1 127 ASP n 
1 128 GLU n 
1 129 ALA n 
1 130 ALA n 
1 131 VAL n 
1 132 ASN n 
1 133 LEU n 
1 134 ALA n 
1 135 LYS n 
1 136 SER n 
1 137 ARG n 
1 138 TRP n 
1 139 TYR n 
1 140 ASN n 
1 141 GLN n 
1 142 THR n 
1 143 PRO n 
1 144 ASN n 
1 145 ARG n 
1 146 ALA n 
1 147 LYS n 
1 148 ARG n 
1 149 VAL n 
1 150 ILE n 
1 151 THR n 
1 152 THR n 
1 153 PHE n 
1 154 ARG n 
1 155 THR n 
1 156 GLY n 
1 157 THR n 
1 158 TRP n 
1 159 ASP n 
1 160 ALA n 
1 161 TYR n 
1 162 LYS n 
1 163 ASN n 
1 164 LEU n 
# 
_entity_src_gen.entity_id                          1 
_entity_src_gen.pdbx_src_id                        1 
_entity_src_gen.pdbx_alt_source_flag               sample 
_entity_src_gen.pdbx_seq_type                      ? 
_entity_src_gen.pdbx_beg_seq_num                   ? 
_entity_src_gen.pdbx_end_seq_num                   ? 
_entity_src_gen.gene_src_common_name               ? 
_entity_src_gen.gene_src_genus                     ? 
_entity_src_gen.pdbx_gene_src_gene                 E 
_entity_src_gen.gene_src_species                   ? 
_entity_src_gen.gene_src_strain                    ? 
_entity_src_gen.gene_src_tissue                    ? 
_entity_src_gen.gene_src_tissue_fraction           ? 
_entity_src_gen.gene_src_details                   ? 
_entity_src_gen.pdbx_gene_src_fragment             ? 
_entity_src_gen.pdbx_gene_src_scientific_name      'Bacteriophage T4' 
_entity_src_gen.pdbx_gene_src_ncbi_taxonomy_id     10665 
_entity_src_gen.pdbx_gene_src_variant              ? 
_entity_src_gen.pdbx_gene_src_cell_line            ? 
_entity_src_gen.pdbx_gene_src_atcc                 ? 
_entity_src_gen.pdbx_gene_src_organ                ? 
_entity_src_gen.pdbx_gene_src_organelle            ? 
_entity_src_gen.pdbx_gene_src_cell                 ? 
_entity_src_gen.pdbx_gene_src_cellular_location    ? 
_entity_src_gen.host_org_common_name               ? 
_entity_src_gen.pdbx_host_org_scientific_name      'Escherichia coli' 
_entity_src_gen.pdbx_host_org_ncbi_taxonomy_id     562 
_entity_src_gen.host_org_genus                     ? 
_entity_src_gen.pdbx_host_org_gene                 ? 
_entity_src_gen.pdbx_host_org_organ                ? 
_entity_src_gen.host_org_species                   ? 
_entity_src_gen.pdbx_host_org_tissue               ? 
_entity_src_gen.pdbx_host_org_tissue_fraction      ? 
_entity_src_gen.pdbx_host_org_strain               ? 
_entity_src_gen.pdbx_host_org_variant              ? 
_entity_src_gen.pdbx_host_org_cell_line            ? 
_entity_src_gen.pdbx_host_org_atcc                 ? 
_entity_src_gen.pdbx_host_org_culture_collection   ? 
_entity_src_gen.pdbx_host_org_cell                 ? 
_entity_src_gen.pdbx_host_org_organelle            ? 
_entity_src_gen.pdbx_host_org_cellular_location    ? 
_entity_src_gen.pdbx_host_org_vector_type          ? 
_entity_src_gen.pdbx_host_org_vector               ? 
_entity_src_gen.host_org_details                   ? 
_entity_src_gen.expression_system_id               ? 
_entity_src_gen.plasmid_name                       ? 
_entity_src_gen.plasmid_details                    ? 
_entity_src_gen.pdbx_description                   ? 
# 
_struct_ref.id                         1 
_struct_ref.db_name                    UNP 
_struct_ref.db_code                    LYS_BPT4 
_struct_ref.pdbx_db_accession          P00720 
_struct_ref.entity_id                  1 
_struct_ref.pdbx_seq_one_letter_code   
;MNIFEMLRIDEGLRLKIYKDTEGYYTIGIGHLLTKSPSLNAAKSELDKAIGRNCNGVITKDEAEKLFNQDVDAAVRGILR
NAKLKPVYDSLDAVRRCALINMVFQMGETGVAGFTNSLRMLQQKRWDEAAVNLAKSRWYNQTPNRAKRVITTFRTGTWDA
YKNL
;
_struct_ref.pdbx_align_begin           1 
_struct_ref.pdbx_db_isoform            ? 
# 
_struct_ref_seq.align_id                      1 
_struct_ref_seq.ref_id                        1 
_struct_ref_seq.pdbx_PDB_id_code              3DN8 
_struct_ref_seq.pdbx_strand_id                A 
_struct_ref_seq.seq_align_beg                 1 
_struct_ref_seq.pdbx_seq_align_beg_ins_code   ? 
_struct_ref_seq.seq_align_end                 164 
_struct_ref_seq.pdbx_seq_align_end_ins_code   ? 
_struct_ref_seq.pdbx_db_accession             P00720 
_struct_ref_seq.db_align_beg                  1 
_struct_ref_seq.pdbx_db_align_beg_ins_code    ? 
_struct_ref_seq.db_align_end                  164 
_struct_ref_seq.pdbx_db_align_end_ins_code    ? 
_struct_ref_seq.pdbx_auth_seq_align_beg       1 
_struct_ref_seq.pdbx_auth_seq_align_end       164 
# 
loop_
_struct_ref_seq_dif.align_id 
_struct_ref_seq_dif.pdbx_pdb_id_code 
_struct_ref_seq_dif.mon_id 
_struct_ref_seq_dif.pdbx_pdb_strand_id 
_struct_ref_seq_dif.seq_num 
_struct_ref_seq_dif.pdbx_pdb_ins_code 
_struct_ref_seq_dif.pdbx_seq_db_name 
_struct_ref_seq_dif.pdbx_seq_db_accession_code 
_struct_ref_seq_dif.db_mon_id 
_struct_ref_seq_dif.pdbx_seq_db_seq_num 
_struct_ref_seq_dif.details 
_struct_ref_seq_dif.pdbx_auth_seq_num 
_struct_ref_seq_dif.pdbx_ordinal 
1 3DN8 THR A 54 ? UNP P00720 CYS 54 'engineered mutation' 54 1 
1 3DN8 ALA A 97 ? UNP P00720 CYS 97 'engineered mutation' 97 2 
1 3DN8 ALA A 99 ? UNP P00720 LEU 99 'engineered mutation' 99 3 
# 
loop_
_chem_comp.id 
_chem_comp.type 
_chem_comp.mon_nstd_flag 
_chem_comp.name 
_chem_comp.pdbx_synonyms 
_chem_comp.formula 
_chem_comp.formula_weight 
ALA 'L-peptide linking' y ALANINE                             ? 'C3 H7 N O2'     89.093  
ARG 'L-peptide linking' y ARGININE                            ? 'C6 H15 N4 O2 1' 175.209 
ASN 'L-peptide linking' y ASPARAGINE                          ? 'C4 H8 N2 O3'    132.118 
ASP 'L-peptide linking' y 'ASPARTIC ACID'                     ? 'C4 H7 N O4'     133.103 
BME non-polymer         . BETA-MERCAPTOETHANOL                ? 'C2 H6 O S'      78.133  
CL  non-polymer         . 'CHLORIDE ION'                      ? 'Cl -1'          35.453  
CYS 'L-peptide linking' y CYSTEINE                            ? 'C3 H7 N O2 S'   121.158 
GLN 'L-peptide linking' y GLUTAMINE                           ? 'C5 H10 N2 O3'   146.144 
GLU 'L-peptide linking' y 'GLUTAMIC ACID'                     ? 'C5 H9 N O4'     147.129 
GLY 'peptide linking'   y GLYCINE                             ? 'C2 H5 N O2'     75.067  
HED non-polymer         . '2-HYDROXYETHYL DISULFIDE'          ? 'C4 H10 O2 S2'   154.251 
HIS 'L-peptide linking' y HISTIDINE                           ? 'C6 H10 N3 O2 1' 156.162 
HOH non-polymer         . WATER                               ? 'H2 O'           18.015  
IBF non-polymer         . 1,2,3,4,5-pentafluoro-6-iodobenzene ? 'C6 F5 I'        293.961 
ILE 'L-peptide linking' y ISOLEUCINE                          ? 'C6 H13 N O2'    131.173 
LEU 'L-peptide linking' y LEUCINE                             ? 'C6 H13 N O2'    131.173 
LYS 'L-peptide linking' y LYSINE                              ? 'C6 H15 N2 O2 1' 147.195 
MSE 'L-peptide linking' n SELENOMETHIONINE                    ? 'C5 H11 N O2 Se' 196.106 
PHE 'L-peptide linking' y PHENYLALANINE                       ? 'C9 H11 N O2'    165.189 
PO4 non-polymer         . 'PHOSPHATE ION'                     ? 'O4 P -3'        94.971  
PRO 'L-peptide linking' y PROLINE                             ? 'C5 H9 N O2'     115.130 
SER 'L-peptide linking' y SERINE                              ? 'C3 H7 N O3'     105.093 
THR 'L-peptide linking' y THREONINE                           ? 'C4 H9 N O3'     119.119 
TRP 'L-peptide linking' y TRYPTOPHAN                          ? 'C11 H12 N2 O2'  204.225 
TYR 'L-peptide linking' y TYROSINE                            ? 'C9 H11 N O3'    181.189 
VAL 'L-peptide linking' y VALINE                              ? 'C5 H11 N O2'    117.146 
# 
_exptl.entry_id          3DN8 
_exptl.method            'X-RAY DIFFRACTION' 
_exptl.crystals_number   1 
# 
_exptl_crystal.id                    1 
_exptl_crystal.density_meas          ? 
_exptl_crystal.density_Matthews      2.65 
_exptl_crystal.density_percent_sol   53.62 
_exptl_crystal.description           ? 
_exptl_crystal.F_000                 ? 
_exptl_crystal.preparation           ? 
# 
_exptl_crystal_grow.crystal_id      1 
_exptl_crystal_grow.method          'VAPOR DIFFUSION, HANGING DROP' 
_exptl_crystal_grow.temp            277 
_exptl_crystal_grow.temp_details    ? 
_exptl_crystal_grow.pH              6.9 
_exptl_crystal_grow.pdbx_details    
;2.0-2.2 M K/Na phosphate, pH 6.9, 5mM BME and 5mM oxidized BME. Complexes were prepared by soaking or vapor diffusion methods, VAPOR DIFFUSION, HANGING DROP, temperature 277K
;
_exptl_crystal_grow.pdbx_pH_range   . 
# 
_diffrn.id                     1 
_diffrn.ambient_temp           100 
_diffrn.ambient_temp_details   ? 
_diffrn.crystal_id             1 
# 
_diffrn_detector.diffrn_id              1 
_diffrn_detector.detector               'IMAGE PLATE' 
_diffrn_detector.type                   'RIGAKU RAXIS IV' 
_diffrn_detector.pdbx_collection_date   2005-03-25 
_diffrn_detector.details                ? 
# 
_diffrn_radiation.diffrn_id                        1 
_diffrn_radiation.wavelength_id                    1 
_diffrn_radiation.pdbx_monochromatic_or_laue_m_l   M 
_diffrn_radiation.monochromator                    Graphite 
_diffrn_radiation.pdbx_diffrn_protocol             'SINGLE WAVELENGTH' 
_diffrn_radiation.pdbx_scattering_type             x-ray 
# 
_diffrn_radiation_wavelength.id           1 
_diffrn_radiation_wavelength.wavelength   1.542 
_diffrn_radiation_wavelength.wt           1.0 
# 
_diffrn_source.diffrn_id                   1 
_diffrn_source.source                      'ROTATING ANODE' 
_diffrn_source.type                        'RIGAKU RUH3R' 
_diffrn_source.pdbx_synchrotron_site       ? 
_diffrn_source.pdbx_synchrotron_beamline   ? 
_diffrn_source.pdbx_wavelength             ? 
_diffrn_source.pdbx_wavelength_list        1.542 
# 
_reflns.entry_id                     3DN8 
_reflns.observed_criterion_sigma_F   2.0 
_reflns.observed_criterion_sigma_I   2.0 
_reflns.d_resolution_high            1.70 
_reflns.d_resolution_low             53 
_reflns.number_all                   ? 
_reflns.number_obs                   22609 
_reflns.percent_possible_obs         99.6 
_reflns.pdbx_Rmerge_I_obs            ? 
_reflns.pdbx_Rsym_value              ? 
_reflns.pdbx_netI_over_sigmaI        ? 
_reflns.B_iso_Wilson_estimate        ? 
_reflns.pdbx_redundancy              ? 
_reflns.R_free_details               ? 
_reflns.limit_h_max                  ? 
_reflns.limit_h_min                  ? 
_reflns.limit_k_max                  ? 
_reflns.limit_k_min                  ? 
_reflns.limit_l_max                  ? 
_reflns.limit_l_min                  ? 
_reflns.observed_criterion_F_max     ? 
_reflns.observed_criterion_F_min     ? 
_reflns.pdbx_chi_squared             ? 
_reflns.pdbx_scaling_rejects         ? 
_reflns.pdbx_diffrn_id               1 
_reflns.pdbx_ordinal                 1 
# 
_reflns_shell.d_res_high             1.70 
_reflns_shell.d_res_low              1.76 
_reflns_shell.percent_possible_all   100 
_reflns_shell.Rmerge_I_obs           ? 
_reflns_shell.pdbx_Rsym_value        ? 
_reflns_shell.meanI_over_sigI_obs    ? 
_reflns_shell.pdbx_redundancy        ? 
_reflns_shell.percent_possible_obs   ? 
_reflns_shell.number_unique_all      ? 
_reflns_shell.number_measured_all    ? 
_reflns_shell.number_measured_obs    ? 
_reflns_shell.number_unique_obs      ? 
_reflns_shell.pdbx_chi_squared       ? 
_reflns_shell.pdbx_diffrn_id         ? 
_reflns_shell.pdbx_ordinal           1 
# 
_refine.entry_id                                 3DN8 
_refine.ls_number_reflns_obs                     21144 
_refine.ls_number_reflns_all                     ? 
_refine.pdbx_ls_sigma_I                          ? 
_refine.pdbx_ls_sigma_F                          ? 
_refine.pdbx_data_cutoff_high_absF               ? 
_refine.pdbx_data_cutoff_low_absF                ? 
_refine.pdbx_data_cutoff_high_rms_absF           ? 
_refine.ls_d_res_low                             21.89 
_refine.ls_d_res_high                            1.70 
_refine.ls_percent_reflns_obs                    99.67 
_refine.ls_R_factor_obs                          0.19773 
_refine.ls_R_factor_all                          ? 
_refine.ls_R_factor_R_work                       0.19635 
_refine.ls_R_factor_R_free                       0.22297 
_refine.ls_R_factor_R_free_error                 ? 
_refine.ls_R_factor_R_free_error_details         ? 
_refine.ls_percent_reflns_R_free                 5.1 
_refine.ls_number_reflns_R_free                  1144 
_refine.ls_number_parameters                     ? 
_refine.ls_number_restraints                     ? 
_refine.occupancy_min                            ? 
_refine.occupancy_max                            ? 
_refine.correlation_coeff_Fo_to_Fc               0.943 
_refine.correlation_coeff_Fo_to_Fc_free          0.930 
_refine.B_iso_mean                               16.219 
_refine.aniso_B[1][1]                            0.17 
_refine.aniso_B[2][2]                            0.17 
_refine.aniso_B[3][3]                            -0.26 
_refine.aniso_B[1][2]                            0.09 
_refine.aniso_B[1][3]                            0.00 
_refine.aniso_B[2][3]                            0.00 
_refine.solvent_model_details                    MASK 
_refine.solvent_model_param_ksol                 ? 
_refine.solvent_model_param_bsol                 ? 
_refine.pdbx_solvent_vdw_probe_radii             1.20 
_refine.pdbx_solvent_ion_probe_radii             0.80 
_refine.pdbx_solvent_shrinkage_radii             0.80 
_refine.pdbx_ls_cross_valid_method               THROUGHOUT 
_refine.details                                  'HYDROGENS HAVE BEEN ADDED IN THE RIDING POSITIONS' 
_refine.pdbx_starting_model                      'PDB entry 3DMV' 
_refine.pdbx_method_to_determine_struct          'MOLECULAR REPLACEMENT' 
_refine.pdbx_isotropic_thermal_model             ? 
_refine.pdbx_stereochemistry_target_values       'MAXIMUM LIKELIHOOD' 
_refine.pdbx_stereochem_target_val_spec_case     ? 
_refine.pdbx_R_Free_selection_details            RANDOM 
_refine.pdbx_overall_ESU_R                       0.110 
_refine.pdbx_overall_ESU_R_Free                  0.105 
_refine.overall_SU_ML                            0.066 
_refine.overall_SU_B                             1.935 
_refine.ls_redundancy_reflns_obs                 ? 
_refine.B_iso_min                                ? 
_refine.B_iso_max                                ? 
_refine.overall_SU_R_Cruickshank_DPI             ? 
_refine.overall_SU_R_free                        ? 
_refine.ls_wR_factor_R_free                      ? 
_refine.ls_wR_factor_R_work                      ? 
_refine.overall_FOM_free_R_set                   ? 
_refine.overall_FOM_work_R_set                   ? 
_refine.pdbx_overall_phase_error                 ? 
_refine.pdbx_refine_id                           'X-RAY DIFFRACTION' 
_refine.pdbx_diffrn_id                           1 
_refine.pdbx_TLS_residual_ADP_flag               ? 
_refine.pdbx_overall_SU_R_free_Cruickshank_DPI   ? 
_refine.pdbx_overall_SU_R_Blow_DPI               ? 
_refine.pdbx_overall_SU_R_free_Blow_DPI          ? 
# 
_refine_hist.pdbx_refine_id                   'X-RAY DIFFRACTION' 
_refine_hist.cycle_id                         LAST 
_refine_hist.pdbx_number_atoms_protein        1304 
_refine_hist.pdbx_number_atoms_nucleic_acid   0 
_refine_hist.pdbx_number_atoms_ligand         46 
_refine_hist.number_atoms_solvent             210 
_refine_hist.number_atoms_total               1560 
_refine_hist.d_res_high                       1.70 
_refine_hist.d_res_low                        21.89 
# 
loop_
_refine_ls_restr.type 
_refine_ls_restr.dev_ideal 
_refine_ls_restr.dev_ideal_target 
_refine_ls_restr.weight 
_refine_ls_restr.number 
_refine_ls_restr.pdbx_refine_id 
_refine_ls_restr.pdbx_restraint_function 
r_bond_refined_d             0.007  0.022  ? 1367 'X-RAY DIFFRACTION' ? 
r_bond_other_d               ?      ?      ? ?    'X-RAY DIFFRACTION' ? 
r_angle_refined_deg          0.945  1.976  ? 1834 'X-RAY DIFFRACTION' ? 
r_angle_other_deg            ?      ?      ? ?    'X-RAY DIFFRACTION' ? 
r_dihedral_angle_1_deg       4.476  5.000  ? 166  'X-RAY DIFFRACTION' ? 
r_dihedral_angle_2_deg       32.027 23.492 ? 63   'X-RAY DIFFRACTION' ? 
r_dihedral_angle_3_deg       11.268 15.000 ? 250  'X-RAY DIFFRACTION' ? 
r_dihedral_angle_4_deg       15.230 15.000 ? 13   'X-RAY DIFFRACTION' ? 
r_chiral_restr               0.063  0.200  ? 199  'X-RAY DIFFRACTION' ? 
r_gen_planes_refined         0.003  0.020  ? 1004 'X-RAY DIFFRACTION' ? 
r_gen_planes_other           ?      ?      ? ?    'X-RAY DIFFRACTION' ? 
r_nbd_refined                0.188  0.200  ? 720  'X-RAY DIFFRACTION' ? 
r_nbd_other                  ?      ?      ? ?    'X-RAY DIFFRACTION' ? 
r_nbtor_refined              0.296  0.200  ? 946  'X-RAY DIFFRACTION' ? 
r_nbtor_other                ?      ?      ? ?    'X-RAY DIFFRACTION' ? 
r_xyhbond_nbd_refined        0.092  0.200  ? 168  'X-RAY DIFFRACTION' ? 
r_xyhbond_nbd_other          ?      ?      ? ?    'X-RAY DIFFRACTION' ? 
r_metal_ion_refined          ?      ?      ? ?    'X-RAY DIFFRACTION' ? 
r_metal_ion_other            ?      ?      ? ?    'X-RAY DIFFRACTION' ? 
r_symmetry_vdw_refined       0.224  0.200  ? 64   'X-RAY DIFFRACTION' ? 
r_symmetry_vdw_other         ?      ?      ? ?    'X-RAY DIFFRACTION' ? 
r_symmetry_hbond_refined     0.168  0.200  ? 24   'X-RAY DIFFRACTION' ? 
r_symmetry_hbond_other       ?      ?      ? ?    'X-RAY DIFFRACTION' ? 
r_symmetry_metal_ion_refined ?      ?      ? ?    'X-RAY DIFFRACTION' ? 
r_symmetry_metal_ion_other   ?      ?      ? ?    'X-RAY DIFFRACTION' ? 
r_mcbond_it                  0.455  1.500  ? 816  'X-RAY DIFFRACTION' ? 
r_mcbond_other               ?      ?      ? ?    'X-RAY DIFFRACTION' ? 
r_mcangle_it                 0.788  2.000  ? 1300 'X-RAY DIFFRACTION' ? 
r_scbond_it                  1.302  3.000  ? 621  'X-RAY DIFFRACTION' ? 
r_scangle_it                 2.115  4.500  ? 531  'X-RAY DIFFRACTION' ? 
r_rigid_bond_restr           ?      ?      ? ?    'X-RAY DIFFRACTION' ? 
r_sphericity_free            ?      ?      ? ?    'X-RAY DIFFRACTION' ? 
r_sphericity_bonded          ?      ?      ? ?    'X-RAY DIFFRACTION' ? 
# 
_refine_ls_shell.pdbx_total_number_of_bins_used   20 
_refine_ls_shell.d_res_high                       1.700 
_refine_ls_shell.d_res_low                        1.744 
_refine_ls_shell.number_reflns_R_work             1317 
_refine_ls_shell.R_factor_R_work                  0.262 
_refine_ls_shell.percent_reflns_obs               100.00 
_refine_ls_shell.R_factor_R_free                  0.371 
_refine_ls_shell.R_factor_R_free_error            ? 
_refine_ls_shell.percent_reflns_R_free            ? 
_refine_ls_shell.number_reflns_R_free             78 
_refine_ls_shell.number_reflns_all                ? 
_refine_ls_shell.R_factor_all                     ? 
_refine_ls_shell.number_reflns_obs                ? 
_refine_ls_shell.redundancy_reflns_obs            ? 
_refine_ls_shell.pdbx_refine_id                   'X-RAY DIFFRACTION' 
# 
_struct.entry_id                  3DN8 
_struct.title                     
'Iodopentafluorobenzene binding in the hydrophobic cavity of T4 lysozyme L99A mutant (seleno version)' 
_struct.pdbx_model_details        ? 
_struct.pdbx_CASP_flag            ? 
_struct.pdbx_model_type_details   ? 
# 
_struct_keywords.entry_id        3DN8 
_struct_keywords.pdbx_keywords   HYDROLASE 
_struct_keywords.text            
'T4 lysozyme, halogen bond, hydrophobic cavity, halogenated benzene, Antimicrobial, Bacteriolytic enzyme, Glycosidase, Hydrolase' 
# 
loop_
_struct_asym.id 
_struct_asym.pdbx_blank_PDB_chainid_flag 
_struct_asym.pdbx_modified 
_struct_asym.entity_id 
_struct_asym.details 
A N N 1 ? 
B N N 2 ? 
C N N 3 ? 
D N N 4 ? 
E N N 4 ? 
F N N 5 ? 
G N N 4 ? 
H N N 6 ? 
I N N 7 ? 
# 
_struct_biol.id        1 
_struct_biol.details   ? 
# 
loop_
_struct_conf.conf_type_id 
_struct_conf.id 
_struct_conf.pdbx_PDB_helix_id 
_struct_conf.beg_label_comp_id 
_struct_conf.beg_label_asym_id 
_struct_conf.beg_label_seq_id 
_struct_conf.pdbx_beg_PDB_ins_code 
_struct_conf.end_label_comp_id 
_struct_conf.end_label_asym_id 
_struct_conf.end_label_seq_id 
_struct_conf.pdbx_end_PDB_ins_code 
_struct_conf.beg_auth_comp_id 
_struct_conf.beg_auth_asym_id 
_struct_conf.beg_auth_seq_id 
_struct_conf.end_auth_comp_id 
_struct_conf.end_auth_asym_id 
_struct_conf.end_auth_seq_id 
_struct_conf.pdbx_PDB_helix_class 
_struct_conf.details 
_struct_conf.pdbx_PDB_helix_length 
HELX_P HELX_P1  1  ASN A 2   ? GLY A 12  ? ASN A 2   GLY A 12  1 ? 11 
HELX_P HELX_P2  2  SER A 38  ? GLY A 51  ? SER A 38  GLY A 51  1 ? 14 
HELX_P HELX_P3  3  THR A 59  ? ASN A 81  ? THR A 59  ASN A 81  1 ? 23 
HELX_P HELX_P4  4  LYS A 83  ? LEU A 91  ? LYS A 83  LEU A 91  1 ? 9  
HELX_P HELX_P5  5  ASP A 92  ? GLY A 107 ? ASP A 92  GLY A 107 1 ? 16 
HELX_P HELX_P6  6  VAL A 111 ? GLY A 113 ? VAL A 111 GLY A 113 5 ? 3  
HELX_P HELX_P7  7  PHE A 114 ? GLN A 123 ? PHE A 114 GLN A 123 1 ? 10 
HELX_P HELX_P8  8  ARG A 125 ? LYS A 135 ? ARG A 125 LYS A 135 1 ? 11 
HELX_P HELX_P9  9  SER A 136 ? THR A 142 ? SER A 136 THR A 142 1 ? 7  
HELX_P HELX_P10 10 THR A 142 ? GLY A 156 ? THR A 142 GLY A 156 1 ? 15 
HELX_P HELX_P11 11 TRP A 158 ? LYS A 162 ? TRP A 158 LYS A 162 5 ? 5  
# 
_struct_conf_type.id          HELX_P 
_struct_conf_type.criteria    ? 
_struct_conf_type.reference   ? 
# 
loop_
_struct_conn.id 
_struct_conn.conn_type_id 
_struct_conn.pdbx_leaving_atom_flag 
_struct_conn.pdbx_PDB_id 
_struct_conn.ptnr1_label_asym_id 
_struct_conn.ptnr1_label_comp_id 
_struct_conn.ptnr1_label_seq_id 
_struct_conn.ptnr1_label_atom_id 
_struct_conn.pdbx_ptnr1_label_alt_id 
_struct_conn.pdbx_ptnr1_PDB_ins_code 
_struct_conn.pdbx_ptnr1_standard_comp_id 
_struct_conn.ptnr1_symmetry 
_struct_conn.ptnr2_label_asym_id 
_struct_conn.ptnr2_label_comp_id 
_struct_conn.ptnr2_label_seq_id 
_struct_conn.ptnr2_label_atom_id 
_struct_conn.pdbx_ptnr2_label_alt_id 
_struct_conn.pdbx_ptnr2_PDB_ins_code 
_struct_conn.ptnr1_auth_asym_id 
_struct_conn.ptnr1_auth_comp_id 
_struct_conn.ptnr1_auth_seq_id 
_struct_conn.ptnr2_auth_asym_id 
_struct_conn.ptnr2_auth_comp_id 
_struct_conn.ptnr2_auth_seq_id 
_struct_conn.ptnr2_symmetry 
_struct_conn.pdbx_ptnr3_label_atom_id 
_struct_conn.pdbx_ptnr3_label_seq_id 
_struct_conn.pdbx_ptnr3_label_comp_id 
_struct_conn.pdbx_ptnr3_label_asym_id 
_struct_conn.pdbx_ptnr3_label_alt_id 
_struct_conn.pdbx_ptnr3_PDB_ins_code 
_struct_conn.details 
_struct_conn.pdbx_dist_value 
_struct_conn.pdbx_value_order 
_struct_conn.pdbx_role 
covale1 covale both ? A MSE 1   C ? ? ? 1_555 A ASN 2   N ? ? A MSE 1   A ASN 2   1_555 ? ? ? ? ? ? ? 1.331 ? ? 
covale2 covale both ? A GLU 5   C ? ? ? 1_555 A MSE 6   N ? ? A GLU 5   A MSE 6   1_555 ? ? ? ? ? ? ? 1.330 ? ? 
covale3 covale both ? A MSE 6   C ? ? ? 1_555 A LEU 7   N ? ? A MSE 6   A LEU 7   1_555 ? ? ? ? ? ? ? 1.332 ? ? 
covale4 covale both ? A ASN 101 C ? ? ? 1_555 A MSE 102 N ? ? A ASN 101 A MSE 102 1_555 ? ? ? ? ? ? ? 1.332 ? ? 
covale5 covale both ? A MSE 102 C ? ? ? 1_555 A VAL 103 N ? ? A MSE 102 A VAL 103 1_555 ? ? ? ? ? ? ? 1.333 ? ? 
covale6 covale both ? A GLN 105 C ? ? ? 1_555 A MSE 106 N ? ? A GLN 105 A MSE 106 1_555 ? ? ? ? ? ? ? 1.333 ? ? 
covale7 covale both ? A MSE 106 C ? ? ? 1_555 A GLY 107 N ? ? A MSE 106 A GLY 107 1_555 ? ? ? ? ? ? ? 1.330 ? ? 
covale8 covale both ? A ARG 119 C ? ? ? 1_555 A MSE 120 N ? ? A ARG 119 A MSE 120 1_555 ? ? ? ? ? ? ? 1.333 ? ? 
covale9 covale both ? A MSE 120 C ? ? ? 1_555 A LEU 121 N ? ? A MSE 120 A LEU 121 1_555 ? ? ? ? ? ? ? 1.331 ? ? 
# 
_struct_conn_type.id          covale 
_struct_conn_type.criteria    ? 
_struct_conn_type.reference   ? 
# 
_struct_sheet.id               A 
_struct_sheet.type             ? 
_struct_sheet.number_strands   3 
_struct_sheet.details          ? 
# 
loop_
_struct_sheet_order.sheet_id 
_struct_sheet_order.range_id_1 
_struct_sheet_order.range_id_2 
_struct_sheet_order.offset 
_struct_sheet_order.sense 
A 1 2 ? anti-parallel 
A 2 3 ? anti-parallel 
# 
loop_
_struct_sheet_range.sheet_id 
_struct_sheet_range.id 
_struct_sheet_range.beg_label_comp_id 
_struct_sheet_range.beg_label_asym_id 
_struct_sheet_range.beg_label_seq_id 
_struct_sheet_range.pdbx_beg_PDB_ins_code 
_struct_sheet_range.end_label_comp_id 
_struct_sheet_range.end_label_asym_id 
_struct_sheet_range.end_label_seq_id 
_struct_sheet_range.pdbx_end_PDB_ins_code 
_struct_sheet_range.beg_auth_comp_id 
_struct_sheet_range.beg_auth_asym_id 
_struct_sheet_range.beg_auth_seq_id 
_struct_sheet_range.end_auth_comp_id 
_struct_sheet_range.end_auth_asym_id 
_struct_sheet_range.end_auth_seq_id 
A 1 ARG A 14 ? LYS A 19 ? ARG A 14 LYS A 19 
A 2 TYR A 25 ? GLY A 28 ? TYR A 25 GLY A 28 
A 3 HIS A 31 ? LEU A 32 ? HIS A 31 LEU A 32 
# 
loop_
_pdbx_struct_sheet_hbond.sheet_id 
_pdbx_struct_sheet_hbond.range_id_1 
_pdbx_struct_sheet_hbond.range_id_2 
_pdbx_struct_sheet_hbond.range_1_label_atom_id 
_pdbx_struct_sheet_hbond.range_1_label_comp_id 
_pdbx_struct_sheet_hbond.range_1_label_asym_id 
_pdbx_struct_sheet_hbond.range_1_label_seq_id 
_pdbx_struct_sheet_hbond.range_1_PDB_ins_code 
_pdbx_struct_sheet_hbond.range_1_auth_atom_id 
_pdbx_struct_sheet_hbond.range_1_auth_comp_id 
_pdbx_struct_sheet_hbond.range_1_auth_asym_id 
_pdbx_struct_sheet_hbond.range_1_auth_seq_id 
_pdbx_struct_sheet_hbond.range_2_label_atom_id 
_pdbx_struct_sheet_hbond.range_2_label_comp_id 
_pdbx_struct_sheet_hbond.range_2_label_asym_id 
_pdbx_struct_sheet_hbond.range_2_label_seq_id 
_pdbx_struct_sheet_hbond.range_2_PDB_ins_code 
_pdbx_struct_sheet_hbond.range_2_auth_atom_id 
_pdbx_struct_sheet_hbond.range_2_auth_comp_id 
_pdbx_struct_sheet_hbond.range_2_auth_asym_id 
_pdbx_struct_sheet_hbond.range_2_auth_seq_id 
A 1 2 N TYR A 18 ? N TYR A 18 O THR A 26 ? O THR A 26 
A 2 3 N ILE A 27 ? N ILE A 27 O HIS A 31 ? O HIS A 31 
# 
loop_
_struct_site.id 
_struct_site.pdbx_evidence_code 
_struct_site.pdbx_auth_asym_id 
_struct_site.pdbx_auth_comp_id 
_struct_site.pdbx_auth_seq_id 
_struct_site.pdbx_auth_ins_code 
_struct_site.pdbx_num_residues 
_struct_site.details 
AC1 Software A PO4 901 ? 8 'BINDING SITE FOR RESIDUE PO4 A 901' 
AC2 Software A CL  902 ? 2 'BINDING SITE FOR RESIDUE CL A 902'  
AC3 Software A HED 903 ? 7 'BINDING SITE FOR RESIDUE HED A 903' 
AC4 Software A HED 904 ? 5 'BINDING SITE FOR RESIDUE HED A 904' 
AC5 Software A BME 905 ? 4 'BINDING SITE FOR RESIDUE BME A 905' 
AC6 Software A HED 906 ? 7 'BINDING SITE FOR RESIDUE HED A 906' 
AC7 Software A IBF 900 ? 8 'BINDING SITE FOR RESIDUE IBF A 900' 
# 
loop_
_struct_site_gen.id 
_struct_site_gen.site_id 
_struct_site_gen.pdbx_num_res 
_struct_site_gen.label_comp_id 
_struct_site_gen.label_asym_id 
_struct_site_gen.label_seq_id 
_struct_site_gen.pdbx_auth_ins_code 
_struct_site_gen.auth_comp_id 
_struct_site_gen.auth_asym_id 
_struct_site_gen.auth_seq_id 
_struct_site_gen.label_atom_id 
_struct_site_gen.label_alt_id 
_struct_site_gen.symmetry 
_struct_site_gen.details 
1  AC1 8 ARG A 14  ? ARG A 14   . ? 4_545 ? 
2  AC1 8 LYS A 19  ? LYS A 19   . ? 4_545 ? 
3  AC1 8 ARG A 125 ? ARG A 125  . ? 1_555 ? 
4  AC1 8 TRP A 126 ? TRP A 126  . ? 1_555 ? 
5  AC1 8 ASP A 127 ? ASP A 127  . ? 1_555 ? 
6  AC1 8 GLU A 128 ? GLU A 128  . ? 1_555 ? 
7  AC1 8 HOH I .   ? HOH A 931  . ? 1_555 ? 
8  AC1 8 HOH I .   ? HOH A 1058 . ? 1_555 ? 
9  AC2 2 ASN A 144 ? ASN A 144  . ? 1_555 ? 
10 AC2 2 ARG A 148 ? ARG A 148  . ? 1_555 ? 
11 AC3 7 GLU A 22  ? GLU A 22   . ? 1_555 ? 
12 AC3 7 LYS A 35  ? LYS A 35   . ? 1_555 ? 
13 AC3 7 ARG A 137 ? ARG A 137  . ? 1_555 ? 
14 AC3 7 TRP A 138 ? TRP A 138  . ? 1_555 ? 
15 AC3 7 HOH I .   ? HOH A 923  . ? 1_555 ? 
16 AC3 7 HOH I .   ? HOH A 946  . ? 1_555 ? 
17 AC3 7 HOH I .   ? HOH A 982  . ? 1_555 ? 
18 AC4 5 ASN A 68  ? ASN A 68   . ? 5_555 ? 
19 AC4 5 ASP A 72  ? ASP A 72   . ? 5_555 ? 
20 AC4 5 ALA A 93  ? ALA A 93   . ? 1_555 ? 
21 AC4 5 ALA A 97  ? ALA A 97   . ? 1_555 ? 
22 AC4 5 HOH I .   ? HOH A 921  . ? 5_555 ? 
23 AC5 4 ASP A 72  ? ASP A 72   . ? 5_555 ? 
24 AC5 4 ARG A 76  ? ARG A 76   . ? 5_555 ? 
25 AC5 4 LEU A 79  ? LEU A 79   . ? 5_555 ? 
26 AC5 4 TYR A 88  ? TYR A 88   . ? 1_555 ? 
27 AC6 7 GLY A 30  ? GLY A 30   . ? 1_555 ? 
28 AC6 7 HIS A 31  ? HIS A 31   . ? 1_555 ? 
29 AC6 7 LEU A 32  ? LEU A 32   . ? 1_555 ? 
30 AC6 7 ASP A 70  ? ASP A 70   . ? 1_555 ? 
31 AC6 7 PHE A 104 ? PHE A 104  . ? 1_555 ? 
32 AC6 7 HOH I .   ? HOH A 986  . ? 1_555 ? 
33 AC6 7 HOH I .   ? HOH A 1038 . ? 1_555 ? 
34 AC7 8 ILE A 78  ? ILE A 78   . ? 1_555 ? 
35 AC7 8 LEU A 84  ? LEU A 84   . ? 1_555 ? 
36 AC7 8 TYR A 88  ? TYR A 88   . ? 1_555 ? 
37 AC7 8 LEU A 91  ? LEU A 91   . ? 1_555 ? 
38 AC7 8 ALA A 99  ? ALA A 99   . ? 1_555 ? 
39 AC7 8 LEU A 118 ? LEU A 118  . ? 1_555 ? 
40 AC7 8 LEU A 121 ? LEU A 121  . ? 1_555 ? 
41 AC7 8 PHE A 153 ? PHE A 153  . ? 1_555 ? 
# 
_atom_sites.entry_id                    3DN8 
_atom_sites.fract_transf_matrix[1][1]   -0.00552732 
_atom_sites.fract_transf_matrix[1][2]   -0.00338969 
_atom_sites.fract_transf_matrix[1][3]   0.01810949 
_atom_sites.fract_transf_matrix[2][1]   0.00099547 
_atom_sites.fract_transf_matrix[2][2]   -0.01781486 
_atom_sites.fract_transf_matrix[2][3]   0.00718505 
_atom_sites.fract_transf_matrix[3][1]   0.00970049 
_atom_sites.fract_transf_matrix[3][2]   0.00187795 
_atom_sites.fract_transf_matrix[3][3]   0.00331226 
_atom_sites.fract_transf_vector[1]      0.684363 
_atom_sites.fract_transf_vector[2]      0.221602 
_atom_sites.fract_transf_vector[3]      0.102404 
# 
loop_
_atom_type.symbol 
C  
CL 
F  
I  
N  
O  
P  
S  
SE 
# 
loop_
_atom_site.group_PDB 
_atom_site.id 
_atom_site.type_symbol 
_atom_site.label_atom_id 
_atom_site.label_alt_id 
_atom_site.label_comp_id 
_atom_site.label_asym_id 
_atom_site.label_entity_id 
_atom_site.label_seq_id 
_atom_site.pdbx_PDB_ins_code 
_atom_site.Cartn_x 
_atom_site.Cartn_y 
_atom_site.Cartn_z 
_atom_site.occupancy 
_atom_site.B_iso_or_equiv 
_atom_site.pdbx_formal_charge 
_atom_site.auth_seq_id 
_atom_site.auth_comp_id 
_atom_site.auth_asym_id 
_atom_site.auth_atom_id 
_atom_site.pdbx_PDB_model_num 
HETATM 1    N  N   . MSE A 1 1   ? -4.895  16.477  2.394   1.00 15.19 ? 1    MSE A N   1 
HETATM 2    C  CA  A MSE A 1 1   ? -4.649  15.014  2.252   0.50 14.65 ? 1    MSE A CA  1 
HETATM 3    C  CA  B MSE A 1 1   ? -4.671  15.012  2.230   0.50 15.20 ? 1    MSE A CA  1 
HETATM 4    C  C   . MSE A 1 1   ? -3.664  14.727  1.117   1.00 14.45 ? 1    MSE A C   1 
HETATM 5    O  O   . MSE A 1 1   ? -3.655  15.407  0.088   1.00 14.67 ? 1    MSE A O   1 
HETATM 6    C  CB  A MSE A 1 1   ? -5.976  14.273  2.042   0.50 14.74 ? 1    MSE A CB  1 
HETATM 7    C  CB  B MSE A 1 1   ? -5.996  14.307  1.937   0.50 15.90 ? 1    MSE A CB  1 
HETATM 8    C  CG  A MSE A 1 1   ? -5.877  12.758  1.967   0.50 15.14 ? 1    MSE A CG  1 
HETATM 9    C  CG  B MSE A 1 1   ? -6.071  12.883  2.440   0.50 17.68 ? 1    MSE A CG  1 
HETATM 10   SE SE  A MSE A 1 1   ? -5.419  11.826  3.617   0.50 15.24 ? 1    MSE A SE  1 
HETATM 11   SE SE  B MSE A 1 1   ? -6.209  12.788  4.381   0.50 22.31 ? 1    MSE A SE  1 
HETATM 12   C  CE  A MSE A 1 1   ? -6.856  12.463  4.775   0.50 15.82 ? 1    MSE A CE  1 
HETATM 13   C  CE  B MSE A 1 1   ? -5.750  10.921  4.593   0.50 19.13 ? 1    MSE A CE  1 
ATOM   14   N  N   . ASN A 1 2   ? -2.821  13.718  1.329   1.00 13.41 ? 2    ASN A N   1 
ATOM   15   C  CA  . ASN A 1 2   ? -1.853  13.255  0.333   1.00 12.09 ? 2    ASN A CA  1 
ATOM   16   C  C   . ASN A 1 2   ? -1.556  11.773  0.574   1.00 11.61 ? 2    ASN A C   1 
ATOM   17   O  O   . ASN A 1 2   ? -2.068  11.192  1.536   1.00 11.29 ? 2    ASN A O   1 
ATOM   18   C  CB  . ASN A 1 2   ? -0.572  14.101  0.375   1.00 12.20 ? 2    ASN A CB  1 
ATOM   19   C  CG  . ASN A 1 2   ? 0.103   14.072  1.725   1.00 10.91 ? 2    ASN A CG  1 
ATOM   20   O  OD1 . ASN A 1 2   ? 0.421   13.006  2.247   1.00 10.24 ? 2    ASN A OD1 1 
ATOM   21   N  ND2 . ASN A 1 2   ? 0.333   15.251  2.298   1.00 10.35 ? 2    ASN A ND2 1 
ATOM   22   N  N   . ILE A 1 3   ? -0.729  11.174  -0.282  1.00 10.97 ? 3    ILE A N   1 
ATOM   23   C  CA  . ILE A 1 3   ? -0.430  9.737   -0.194  1.00 10.29 ? 3    ILE A CA  1 
ATOM   24   C  C   . ILE A 1 3   ? 0.133   9.321   1.174   1.00 10.04 ? 3    ILE A C   1 
ATOM   25   O  O   . ILE A 1 3   ? -0.194  8.247   1.684   1.00 9.79  ? 3    ILE A O   1 
ATOM   26   C  CB  . ILE A 1 3   ? 0.497   9.243   -1.352  1.00 10.46 ? 3    ILE A CB  1 
ATOM   27   C  CG1 . ILE A 1 3   ? 0.750   7.733   -1.256  1.00 10.25 ? 3    ILE A CG1 1 
ATOM   28   C  CG2 . ILE A 1 3   ? 1.821   10.015  -1.375  1.00 10.40 ? 3    ILE A CG2 1 
ATOM   29   C  CD1 . ILE A 1 3   ? -0.526  6.869   -1.282  1.00 10.78 ? 3    ILE A CD1 1 
ATOM   30   N  N   . PHE A 1 4   ? 0.967   10.176  1.761   1.00 9.72  ? 4    PHE A N   1 
ATOM   31   C  CA  . PHE A 1 4   ? 1.546   9.875   3.067   1.00 9.67  ? 4    PHE A CA  1 
ATOM   32   C  C   . PHE A 1 4   ? 0.488   9.861   4.158   1.00 9.56  ? 4    PHE A C   1 
ATOM   33   O  O   . PHE A 1 4   ? 0.451   8.939   4.969   1.00 9.49  ? 4    PHE A O   1 
ATOM   34   C  CB  . PHE A 1 4   ? 2.681   10.845  3.400   1.00 9.81  ? 4    PHE A CB  1 
ATOM   35   C  CG  . PHE A 1 4   ? 3.912   10.625  2.575   1.00 10.16 ? 4    PHE A CG  1 
ATOM   36   C  CD1 . PHE A 1 4   ? 4.889   9.726   2.994   1.00 11.48 ? 4    PHE A CD1 1 
ATOM   37   C  CD2 . PHE A 1 4   ? 4.091   11.298  1.369   1.00 11.25 ? 4    PHE A CD2 1 
ATOM   38   C  CE1 . PHE A 1 4   ? 6.034   9.509   2.228   1.00 11.28 ? 4    PHE A CE1 1 
ATOM   39   C  CE2 . PHE A 1 4   ? 5.237   11.091  0.596   1.00 10.49 ? 4    PHE A CE2 1 
ATOM   40   C  CZ  . PHE A 1 4   ? 6.209   10.199  1.031   1.00 10.68 ? 4    PHE A CZ  1 
ATOM   41   N  N   . GLU A 1 5   ? -0.381  10.870  4.174   1.00 9.64  ? 5    GLU A N   1 
ATOM   42   C  CA  . GLU A 1 5   ? -1.435  10.931  5.192   1.00 10.19 ? 5    GLU A CA  1 
ATOM   43   C  C   . GLU A 1 5   ? -2.431  9.786   4.998   1.00 10.11 ? 5    GLU A C   1 
ATOM   44   O  O   . GLU A 1 5   ? -2.937  9.217   5.967   1.00 10.21 ? 5    GLU A O   1 
ATOM   45   C  CB  . GLU A 1 5   ? -2.147  12.283  5.145   1.00 10.61 ? 5    GLU A CB  1 
ATOM   46   C  CG  . GLU A 1 5   ? -1.225  13.473  5.446   1.00 11.17 ? 5    GLU A CG  1 
ATOM   47   C  CD  . GLU A 1 5   ? -1.961  14.806  5.486   1.00 13.90 ? 5    GLU A CD  1 
ATOM   48   O  OE1 . GLU A 1 5   ? -3.176  14.834  5.212   1.00 17.16 ? 5    GLU A OE1 1 
ATOM   49   O  OE2 . GLU A 1 5   ? -1.326  15.828  5.813   1.00 14.36 ? 5    GLU A OE2 1 
HETATM 50   N  N   . MSE A 1 6   ? -2.686  9.451   3.737   1.00 10.15 ? 6    MSE A N   1 
HETATM 51   C  CA  . MSE A 1 6   ? -3.632  8.406   3.373   1.00 10.25 ? 6    MSE A CA  1 
HETATM 52   C  C   . MSE A 1 6   ? -3.147  7.053   3.881   1.00 10.08 ? 6    MSE A C   1 
HETATM 53   O  O   . MSE A 1 6   ? -3.885  6.331   4.559   1.00 9.80  ? 6    MSE A O   1 
HETATM 54   C  CB  . MSE A 1 6   ? -3.812  8.382   1.858   1.00 10.11 ? 6    MSE A CB  1 
HETATM 55   C  CG  . MSE A 1 6   ? -4.784  7.341   1.355   1.00 10.95 ? 6    MSE A CG  1 
HETATM 56   SE SE  . MSE A 1 6   ? -4.471  7.019   -0.527  1.00 11.10 ? 6    MSE A SE  1 
HETATM 57   C  CE  . MSE A 1 6   ? -6.271  6.492   -1.081  1.00 11.85 ? 6    MSE A CE  1 
ATOM   58   N  N   . LEU A 1 7   ? -1.898  6.719   3.560   1.00 10.01 ? 7    LEU A N   1 
ATOM   59   C  CA  . LEU A 1 7   ? -1.326  5.450   3.984   1.00 10.21 ? 7    LEU A CA  1 
ATOM   60   C  C   . LEU A 1 7   ? -1.102  5.407   5.498   1.00 10.44 ? 7    LEU A C   1 
ATOM   61   O  O   . LEU A 1 7   ? -1.188  4.342   6.102   1.00 10.89 ? 7    LEU A O   1 
ATOM   62   C  CB  . LEU A 1 7   ? -0.037  5.134   3.216   1.00 10.35 ? 7    LEU A CB  1 
ATOM   63   C  CG  . LEU A 1 7   ? -0.257  4.423   1.876   1.00 10.64 ? 7    LEU A CG  1 
ATOM   64   C  CD1 . LEU A 1 7   ? 1.005   4.461   1.028   1.00 10.84 ? 7    LEU A CD1 1 
ATOM   65   C  CD2 . LEU A 1 7   ? -0.713  2.974   2.092   1.00 10.24 ? 7    LEU A CD2 1 
ATOM   66   N  N   . ARG A 1 8   ? -0.838  6.564   6.104   1.00 10.31 ? 8    ARG A N   1 
ATOM   67   C  CA  . ARG A 1 8   ? -0.727  6.652   7.564   1.00 10.50 ? 8    ARG A CA  1 
ATOM   68   C  C   . ARG A 1 8   ? -2.049  6.250   8.238   1.00 10.37 ? 8    ARG A C   1 
ATOM   69   O  O   . ARG A 1 8   ? -2.054  5.526   9.235   1.00 10.61 ? 8    ARG A O   1 
ATOM   70   C  CB  . ARG A 1 8   ? -0.274  8.054   7.991   1.00 10.77 ? 8    ARG A CB  1 
ATOM   71   C  CG  . ARG A 1 8   ? -0.264  8.305   9.494   1.00 11.64 ? 8    ARG A CG  1 
ATOM   72   C  CD  . ARG A 1 8   ? 0.680   7.371   10.257  1.00 13.60 ? 8    ARG A CD  1 
ATOM   73   N  NE  . ARG A 1 8   ? 0.615   7.618   11.697  1.00 14.79 ? 8    ARG A NE  1 
ATOM   74   C  CZ  . ARG A 1 8   ? -0.341  7.157   12.503  1.00 15.93 ? 8    ARG A CZ  1 
ATOM   75   N  NH1 . ARG A 1 8   ? -1.332  6.412   12.023  1.00 16.14 ? 8    ARG A NH1 1 
ATOM   76   N  NH2 . ARG A 1 8   ? -0.313  7.450   13.798  1.00 17.05 ? 8    ARG A NH2 1 
ATOM   77   N  N   . ILE A 1 9   ? -3.166  6.706   7.675   1.00 10.23 ? 9    ILE A N   1 
ATOM   78   C  CA  . ILE A 1 9   ? -4.486  6.308   8.167   1.00 10.39 ? 9    ILE A CA  1 
ATOM   79   C  C   . ILE A 1 9   ? -4.737  4.806   7.986   1.00 10.22 ? 9    ILE A C   1 
ATOM   80   O  O   . ILE A 1 9   ? -5.158  4.123   8.923   1.00 10.46 ? 9    ILE A O   1 
ATOM   81   C  CB  . ILE A 1 9   ? -5.619  7.140   7.507   1.00 10.26 ? 9    ILE A CB  1 
ATOM   82   C  CG1 . ILE A 1 9   ? -5.651  8.551   8.101   1.00 11.16 ? 9    ILE A CG1 1 
ATOM   83   C  CG2 . ILE A 1 9   ? -6.981  6.465   7.688   1.00 10.61 ? 9    ILE A CG2 1 
ATOM   84   C  CD1 . ILE A 1 9   ? -6.536  9.510   7.341   1.00 12.21 ? 9    ILE A CD1 1 
ATOM   85   N  N   . ASP A 1 10  ? -4.472  4.296   6.787   1.00 10.35 ? 10   ASP A N   1 
ATOM   86   C  CA  . ASP A 1 10  ? -4.775  2.899   6.468   1.00 10.69 ? 10   ASP A CA  1 
ATOM   87   C  C   . ASP A 1 10  ? -3.867  1.889   7.177   1.00 10.86 ? 10   ASP A C   1 
ATOM   88   O  O   . ASP A 1 10  ? -4.301  0.775   7.482   1.00 11.29 ? 10   ASP A O   1 
ATOM   89   C  CB  . ASP A 1 10  ? -4.734  2.670   4.953   1.00 10.63 ? 10   ASP A CB  1 
ATOM   90   C  CG  . ASP A 1 10  ? -5.912  3.315   4.230   1.00 11.06 ? 10   ASP A CG  1 
ATOM   91   O  OD1 . ASP A 1 10  ? -6.994  3.464   4.844   1.00 9.82  ? 10   ASP A OD1 1 
ATOM   92   O  OD2 . ASP A 1 10  ? -5.751  3.657   3.039   1.00 10.07 ? 10   ASP A OD2 1 
ATOM   93   N  N   . GLU A 1 11  ? -2.617  2.275   7.431   1.00 10.95 ? 11   GLU A N   1 
ATOM   94   C  CA  . GLU A 1 11  ? -1.621  1.350   7.990   1.00 10.85 ? 11   GLU A CA  1 
ATOM   95   C  C   . GLU A 1 11  ? -1.369  1.527   9.484   1.00 11.15 ? 11   GLU A C   1 
ATOM   96   O  O   . GLU A 1 11  ? -0.892  0.602   10.151  1.00 11.45 ? 11   GLU A O   1 
ATOM   97   C  CB  . GLU A 1 11  ? -0.290  1.460   7.237   1.00 10.93 ? 11   GLU A CB  1 
ATOM   98   C  CG  . GLU A 1 11  ? -0.351  1.078   5.759   1.00 10.83 ? 11   GLU A CG  1 
ATOM   99   C  CD  . GLU A 1 11  ? -0.558  -0.419  5.505   1.00 11.99 ? 11   GLU A CD  1 
ATOM   100  O  OE1 . GLU A 1 11  ? -0.545  -1.231  6.463   1.00 12.60 ? 11   GLU A OE1 1 
ATOM   101  O  OE2 . GLU A 1 11  ? -0.726  -0.785  4.326   1.00 12.34 ? 11   GLU A OE2 1 
ATOM   102  N  N   . GLY A 1 12  ? -1.664  2.716   10.003  1.00 10.90 ? 12   GLY A N   1 
ATOM   103  C  CA  . GLY A 1 12  ? -1.382  3.033   11.402  1.00 11.22 ? 12   GLY A CA  1 
ATOM   104  C  C   . GLY A 1 12  ? 0.107   3.214   11.649  1.00 11.30 ? 12   GLY A C   1 
ATOM   105  O  O   . GLY A 1 12  ? 0.901   3.253   10.707  1.00 11.53 ? 12   GLY A O   1 
ATOM   106  N  N   . LEU A 1 13  ? 0.482   3.328   12.921  1.00 11.62 ? 13   LEU A N   1 
ATOM   107  C  CA  . LEU A 1 13  ? 1.886   3.426   13.309  1.00 11.86 ? 13   LEU A CA  1 
ATOM   108  C  C   . LEU A 1 13  ? 2.120   2.618   14.582  1.00 12.07 ? 13   LEU A C   1 
ATOM   109  O  O   . LEU A 1 13  ? 1.503   2.879   15.617  1.00 11.73 ? 13   LEU A O   1 
ATOM   110  C  CB  . LEU A 1 13  ? 2.310   4.895   13.500  1.00 11.97 ? 13   LEU A CB  1 
ATOM   111  C  CG  . LEU A 1 13  ? 3.693   5.201   14.103  1.00 12.85 ? 13   LEU A CG  1 
ATOM   112  C  CD1 . LEU A 1 13  ? 4.827   4.692   13.232  1.00 13.75 ? 13   LEU A CD1 1 
ATOM   113  C  CD2 . LEU A 1 13  ? 3.858   6.705   14.348  1.00 12.52 ? 13   LEU A CD2 1 
ATOM   114  N  N   . ARG A 1 14  ? 2.999   1.623   14.485  1.00 12.01 ? 14   ARG A N   1 
ATOM   115  C  CA  . ARG A 1 14  ? 3.373   0.801   15.631  1.00 12.26 ? 14   ARG A CA  1 
ATOM   116  C  C   . ARG A 1 14  ? 4.891   0.669   15.659  1.00 12.27 ? 14   ARG A C   1 
ATOM   117  O  O   . ARG A 1 14  ? 5.508   0.354   14.644  1.00 12.22 ? 14   ARG A O   1 
ATOM   118  C  CB  . ARG A 1 14  ? 2.689   -0.572  15.575  1.00 12.42 ? 14   ARG A CB  1 
ATOM   119  C  CG  . ARG A 1 14  ? 1.169   -0.499  15.730  1.00 13.53 ? 14   ARG A CG  1 
ATOM   120  C  CD  . ARG A 1 14  ? 0.502   -1.866  15.671  1.00 15.77 ? 14   ARG A CD  1 
ATOM   121  N  NE  . ARG A 1 14  ? 0.655   -2.599  16.926  1.00 18.73 ? 14   ARG A NE  1 
ATOM   122  C  CZ  . ARG A 1 14  ? 0.084   -3.772  17.198  1.00 20.09 ? 14   ARG A CZ  1 
ATOM   123  N  NH1 . ARG A 1 14  ? -0.694  -4.368  16.305  1.00 20.22 ? 14   ARG A NH1 1 
ATOM   124  N  NH2 . ARG A 1 14  ? 0.294   -4.354  18.371  1.00 21.50 ? 14   ARG A NH2 1 
ATOM   125  N  N   . LEU A 1 15  ? 5.487   0.928   16.822  1.00 12.50 ? 15   LEU A N   1 
ATOM   126  C  CA  . LEU A 1 15  ? 6.945   1.000   16.934  1.00 12.59 ? 15   LEU A CA  1 
ATOM   127  C  C   . LEU A 1 15  ? 7.605   -0.312  17.366  1.00 12.88 ? 15   LEU A C   1 
ATOM   128  O  O   . LEU A 1 15  ? 8.833   -0.407  17.439  1.00 13.09 ? 15   LEU A O   1 
ATOM   129  C  CB  . LEU A 1 15  ? 7.359   2.156   17.861  1.00 12.59 ? 15   LEU A CB  1 
ATOM   130  C  CG  . LEU A 1 15  ? 6.911   3.564   17.443  1.00 12.01 ? 15   LEU A CG  1 
ATOM   131  C  CD1 . LEU A 1 15  ? 7.388   4.613   18.448  1.00 12.31 ? 15   LEU A CD1 1 
ATOM   132  C  CD2 . LEU A 1 15  ? 7.383   3.926   16.031  1.00 12.15 ? 15   LEU A CD2 1 
ATOM   133  N  N   . LYS A 1 16  ? 6.781   -1.316  17.644  1.00 13.30 ? 16   LYS A N   1 
ATOM   134  C  CA  . LYS A 1 16  ? 7.248   -2.650  17.979  1.00 13.54 ? 16   LYS A CA  1 
ATOM   135  C  C   . LYS A 1 16  ? 6.748   -3.616  16.904  1.00 13.05 ? 16   LYS A C   1 
ATOM   136  O  O   . LYS A 1 16  ? 5.667   -3.413  16.335  1.00 13.26 ? 16   LYS A O   1 
ATOM   137  C  CB  . LYS A 1 16  ? 6.719   -3.056  19.360  1.00 14.11 ? 16   LYS A CB  1 
ATOM   138  C  CG  . LYS A 1 16  ? 7.435   -4.236  20.003  1.00 16.88 ? 16   LYS A CG  1 
ATOM   139  C  CD  . LYS A 1 16  ? 6.798   -4.628  21.345  1.00 20.73 ? 16   LYS A CD  1 
ATOM   140  C  CE  . LYS A 1 16  ? 5.459   -5.346  21.162  1.00 23.61 ? 16   LYS A CE  1 
ATOM   141  N  NZ  . LYS A 1 16  ? 4.967   -5.964  22.429  1.00 25.68 ? 16   LYS A NZ  1 
ATOM   142  N  N   . ILE A 1 17  ? 7.531   -4.651  16.621  1.00 12.53 ? 17   ILE A N   1 
ATOM   143  C  CA  . ILE A 1 17  ? 7.129   -5.690  15.669  1.00 12.29 ? 17   ILE A CA  1 
ATOM   144  C  C   . ILE A 1 17  ? 5.724   -6.214  15.984  1.00 12.29 ? 17   ILE A C   1 
ATOM   145  O  O   . ILE A 1 17  ? 5.432   -6.610  17.118  1.00 12.34 ? 17   ILE A O   1 
ATOM   146  C  CB  . ILE A 1 17  ? 8.147   -6.861  15.624  1.00 12.31 ? 17   ILE A CB  1 
ATOM   147  C  CG1 . ILE A 1 17  ? 9.464   -6.394  14.990  1.00 12.47 ? 17   ILE A CG1 1 
ATOM   148  C  CG2 . ILE A 1 17  ? 7.570   -8.059  14.868  1.00 12.45 ? 17   ILE A CG2 1 
ATOM   149  C  CD1 . ILE A 1 17  ? 10.593  -7.421  15.053  1.00 13.07 ? 17   ILE A CD1 1 
ATOM   150  N  N   . TYR A 1 18  ? 4.865   -6.191  14.968  1.00 11.90 ? 18   TYR A N   1 
ATOM   151  C  CA  . TYR A 1 18  ? 3.500   -6.698  15.064  1.00 12.03 ? 18   TYR A CA  1 
ATOM   152  C  C   . TYR A 1 18  ? 3.190   -7.558  13.839  1.00 11.72 ? 18   TYR A C   1 
ATOM   153  O  O   . TYR A 1 18  ? 3.951   -7.566  12.874  1.00 11.56 ? 18   TYR A O   1 
ATOM   154  C  CB  . TYR A 1 18  ? 2.501   -5.536  15.183  1.00 12.55 ? 18   TYR A CB  1 
ATOM   155  C  CG  . TYR A 1 18  ? 2.393   -4.649  13.957  1.00 12.71 ? 18   TYR A CG  1 
ATOM   156  C  CD1 . TYR A 1 18  ? 3.318   -3.626  13.729  1.00 13.14 ? 18   TYR A CD1 1 
ATOM   157  C  CD2 . TYR A 1 18  ? 1.350   -4.812  13.036  1.00 13.58 ? 18   TYR A CD2 1 
ATOM   158  C  CE1 . TYR A 1 18  ? 3.219   -2.799  12.608  1.00 13.98 ? 18   TYR A CE1 1 
ATOM   159  C  CE2 . TYR A 1 18  ? 1.245   -3.985  11.908  1.00 13.96 ? 18   TYR A CE2 1 
ATOM   160  C  CZ  . TYR A 1 18  ? 2.184   -2.980  11.705  1.00 13.92 ? 18   TYR A CZ  1 
ATOM   161  O  OH  . TYR A 1 18  ? 2.109   -2.152  10.601  1.00 13.21 ? 18   TYR A OH  1 
ATOM   162  N  N   . LYS A 1 19  ? 2.080   -8.287  13.884  1.00 11.79 ? 19   LYS A N   1 
ATOM   163  C  CA  . LYS A 1 19  ? 1.631   -9.059  12.730  1.00 11.78 ? 19   LYS A CA  1 
ATOM   164  C  C   . LYS A 1 19  ? 0.566   -8.290  11.960  1.00 11.95 ? 19   LYS A C   1 
ATOM   165  O  O   . LYS A 1 19  ? -0.371  -7.746  12.551  1.00 12.16 ? 19   LYS A O   1 
ATOM   166  C  CB  . LYS A 1 19  ? 1.086   -10.422 13.152  1.00 11.82 ? 19   LYS A CB  1 
ATOM   167  C  CG  . LYS A 1 19  ? 2.146   -11.420 13.582  1.00 11.69 ? 19   LYS A CG  1 
ATOM   168  C  CD  . LYS A 1 19  ? 1.504   -12.749 13.939  1.00 12.84 ? 19   LYS A CD  1 
ATOM   169  C  CE  . LYS A 1 19  ? 2.540   -13.746 14.430  1.00 14.04 ? 19   LYS A CE  1 
ATOM   170  N  NZ  . LYS A 1 19  ? 1.913   -15.059 14.722  1.00 13.57 ? 19   LYS A NZ  1 
ATOM   171  N  N   . ASP A 1 20  ? 0.717   -8.242  10.639  1.00 11.81 ? 20   ASP A N   1 
ATOM   172  C  CA  . ASP A 1 20  ? -0.231  -7.521  9.790   1.00 11.59 ? 20   ASP A CA  1 
ATOM   173  C  C   . ASP A 1 20  ? -1.531  -8.318  9.614   1.00 11.51 ? 20   ASP A C   1 
ATOM   174  O  O   . ASP A 1 20  ? -1.725  -9.341  10.270  1.00 11.21 ? 20   ASP A O   1 
ATOM   175  C  CB  . ASP A 1 20  ? 0.410   -7.123  8.448   1.00 11.72 ? 20   ASP A CB  1 
ATOM   176  C  CG  . ASP A 1 20  ? 0.689   -8.311  7.522   1.00 12.09 ? 20   ASP A CG  1 
ATOM   177  O  OD1 . ASP A 1 20  ? 0.218   -9.441  7.780   1.00 11.31 ? 20   ASP A OD1 1 
ATOM   178  O  OD2 . ASP A 1 20  ? 1.390   -8.099  6.508   1.00 11.94 ? 20   ASP A OD2 1 
ATOM   179  N  N   . THR A 1 21  ? -2.409  -7.854  8.726   1.00 11.56 ? 21   THR A N   1 
ATOM   180  C  CA  . THR A 1 21  ? -3.717  -8.487  8.544   1.00 11.89 ? 21   THR A CA  1 
ATOM   181  C  C   . THR A 1 21  ? -3.609  -9.933  8.055   1.00 11.82 ? 21   THR A C   1 
ATOM   182  O  O   . THR A 1 21  ? -4.527  -10.728 8.258   1.00 11.74 ? 21   THR A O   1 
ATOM   183  C  CB  . THR A 1 21  ? -4.609  -7.681  7.569   1.00 11.86 ? 21   THR A CB  1 
ATOM   184  O  OG1 . THR A 1 21  ? -3.998  -7.643  6.274   1.00 13.19 ? 21   THR A OG1 1 
ATOM   185  C  CG2 . THR A 1 21  ? -4.811  -6.260  8.075   1.00 12.17 ? 21   THR A CG2 1 
ATOM   186  N  N   . GLU A 1 22  ? -2.488  -10.260 7.411   1.00 11.87 ? 22   GLU A N   1 
ATOM   187  C  CA  . GLU A 1 22  ? -2.255  -11.602 6.873   1.00 12.23 ? 22   GLU A CA  1 
ATOM   188  C  C   . GLU A 1 22  ? -1.448  -12.478 7.834   1.00 12.16 ? 22   GLU A C   1 
ATOM   189  O  O   . GLU A 1 22  ? -1.178  -13.655 7.545   1.00 12.40 ? 22   GLU A O   1 
ATOM   190  C  CB  . GLU A 1 22  ? -1.564  -11.519 5.506   1.00 12.40 ? 22   GLU A CB  1 
ATOM   191  C  CG  . GLU A 1 22  ? -2.406  -10.873 4.402   1.00 13.53 ? 22   GLU A CG  1 
ATOM   192  C  CD  . GLU A 1 22  ? -3.633  -11.695 4.008   1.00 14.67 ? 22   GLU A CD  1 
ATOM   193  O  OE1 . GLU A 1 22  ? -3.644  -12.927 4.218   1.00 16.38 ? 22   GLU A OE1 1 
ATOM   194  O  OE2 . GLU A 1 22  ? -4.594  -11.100 3.476   1.00 16.88 ? 22   GLU A OE2 1 
ATOM   195  N  N   . GLY A 1 23  ? -1.073  -11.892 8.969   1.00 11.94 ? 23   GLY A N   1 
ATOM   196  C  CA  . GLY A 1 23  ? -0.321  -12.590 10.012  1.00 12.19 ? 23   GLY A CA  1 
ATOM   197  C  C   . GLY A 1 23  ? 1.184   -12.516 9.852   1.00 12.29 ? 23   GLY A C   1 
ATOM   198  O  O   . GLY A 1 23  ? 1.914   -13.312 10.450  1.00 12.44 ? 23   GLY A O   1 
ATOM   199  N  N   . TYR A 1 24  ? 1.653   -11.545 9.068   1.00 12.23 ? 24   TYR A N   1 
ATOM   200  C  CA  . TYR A 1 24  ? 3.078   -11.404 8.768   1.00 12.52 ? 24   TYR A CA  1 
ATOM   201  C  C   . TYR A 1 24  ? 3.750   -10.320 9.593   1.00 12.12 ? 24   TYR A C   1 
ATOM   202  O  O   . TYR A 1 24  ? 3.195   -9.231  9.780   1.00 11.98 ? 24   TYR A O   1 
ATOM   203  C  CB  . TYR A 1 24  ? 3.293   -11.093 7.288   1.00 13.44 ? 24   TYR A CB  1 
ATOM   204  C  CG  . TYR A 1 24  ? 2.841   -12.176 6.337   1.00 14.47 ? 24   TYR A CG  1 
ATOM   205  C  CD1 . TYR A 1 24  ? 3.132   -13.518 6.586   1.00 15.52 ? 24   TYR A CD1 1 
ATOM   206  C  CD2 . TYR A 1 24  ? 2.141   -11.853 5.176   1.00 15.52 ? 24   TYR A CD2 1 
ATOM   207  C  CE1 . TYR A 1 24  ? 2.723   -14.514 5.707   1.00 16.42 ? 24   TYR A CE1 1 
ATOM   208  C  CE2 . TYR A 1 24  ? 1.730   -12.840 4.291   1.00 15.93 ? 24   TYR A CE2 1 
ATOM   209  C  CZ  . TYR A 1 24  ? 2.024   -14.165 4.564   1.00 16.24 ? 24   TYR A CZ  1 
ATOM   210  O  OH  . TYR A 1 24  ? 1.620   -15.145 3.687   1.00 17.61 ? 24   TYR A OH  1 
ATOM   211  N  N   . TYR A 1 25  ? 4.965   -10.613 10.053  1.00 11.76 ? 25   TYR A N   1 
ATOM   212  C  CA  . TYR A 1 25  ? 5.724   -9.664  10.858  1.00 11.49 ? 25   TYR A CA  1 
ATOM   213  C  C   . TYR A 1 25  ? 5.975   -8.356  10.115  1.00 11.08 ? 25   TYR A C   1 
ATOM   214  O  O   . TYR A 1 25  ? 6.457   -8.344  8.975   1.00 11.41 ? 25   TYR A O   1 
ATOM   215  C  CB  . TYR A 1 25  ? 7.029   -10.282 11.349  1.00 11.96 ? 25   TYR A CB  1 
ATOM   216  C  CG  . TYR A 1 25  ? 6.819   -11.389 12.360  1.00 12.22 ? 25   TYR A CG  1 
ATOM   217  C  CD1 . TYR A 1 25  ? 6.178   -11.140 13.578  1.00 13.16 ? 25   TYR A CD1 1 
ATOM   218  C  CD2 . TYR A 1 25  ? 7.257   -12.686 12.097  1.00 12.57 ? 25   TYR A CD2 1 
ATOM   219  C  CE1 . TYR A 1 25  ? 5.988   -12.164 14.509  1.00 13.77 ? 25   TYR A CE1 1 
ATOM   220  C  CE2 . TYR A 1 25  ? 7.069   -13.710 13.018  1.00 13.51 ? 25   TYR A CE2 1 
ATOM   221  C  CZ  . TYR A 1 25  ? 6.442   -13.445 14.218  1.00 13.75 ? 25   TYR A CZ  1 
ATOM   222  O  OH  . TYR A 1 25  ? 6.260   -14.471 15.130  1.00 14.64 ? 25   TYR A OH  1 
ATOM   223  N  N   . THR A 1 26  ? 5.631   -7.267  10.792  1.00 10.43 ? 26   THR A N   1 
ATOM   224  C  CA  . THR A 1 26  ? 5.596   -5.930  10.223  1.00 10.36 ? 26   THR A CA  1 
ATOM   225  C  C   . THR A 1 26  ? 6.038   -4.938  11.304  1.00 10.30 ? 26   THR A C   1 
ATOM   226  O  O   . THR A 1 26  ? 6.021   -5.252  12.496  1.00 10.38 ? 26   THR A O   1 
ATOM   227  C  CB  . THR A 1 26  ? 4.155   -5.629  9.710   1.00 10.37 ? 26   THR A CB  1 
ATOM   228  O  OG1 . THR A 1 26  ? 3.776   -6.629  8.753   1.00 9.86  ? 26   THR A OG1 1 
ATOM   229  C  CG2 . THR A 1 26  ? 4.043   -4.261  9.043   1.00 9.96  ? 26   THR A CG2 1 
ATOM   230  N  N   . ILE A 1 27  ? 6.456   -3.746  10.893  1.00 10.23 ? 27   ILE A N   1 
ATOM   231  C  CA  . ILE A 1 27  ? 6.765   -2.684  11.844  1.00 10.60 ? 27   ILE A CA  1 
ATOM   232  C  C   . ILE A 1 27  ? 6.448   -1.319  11.229  1.00 10.23 ? 27   ILE A C   1 
ATOM   233  O  O   . ILE A 1 27  ? 6.287   -1.206  10.015  1.00 9.97  ? 27   ILE A O   1 
ATOM   234  C  CB  . ILE A 1 27  ? 8.236   -2.754  12.345  1.00 10.86 ? 27   ILE A CB  1 
ATOM   235  C  CG1 . ILE A 1 27  ? 8.391   -1.988  13.674  1.00 11.91 ? 27   ILE A CG1 1 
ATOM   236  C  CG2 . ILE A 1 27  ? 9.206   -2.268  11.260  1.00 11.69 ? 27   ILE A CG2 1 
ATOM   237  C  CD1 . ILE A 1 27  ? 9.550   -2.436  14.539  1.00 13.07 ? 27   ILE A CD1 1 
ATOM   238  N  N   . GLY A 1 28  ? 6.336   -0.305  12.081  1.00 10.27 ? 28   GLY A N   1 
ATOM   239  C  CA  . GLY A 1 28  ? 6.183   1.078   11.637  1.00 10.10 ? 28   GLY A CA  1 
ATOM   240  C  C   . GLY A 1 28  ? 4.832   1.337   11.007  1.00 9.93  ? 28   GLY A C   1 
ATOM   241  O  O   . GLY A 1 28  ? 3.788   0.985   11.573  1.00 9.70  ? 28   GLY A O   1 
ATOM   242  N  N   . ILE A 1 29  ? 4.869   1.951   9.830   1.00 9.73  ? 29   ILE A N   1 
ATOM   243  C  CA  . ILE A 1 29  ? 3.671   2.270   9.060   1.00 9.71  ? 29   ILE A CA  1 
ATOM   244  C  C   . ILE A 1 29  ? 3.529   1.216   7.959   1.00 9.56  ? 29   ILE A C   1 
ATOM   245  O  O   . ILE A 1 29  ? 3.813   1.457   6.780   1.00 9.53  ? 29   ILE A O   1 
ATOM   246  C  CB  . ILE A 1 29  ? 3.723   3.724   8.514   1.00 9.86  ? 29   ILE A CB  1 
ATOM   247  C  CG1 . ILE A 1 29  ? 3.964   4.699   9.671   1.00 9.72  ? 29   ILE A CG1 1 
ATOM   248  C  CG2 . ILE A 1 29  ? 2.420   4.087   7.796   1.00 9.75  ? 29   ILE A CG2 1 
ATOM   249  C  CD1 . ILE A 1 29  ? 4.569   6.024   9.283   1.00 10.60 ? 29   ILE A CD1 1 
ATOM   250  N  N   . GLY A 1 30  ? 3.127   0.020   8.377   1.00 9.63  ? 30   GLY A N   1 
ATOM   251  C  CA  . GLY A 1 30  ? 2.910   -1.080  7.445   1.00 9.94  ? 30   GLY A CA  1 
ATOM   252  C  C   . GLY A 1 30  ? 4.149   -1.524  6.685   1.00 9.94  ? 30   GLY A C   1 
ATOM   253  O  O   . GLY A 1 30  ? 4.048   -1.917  5.521   1.00 10.65 ? 30   GLY A O   1 
ATOM   254  N  N   . HIS A 1 31  ? 5.321   -1.459  7.321   1.00 10.22 ? 31   HIS A N   1 
ATOM   255  C  CA  . HIS A 1 31  ? 6.529   -1.979  6.681   1.00 10.18 ? 31   HIS A CA  1 
ATOM   256  C  C   . HIS A 1 31  ? 6.658   -3.485  6.896   1.00 10.16 ? 31   HIS A C   1 
ATOM   257  O  O   . HIS A 1 31  ? 7.076   -3.932  7.961   1.00 9.61  ? 31   HIS A O   1 
ATOM   258  C  CB  . HIS A 1 31  ? 7.802   -1.267  7.153   1.00 10.44 ? 31   HIS A CB  1 
ATOM   259  C  CG  . HIS A 1 31  ? 9.045   -1.813  6.520   1.00 10.57 ? 31   HIS A CG  1 
ATOM   260  N  ND1 . HIS A 1 31  ? 9.463   -1.440  5.261   1.00 11.88 ? 31   HIS A ND1 1 
ATOM   261  C  CD2 . HIS A 1 31  ? 9.934   -2.739  6.953   1.00 12.43 ? 31   HIS A CD2 1 
ATOM   262  C  CE1 . HIS A 1 31  ? 10.562  -2.106  4.949   1.00 11.46 ? 31   HIS A CE1 1 
ATOM   263  N  NE2 . HIS A 1 31  ? 10.869  -2.899  5.959   1.00 11.90 ? 31   HIS A NE2 1 
ATOM   264  N  N   . LEU A 1 32  ? 6.296   -4.259  5.874   1.00 10.52 ? 32   LEU A N   1 
ATOM   265  C  CA  . LEU A 1 32  ? 6.404   -5.711  5.931   1.00 10.91 ? 32   LEU A CA  1 
ATOM   266  C  C   . LEU A 1 32  ? 7.870   -6.106  6.091   1.00 11.15 ? 32   LEU A C   1 
ATOM   267  O  O   . LEU A 1 32  ? 8.737   -5.641  5.340   1.00 11.02 ? 32   LEU A O   1 
ATOM   268  C  CB  . LEU A 1 32  ? 5.803   -6.350  4.671   1.00 10.92 ? 32   LEU A CB  1 
ATOM   269  C  CG  . LEU A 1 32  ? 5.976   -7.863  4.492   1.00 11.47 ? 32   LEU A CG  1 
ATOM   270  C  CD1 . LEU A 1 32  ? 5.180   -8.628  5.546   1.00 12.79 ? 32   LEU A CD1 1 
ATOM   271  C  CD2 . LEU A 1 32  ? 5.572   -8.293  3.087   1.00 13.93 ? 32   LEU A CD2 1 
ATOM   272  N  N   . LEU A 1 33  ? 8.143   -6.950  7.077   1.00 11.74 ? 33   LEU A N   1 
ATOM   273  C  CA  . LEU A 1 33  ? 9.510   -7.397  7.330   1.00 12.55 ? 33   LEU A CA  1 
ATOM   274  C  C   . LEU A 1 33  ? 9.828   -8.691  6.591   1.00 13.48 ? 33   LEU A C   1 
ATOM   275  O  O   . LEU A 1 33  ? 10.858  -8.794  5.927   1.00 14.09 ? 33   LEU A O   1 
ATOM   276  C  CB  . LEU A 1 33  ? 9.764   -7.555  8.832   1.00 12.57 ? 33   LEU A CB  1 
ATOM   277  C  CG  . LEU A 1 33  ? 9.780   -6.273  9.674   1.00 12.38 ? 33   LEU A CG  1 
ATOM   278  C  CD1 . LEU A 1 33  ? 9.705   -6.604  11.154  1.00 12.32 ? 33   LEU A CD1 1 
ATOM   279  C  CD2 . LEU A 1 33  ? 11.021  -5.427  9.363   1.00 12.28 ? 33   LEU A CD2 1 
ATOM   280  N  N   . THR A 1 34  ? 8.932   -9.668  6.713   1.00 13.84 ? 34   THR A N   1 
ATOM   281  C  CA  . THR A 1 34  ? 9.124   -11.001 6.147   1.00 14.76 ? 34   THR A CA  1 
ATOM   282  C  C   . THR A 1 34  ? 7.821   -11.782 6.223   1.00 15.40 ? 34   THR A C   1 
ATOM   283  O  O   . THR A 1 34  ? 6.959   -11.479 7.049   1.00 15.30 ? 34   THR A O   1 
ATOM   284  C  CB  . THR A 1 34  ? 10.242  -11.789 6.893   1.00 14.76 ? 34   THR A CB  1 
ATOM   285  O  OG1 . THR A 1 34  ? 10.434  -13.068 6.273   1.00 15.14 ? 34   THR A OG1 1 
ATOM   286  C  CG2 . THR A 1 34  ? 9.893   -11.982 8.369   1.00 14.15 ? 34   THR A CG2 1 
ATOM   287  N  N   . LYS A 1 35  ? 7.683   -12.779 5.355   1.00 16.22 ? 35   LYS A N   1 
ATOM   288  C  CA  . LYS A 1 35  ? 6.539   -13.682 5.408   1.00 17.17 ? 35   LYS A CA  1 
ATOM   289  C  C   . LYS A 1 35  ? 6.863   -14.929 6.233   1.00 17.33 ? 35   LYS A C   1 
ATOM   290  O  O   . LYS A 1 35  ? 5.998   -15.779 6.451   1.00 17.62 ? 35   LYS A O   1 
ATOM   291  C  CB  . LYS A 1 35  ? 6.053   -14.033 3.997   1.00 17.58 ? 35   LYS A CB  1 
ATOM   292  C  CG  . LYS A 1 35  ? 5.562   -12.815 3.231   1.00 19.03 ? 35   LYS A CG  1 
ATOM   293  C  CD  . LYS A 1 35  ? 4.861   -13.158 1.930   1.00 21.26 ? 35   LYS A CD  1 
ATOM   294  C  CE  . LYS A 1 35  ? 4.292   -11.891 1.306   1.00 22.51 ? 35   LYS A CE  1 
ATOM   295  N  NZ  . LYS A 1 35  ? 3.839   -12.089 -0.100  1.00 24.11 ? 35   LYS A NZ  1 
ATOM   296  N  N   . SER A 1 36  ? 8.108   -15.011 6.705   1.00 17.58 ? 36   SER A N   1 
ATOM   297  C  CA  . SER A 1 36  ? 8.560   -16.105 7.567   1.00 17.73 ? 36   SER A CA  1 
ATOM   298  C  C   . SER A 1 36  ? 7.863   -16.073 8.929   1.00 17.68 ? 36   SER A C   1 
ATOM   299  O  O   . SER A 1 36  ? 7.668   -14.995 9.504   1.00 17.42 ? 36   SER A O   1 
ATOM   300  C  CB  . SER A 1 36  ? 10.084  -16.050 7.745   1.00 17.94 ? 36   SER A CB  1 
ATOM   301  O  OG  . SER A 1 36  ? 10.515  -16.869 8.824   1.00 18.34 ? 36   SER A OG  1 
ATOM   302  N  N   . PRO A 1 37  ? 7.475   -17.257 9.450   1.00 17.72 ? 37   PRO A N   1 
ATOM   303  C  CA  . PRO A 1 37  ? 6.875   -17.338 10.783  1.00 17.54 ? 37   PRO A CA  1 
ATOM   304  C  C   . PRO A 1 37  ? 7.886   -17.163 11.922  1.00 17.35 ? 37   PRO A C   1 
ATOM   305  O  O   . PRO A 1 37  ? 7.501   -17.169 13.090  1.00 17.49 ? 37   PRO A O   1 
ATOM   306  C  CB  . PRO A 1 37  ? 6.285   -18.752 10.808  1.00 17.64 ? 37   PRO A CB  1 
ATOM   307  C  CG  . PRO A 1 37  ? 7.170   -19.528 9.910   1.00 17.93 ? 37   PRO A CG  1 
ATOM   308  C  CD  . PRO A 1 37  ? 7.558   -18.583 8.806   1.00 17.84 ? 37   PRO A CD  1 
ATOM   309  N  N   . SER A 1 38  ? 9.162   -16.998 11.580  1.00 16.95 ? 38   SER A N   1 
ATOM   310  C  CA  . SER A 1 38  ? 10.219  -16.825 12.576  1.00 16.59 ? 38   SER A CA  1 
ATOM   311  C  C   . SER A 1 38  ? 10.372  -15.370 13.010  1.00 16.45 ? 38   SER A C   1 
ATOM   312  O  O   . SER A 1 38  ? 10.749  -14.513 12.206  1.00 16.25 ? 38   SER A O   1 
ATOM   313  C  CB  . SER A 1 38  ? 11.555  -17.344 12.028  1.00 16.31 ? 38   SER A CB  1 
ATOM   314  O  OG  . SER A 1 38  ? 12.634  -16.963 12.871  1.00 16.64 ? 38   SER A OG  1 
ATOM   315  N  N   . LEU A 1 39  ? 10.096  -15.101 14.286  1.00 16.46 ? 39   LEU A N   1 
ATOM   316  C  CA  . LEU A 1 39  ? 10.339  -13.775 14.859  1.00 16.50 ? 39   LEU A CA  1 
ATOM   317  C  C   . LEU A 1 39  ? 11.805  -13.358 14.720  1.00 16.36 ? 39   LEU A C   1 
ATOM   318  O  O   . LEU A 1 39  ? 12.102  -12.194 14.440  1.00 16.22 ? 39   LEU A O   1 
ATOM   319  C  CB  . LEU A 1 39  ? 9.894   -13.715 16.329  1.00 16.65 ? 39   LEU A CB  1 
ATOM   320  C  CG  . LEU A 1 39  ? 9.994   -12.370 17.065  1.00 16.99 ? 39   LEU A CG  1 
ATOM   321  C  CD1 . LEU A 1 39  ? 9.224   -11.248 16.352  1.00 17.07 ? 39   LEU A CD1 1 
ATOM   322  C  CD2 . LEU A 1 39  ? 9.516   -12.512 18.496  1.00 17.66 ? 39   LEU A CD2 1 
ATOM   323  N  N   . ASN A 1 40  ? 12.719  -14.309 14.913  1.00 16.20 ? 40   ASN A N   1 
ATOM   324  C  CA  . ASN A 1 40  ? 14.144  -14.030 14.750  1.00 16.08 ? 40   ASN A CA  1 
ATOM   325  C  C   . ASN A 1 40  ? 14.509  -13.584 13.335  1.00 15.74 ? 40   ASN A C   1 
ATOM   326  O  O   . ASN A 1 40  ? 15.315  -12.663 13.168  1.00 15.93 ? 40   ASN A O   1 
ATOM   327  C  CB  . ASN A 1 40  ? 14.993  -15.229 15.182  1.00 16.66 ? 40   ASN A CB  1 
ATOM   328  C  CG  . ASN A 1 40  ? 15.099  -15.353 16.690  1.00 17.92 ? 40   ASN A CG  1 
ATOM   329  O  OD1 . ASN A 1 40  ? 15.114  -14.355 17.411  1.00 21.28 ? 40   ASN A OD1 1 
ATOM   330  N  ND2 . ASN A 1 40  ? 15.184  -16.585 17.175  1.00 20.48 ? 40   ASN A ND2 1 
ATOM   331  N  N   . ALA A 1 41  ? 13.904  -14.224 12.332  1.00 14.90 ? 41   ALA A N   1 
ATOM   332  C  CA  . ALA A 1 41  ? 14.075  -13.821 10.933  1.00 14.43 ? 41   ALA A CA  1 
ATOM   333  C  C   . ALA A 1 41  ? 13.568  -12.395 10.735  1.00 13.91 ? 41   ALA A C   1 
ATOM   334  O  O   . ALA A 1 41  ? 14.225  -11.580 10.084  1.00 13.42 ? 41   ALA A O   1 
ATOM   335  C  CB  . ALA A 1 41  ? 13.352  -14.778 9.998   1.00 14.59 ? 41   ALA A CB  1 
ATOM   336  N  N   . ALA A 1 42  ? 12.407  -12.105 11.320  1.00 13.38 ? 42   ALA A N   1 
ATOM   337  C  CA  . ALA A 1 42  ? 11.805  -10.771 11.250  1.00 13.03 ? 42   ALA A CA  1 
ATOM   338  C  C   . ALA A 1 42  ? 12.699  -9.713  11.893  1.00 12.71 ? 42   ALA A C   1 
ATOM   339  O  O   . ALA A 1 42  ? 12.888  -8.637  11.327  1.00 12.41 ? 42   ALA A O   1 
ATOM   340  C  CB  . ALA A 1 42  ? 10.424  -10.775 11.896  1.00 13.04 ? 42   ALA A CB  1 
ATOM   341  N  N   . LYS A 1 43  ? 13.252  -10.031 13.064  1.00 12.71 ? 43   LYS A N   1 
ATOM   342  C  CA  . LYS A 1 43  ? 14.161  -9.126  13.771  1.00 13.26 ? 43   LYS A CA  1 
ATOM   343  C  C   . LYS A 1 43  ? 15.406  -8.851  12.927  1.00 12.87 ? 43   LYS A C   1 
ATOM   344  O  O   . LYS A 1 43  ? 15.891  -7.717  12.875  1.00 12.63 ? 43   LYS A O   1 
ATOM   345  C  CB  . LYS A 1 43  ? 14.558  -9.695  15.139  1.00 13.59 ? 43   LYS A CB  1 
ATOM   346  C  CG  . LYS A 1 43  ? 13.422  -9.738  16.155  1.00 15.61 ? 43   LYS A CG  1 
ATOM   347  C  CD  . LYS A 1 43  ? 13.928  -10.174 17.528  1.00 18.73 ? 43   LYS A CD  1 
ATOM   348  C  CE  . LYS A 1 43  ? 12.812  -10.201 18.574  1.00 20.73 ? 43   LYS A CE  1 
ATOM   349  N  NZ  . LYS A 1 43  ? 12.218  -8.862  18.834  1.00 22.71 ? 43   LYS A NZ  1 
ATOM   350  N  N   . SER A 1 44  ? 15.907  -9.890  12.260  1.00 12.76 ? 44   SER A N   1 
ATOM   351  C  CA  . SER A 1 44  ? 17.052  -9.752  11.358  1.00 12.87 ? 44   SER A CA  1 
ATOM   352  C  C   . SER A 1 44  ? 16.749  -8.796  10.199  1.00 12.78 ? 44   SER A C   1 
ATOM   353  O  O   . SER A 1 44  ? 17.564  -7.928  9.882   1.00 12.67 ? 44   SER A O   1 
ATOM   354  C  CB  . SER A 1 44  ? 17.503  -11.124 10.834  1.00 13.09 ? 44   SER A CB  1 
ATOM   355  O  OG  . SER A 1 44  ? 18.694  -11.019 10.069  1.00 13.67 ? 44   SER A OG  1 
ATOM   356  N  N   . GLU A 1 45  ? 15.576  -8.952  9.582   1.00 12.62 ? 45   GLU A N   1 
ATOM   357  C  CA  . GLU A 1 45  ? 15.141  -8.058  8.500   1.00 12.42 ? 45   GLU A CA  1 
ATOM   358  C  C   . GLU A 1 45  ? 15.006  -6.623  8.999   1.00 12.26 ? 45   GLU A C   1 
ATOM   359  O  O   . GLU A 1 45  ? 15.379  -5.680  8.297   1.00 12.34 ? 45   GLU A O   1 
ATOM   360  C  CB  . GLU A 1 45  ? 13.816  -8.526  7.891   1.00 12.34 ? 45   GLU A CB  1 
ATOM   361  C  CG  . GLU A 1 45  ? 13.916  -9.814  7.075   1.00 12.75 ? 45   GLU A CG  1 
ATOM   362  C  CD  . GLU A 1 45  ? 14.792  -9.673  5.838   1.00 14.07 ? 45   GLU A CD  1 
ATOM   363  O  OE1 . GLU A 1 45  ? 14.648  -8.675  5.098   1.00 13.63 ? 45   GLU A OE1 1 
ATOM   364  O  OE2 . GLU A 1 45  ? 15.626  -10.570 5.605   1.00 15.59 ? 45   GLU A OE2 1 
ATOM   365  N  N   . LEU A 1 46  ? 14.481  -6.469  10.214  1.00 11.87 ? 46   LEU A N   1 
ATOM   366  C  CA  . LEU A 1 46  ? 14.363  -5.152  10.834  1.00 11.82 ? 46   LEU A CA  1 
ATOM   367  C  C   . LEU A 1 46  ? 15.729  -4.494  11.024  1.00 11.78 ? 46   LEU A C   1 
ATOM   368  O  O   . LEU A 1 46  ? 15.928  -3.349  10.634  1.00 11.64 ? 46   LEU A O   1 
ATOM   369  C  CB  . LEU A 1 46  ? 13.624  -5.232  12.170  1.00 11.69 ? 46   LEU A CB  1 
ATOM   370  C  CG  . LEU A 1 46  ? 13.432  -3.892  12.886  1.00 12.07 ? 46   LEU A CG  1 
ATOM   371  C  CD1 . LEU A 1 46  ? 12.721  -2.880  11.978  1.00 12.66 ? 46   LEU A CD1 1 
ATOM   372  C  CD2 . LEU A 1 46  ? 12.674  -4.087  14.180  1.00 11.62 ? 46   LEU A CD2 1 
ATOM   373  N  N   . ASP A 1 47  ? 16.663  -5.234  11.615  1.00 12.03 ? 47   ASP A N   1 
ATOM   374  C  CA  . ASP A 1 47  ? 18.025  -4.737  11.822  1.00 12.07 ? 47   ASP A CA  1 
ATOM   375  C  C   . ASP A 1 47  ? 18.684  -4.312  10.506  1.00 11.92 ? 47   ASP A C   1 
ATOM   376  O  O   . ASP A 1 47  ? 19.340  -3.267  10.437  1.00 12.15 ? 47   ASP A O   1 
ATOM   377  C  CB  . ASP A 1 47  ? 18.871  -5.801  12.527  1.00 12.26 ? 47   ASP A CB  1 
ATOM   378  C  CG  . ASP A 1 47  ? 18.434  -6.059  13.972  1.00 12.70 ? 47   ASP A CG  1 
ATOM   379  O  OD1 . ASP A 1 47  ? 17.552  -5.347  14.507  1.00 13.44 ? 47   ASP A OD1 1 
ATOM   380  O  OD2 . ASP A 1 47  ? 18.992  -6.994  14.587  1.00 13.24 ? 47   ASP A OD2 1 
ATOM   381  N  N   . LYS A 1 48  ? 18.479  -5.123  9.467   1.00 11.74 ? 48   LYS A N   1 
ATOM   382  C  CA  . LYS A 1 48  ? 19.004  -4.867  8.127   1.00 11.57 ? 48   LYS A CA  1 
ATOM   383  C  C   . LYS A 1 48  ? 18.419  -3.573  7.543   1.00 11.54 ? 48   LYS A C   1 
ATOM   384  O  O   . LYS A 1 48  ? 19.143  -2.771  6.950   1.00 11.14 ? 48   LYS A O   1 
ATOM   385  C  CB  . LYS A 1 48  ? 18.720  -6.077  7.223   1.00 11.68 ? 48   LYS A CB  1 
ATOM   386  C  CG  . LYS A 1 48  ? 19.144  -5.929  5.763   1.00 12.17 ? 48   LYS A CG  1 
ATOM   387  C  CD  . LYS A 1 48  ? 19.240  -7.278  5.028   1.00 12.35 ? 48   LYS A CD  1 
ATOM   388  C  CE  . LYS A 1 48  ? 17.939  -8.075  5.052   1.00 12.59 ? 48   LYS A CE  1 
ATOM   389  N  NZ  . LYS A 1 48  ? 16.979  -7.622  4.021   1.00 12.21 ? 48   LYS A NZ  1 
ATOM   390  N  N   . ALA A 1 49  ? 17.116  -3.376  7.737   1.00 11.27 ? 49   ALA A N   1 
ATOM   391  C  CA  . ALA A 1 49  ? 16.416  -2.190  7.239   1.00 11.70 ? 49   ALA A CA  1 
ATOM   392  C  C   . ALA A 1 49  ? 16.846  -0.904  7.945   1.00 11.85 ? 49   ALA A C   1 
ATOM   393  O  O   . ALA A 1 49  ? 16.968  0.144   7.316   1.00 12.02 ? 49   ALA A O   1 
ATOM   394  C  CB  . ALA A 1 49  ? 14.905  -2.380  7.349   1.00 11.47 ? 49   ALA A CB  1 
ATOM   395  N  N   . ILE A 1 50  ? 17.081  -0.998  9.250   1.00 12.38 ? 50   ILE A N   1 
ATOM   396  C  CA  . ILE A 1 50  ? 17.395  0.176   10.075  1.00 12.99 ? 50   ILE A CA  1 
ATOM   397  C  C   . ILE A 1 50  ? 18.900  0.473   10.122  1.00 13.46 ? 50   ILE A C   1 
ATOM   398  O  O   . ILE A 1 50  ? 19.311  1.634   10.239  1.00 13.32 ? 50   ILE A O   1 
ATOM   399  C  CB  . ILE A 1 50  ? 16.816  0.016   11.515  1.00 13.14 ? 50   ILE A CB  1 
ATOM   400  C  CG1 . ILE A 1 50  ? 15.292  -0.176  11.470  1.00 13.56 ? 50   ILE A CG1 1 
ATOM   401  C  CG2 . ILE A 1 50  ? 17.203  1.192   12.411  1.00 13.41 ? 50   ILE A CG2 1 
ATOM   402  C  CD1 . ILE A 1 50  ? 14.510  0.985   10.864  1.00 14.53 ? 50   ILE A CD1 1 
ATOM   403  N  N   . GLY A 1 51  ? 19.706  -0.581  10.034  1.00 13.85 ? 51   GLY A N   1 
ATOM   404  C  CA  . GLY A 1 51  ? 21.167  -0.470  10.055  1.00 14.73 ? 51   GLY A CA  1 
ATOM   405  C  C   . GLY A 1 51  ? 21.771  -0.531  11.446  1.00 15.25 ? 51   GLY A C   1 
ATOM   406  O  O   . GLY A 1 51  ? 22.890  -0.051  11.667  1.00 15.59 ? 51   GLY A O   1 
ATOM   407  N  N   . ARG A 1 52  ? 21.033  -1.116  12.384  1.00 15.57 ? 52   ARG A N   1 
ATOM   408  C  CA  . ARG A 1 52  ? 21.502  -1.294  13.758  1.00 16.01 ? 52   ARG A CA  1 
ATOM   409  C  C   . ARG A 1 52  ? 20.778  -2.462  14.425  1.00 16.51 ? 52   ARG A C   1 
ATOM   410  O  O   . ARG A 1 52  ? 19.767  -2.946  13.917  1.00 15.79 ? 52   ARG A O   1 
ATOM   411  C  CB  . ARG A 1 52  ? 21.299  -0.013  14.581  1.00 16.11 ? 52   ARG A CB  1 
ATOM   412  C  CG  . ARG A 1 52  ? 19.832  0.317   14.861  1.00 15.82 ? 52   ARG A CG  1 
ATOM   413  C  CD  . ARG A 1 52  ? 19.656  1.545   15.736  1.00 16.34 ? 52   ARG A CD  1 
ATOM   414  N  NE  . ARG A 1 52  ? 18.237  1.829   15.959  1.00 16.80 ? 52   ARG A NE  1 
ATOM   415  C  CZ  . ARG A 1 52  ? 17.494  1.297   16.926  1.00 16.45 ? 52   ARG A CZ  1 
ATOM   416  N  NH1 . ARG A 1 52  ? 18.025  0.447   17.801  1.00 17.12 ? 52   ARG A NH1 1 
ATOM   417  N  NH2 . ARG A 1 52  ? 16.212  1.624   17.028  1.00 16.99 ? 52   ARG A NH2 1 
ATOM   418  N  N   . ASN A 1 53  ? 21.305  -2.895  15.568  1.00 17.18 ? 53   ASN A N   1 
ATOM   419  C  CA  . ASN A 1 53  ? 20.718  -3.968  16.363  1.00 18.22 ? 53   ASN A CA  1 
ATOM   420  C  C   . ASN A 1 53  ? 19.532  -3.423  17.167  1.00 18.41 ? 53   ASN A C   1 
ATOM   421  O  O   . ASN A 1 53  ? 19.718  -2.776  18.196  1.00 18.71 ? 53   ASN A O   1 
ATOM   422  C  CB  . ASN A 1 53  ? 21.795  -4.552  17.290  1.00 18.72 ? 53   ASN A CB  1 
ATOM   423  C  CG  . ASN A 1 53  ? 21.443  -5.933  17.827  1.00 20.23 ? 53   ASN A CG  1 
ATOM   424  O  OD1 . ASN A 1 53  ? 20.301  -6.390  17.739  1.00 23.23 ? 53   ASN A OD1 1 
ATOM   425  N  ND2 . ASN A 1 53  ? 22.439  -6.606  18.404  1.00 22.75 ? 53   ASN A ND2 1 
ATOM   426  N  N   . THR A 1 54  ? 18.316  -3.685  16.687  1.00 18.68 ? 54   THR A N   1 
ATOM   427  C  CA  . THR A 1 54  ? 17.105  -3.047  17.226  1.00 18.99 ? 54   THR A CA  1 
ATOM   428  C  C   . THR A 1 54  ? 16.387  -3.857  18.309  1.00 19.41 ? 54   THR A C   1 
ATOM   429  O  O   . THR A 1 54  ? 15.706  -3.284  19.165  1.00 19.60 ? 54   THR A O   1 
ATOM   430  C  CB  . THR A 1 54  ? 16.062  -2.765  16.116  1.00 18.96 ? 54   THR A CB  1 
ATOM   431  O  OG1 . THR A 1 54  ? 15.494  -4.002  15.671  1.00 18.69 ? 54   THR A OG1 1 
ATOM   432  C  CG2 . THR A 1 54  ? 16.687  -2.038  14.933  1.00 18.51 ? 54   THR A CG2 1 
ATOM   433  N  N   . ASN A 1 55  ? 16.522  -5.180  18.243  1.00 19.71 ? 55   ASN A N   1 
ATOM   434  C  CA  . ASN A 1 55  ? 15.711  -6.118  19.038  1.00 19.89 ? 55   ASN A CA  1 
ATOM   435  C  C   . ASN A 1 55  ? 14.200  -5.838  19.002  1.00 19.47 ? 55   ASN A C   1 
ATOM   436  O  O   . ASN A 1 55  ? 13.513  -5.903  20.030  1.00 19.84 ? 55   ASN A O   1 
ATOM   437  C  CB  . ASN A 1 55  ? 16.217  -6.224  20.482  1.00 20.37 ? 55   ASN A CB  1 
ATOM   438  C  CG  . ASN A 1 55  ? 15.725  -7.482  21.184  1.00 21.21 ? 55   ASN A CG  1 
ATOM   439  O  OD1 . ASN A 1 55  ? 15.478  -8.512  20.548  1.00 22.83 ? 55   ASN A OD1 1 
ATOM   440  N  ND2 . ASN A 1 55  ? 15.568  -7.400  22.499  1.00 22.61 ? 55   ASN A ND2 1 
ATOM   441  N  N   . GLY A 1 56  ? 13.700  -5.514  17.813  1.00 18.91 ? 56   GLY A N   1 
ATOM   442  C  CA  . GLY A 1 56  ? 12.262  -5.434  17.576  1.00 17.89 ? 56   GLY A CA  1 
ATOM   443  C  C   . GLY A 1 56  ? 11.549  -4.137  17.900  1.00 17.34 ? 56   GLY A C   1 
ATOM   444  O  O   . GLY A 1 56  ? 10.322  -4.085  17.835  1.00 16.98 ? 56   GLY A O   1 
ATOM   445  N  N   . VAL A 1 57  ? 12.300  -3.094  18.255  1.00 16.68 ? 57   VAL A N   1 
ATOM   446  C  CA  . VAL A 1 57  ? 11.712  -1.794  18.587  1.00 16.28 ? 57   VAL A CA  1 
ATOM   447  C  C   . VAL A 1 57  ? 12.441  -0.675  17.839  1.00 15.66 ? 57   VAL A C   1 
ATOM   448  O  O   . VAL A 1 57  ? 13.678  -0.640  17.807  1.00 15.58 ? 57   VAL A O   1 
ATOM   449  C  CB  . VAL A 1 57  ? 11.735  -1.505  20.118  1.00 16.33 ? 57   VAL A CB  1 
ATOM   450  C  CG1 . VAL A 1 57  ? 11.018  -0.193  20.435  1.00 16.80 ? 57   VAL A CG1 1 
ATOM   451  C  CG2 . VAL A 1 57  ? 11.104  -2.657  20.907  1.00 17.00 ? 57   VAL A CG2 1 
ATOM   452  N  N   . ILE A 1 58  ? 11.668  0.230   17.242  1.00 14.69 ? 58   ILE A N   1 
ATOM   453  C  CA  . ILE A 1 58  ? 12.230  1.384   16.526  1.00 14.15 ? 58   ILE A CA  1 
ATOM   454  C  C   . ILE A 1 58  ? 11.623  2.712   17.005  1.00 14.12 ? 58   ILE A C   1 
ATOM   455  O  O   . ILE A 1 58  ? 10.648  2.727   17.758  1.00 14.14 ? 58   ILE A O   1 
ATOM   456  C  CB  . ILE A 1 58  ? 12.099  1.239   14.975  1.00 14.13 ? 58   ILE A CB  1 
ATOM   457  C  CG1 . ILE A 1 58  ? 10.624  1.227   14.540  1.00 13.71 ? 58   ILE A CG1 1 
ATOM   458  C  CG2 . ILE A 1 58  ? 12.855  -0.007  14.479  1.00 13.61 ? 58   ILE A CG2 1 
ATOM   459  C  CD1 . ILE A 1 58  ? 10.414  1.259   13.035  1.00 10.89 ? 58   ILE A CD1 1 
ATOM   460  N  N   . THR A 1 59  ? 12.213  3.820   16.569  1.00 14.02 ? 59   THR A N   1 
ATOM   461  C  CA  . THR A 1 59  ? 11.707  5.146   16.907  1.00 14.07 ? 59   THR A CA  1 
ATOM   462  C  C   . THR A 1 59  ? 10.718  5.625   15.846  1.00 14.12 ? 59   THR A C   1 
ATOM   463  O  O   . THR A 1 59  ? 10.645  5.052   14.756  1.00 13.79 ? 59   THR A O   1 
ATOM   464  C  CB  . THR A 1 59  ? 12.852  6.171   17.025  1.00 14.16 ? 59   THR A CB  1 
ATOM   465  O  OG1 . THR A 1 59  ? 13.478  6.340   15.748  1.00 14.00 ? 59   THR A OG1 1 
ATOM   466  C  CG2 . THR A 1 59  ? 13.892  5.706   18.042  1.00 14.31 ? 59   THR A CG2 1 
ATOM   467  N  N   . LYS A 1 60  ? 9.965   6.678   16.166  1.00 13.97 ? 60   LYS A N   1 
ATOM   468  C  CA  . LYS A 1 60  ? 9.052   7.288   15.200  1.00 14.25 ? 60   LYS A CA  1 
ATOM   469  C  C   . LYS A 1 60  ? 9.792   7.750   13.948  1.00 13.94 ? 60   LYS A C   1 
ATOM   470  O  O   . LYS A 1 60  ? 9.328   7.515   12.831  1.00 13.95 ? 60   LYS A O   1 
ATOM   471  C  CB  . LYS A 1 60  ? 8.279   8.455   15.828  1.00 14.17 ? 60   LYS A CB  1 
ATOM   472  C  CG  . LYS A 1 60  ? 7.143   8.978   14.952  1.00 16.08 ? 60   LYS A CG  1 
ATOM   473  C  CD  . LYS A 1 60  ? 6.315   10.031  15.672  1.00 18.38 ? 60   LYS A CD  1 
ATOM   474  C  CE  . LYS A 1 60  ? 5.130   10.457  14.825  1.00 20.65 ? 60   LYS A CE  1 
ATOM   475  N  NZ  . LYS A 1 60  ? 4.358   11.572  15.434  1.00 22.79 ? 60   LYS A NZ  1 
ATOM   476  N  N   . ASP A 1 61  ? 10.945  8.396   14.140  1.00 13.97 ? 61   ASP A N   1 
ATOM   477  C  CA  . ASP A 1 61  ? 11.761  8.870   13.022  1.00 13.96 ? 61   ASP A CA  1 
ATOM   478  C  C   . ASP A 1 61  ? 12.184  7.712   12.118  1.00 13.26 ? 61   ASP A C   1 
ATOM   479  O  O   . ASP A 1 61  ? 12.086  7.807   10.892  1.00 12.86 ? 61   ASP A O   1 
ATOM   480  C  CB  . ASP A 1 61  ? 12.998  9.627   13.523  1.00 14.59 ? 61   ASP A CB  1 
ATOM   481  C  CG  . ASP A 1 61  ? 12.660  10.984  14.132  1.00 16.51 ? 61   ASP A CG  1 
ATOM   482  O  OD1 . ASP A 1 61  ? 11.470  11.363  14.173  1.00 19.21 ? 61   ASP A OD1 1 
ATOM   483  O  OD2 . ASP A 1 61  ? 13.604  11.675  14.574  1.00 19.08 ? 61   ASP A OD2 1 
ATOM   484  N  N   . GLU A 1 62  ? 12.636  6.617   12.732  1.00 12.75 ? 62   GLU A N   1 
ATOM   485  C  CA  . GLU A 1 62  ? 13.040  5.429   11.979  1.00 12.39 ? 62   GLU A CA  1 
ATOM   486  C  C   . GLU A 1 62  ? 11.867  4.839   11.189  1.00 11.94 ? 62   GLU A C   1 
ATOM   487  O  O   . GLU A 1 62  ? 12.019  4.481   10.021  1.00 12.17 ? 62   GLU A O   1 
ATOM   488  C  CB  . GLU A 1 62  ? 13.675  4.385   12.904  1.00 12.50 ? 62   GLU A CB  1 
ATOM   489  C  CG  . GLU A 1 62  ? 15.080  4.777   13.370  1.00 12.51 ? 62   GLU A CG  1 
ATOM   490  C  CD  . GLU A 1 62  ? 15.601  3.931   14.527  1.00 14.09 ? 62   GLU A CD  1 
ATOM   491  O  OE1 . GLU A 1 62  ? 14.809  3.212   15.175  1.00 12.37 ? 62   GLU A OE1 1 
ATOM   492  O  OE2 . GLU A 1 62  ? 16.821  3.991   14.786  1.00 14.95 ? 62   GLU A OE2 1 
ATOM   493  N  N   . ALA A 1 63  ? 10.700  4.774   11.824  1.00 11.88 ? 63   ALA A N   1 
ATOM   494  C  CA  . ALA A 1 63  ? 9.481   4.300   11.167  1.00 11.66 ? 63   ALA A CA  1 
ATOM   495  C  C   . ALA A 1 63  ? 9.132   5.160   9.950   1.00 11.50 ? 63   ALA A C   1 
ATOM   496  O  O   . ALA A 1 63  ? 8.821   4.639   8.877   1.00 11.34 ? 63   ALA A O   1 
ATOM   497  C  CB  . ALA A 1 63  ? 8.325   4.279   12.149  1.00 12.02 ? 63   ALA A CB  1 
ATOM   498  N  N   . GLU A 1 64  ? 9.204   6.478   10.128  1.00 11.38 ? 64   GLU A N   1 
ATOM   499  C  CA  . GLU A 1 64  ? 8.901   7.425   9.053   1.00 11.46 ? 64   GLU A CA  1 
ATOM   500  C  C   . GLU A 1 64  ? 9.917   7.369   7.913   1.00 11.48 ? 64   GLU A C   1 
ATOM   501  O  O   . GLU A 1 64  ? 9.567   7.585   6.751   1.00 11.14 ? 64   GLU A O   1 
ATOM   502  C  CB  . GLU A 1 64  ? 8.775   8.844   9.610   1.00 11.65 ? 64   GLU A CB  1 
ATOM   503  C  CG  . GLU A 1 64  ? 7.544   9.015   10.488  1.00 12.91 ? 64   GLU A CG  1 
ATOM   504  C  CD  . GLU A 1 64  ? 7.480   10.360  11.172  1.00 16.04 ? 64   GLU A CD  1 
ATOM   505  O  OE1 . GLU A 1 64  ? 6.390   10.700  11.679  1.00 18.16 ? 64   GLU A OE1 1 
ATOM   506  O  OE2 . GLU A 1 64  ? 8.506   11.072  11.211  1.00 17.57 ? 64   GLU A OE2 1 
ATOM   507  N  N   . LYS A 1 65  ? 11.168  7.058   8.244   1.00 11.26 ? 65   LYS A N   1 
ATOM   508  C  CA  . LYS A 1 65  ? 12.199  6.893   7.226   1.00 11.59 ? 65   LYS A CA  1 
ATOM   509  C  C   . LYS A 1 65  ? 11.875  5.693   6.337   1.00 11.23 ? 65   LYS A C   1 
ATOM   510  O  O   . LYS A 1 65  ? 11.892  5.801   5.108   1.00 11.17 ? 65   LYS A O   1 
ATOM   511  C  CB  . LYS A 1 65  ? 13.581  6.749   7.869   1.00 11.90 ? 65   LYS A CB  1 
ATOM   512  C  CG  . LYS A 1 65  ? 14.730  6.703   6.871   1.00 12.77 ? 65   LYS A CG  1 
ATOM   513  C  CD  . LYS A 1 65  ? 16.063  6.678   7.598   1.00 15.67 ? 65   LYS A CD  1 
ATOM   514  C  CE  . LYS A 1 65  ? 17.208  6.310   6.664   1.00 18.15 ? 65   LYS A CE  1 
ATOM   515  N  NZ  . LYS A 1 65  ? 17.919  7.484   6.095   1.00 19.14 ? 65   LYS A NZ  1 
ATOM   516  N  N   . LEU A 1 66  ? 11.567  4.555   6.959   1.00 10.91 ? 66   LEU A N   1 
ATOM   517  C  CA  . LEU A 1 66  ? 11.157  3.364   6.209   1.00 10.83 ? 66   LEU A CA  1 
ATOM   518  C  C   . LEU A 1 66  ? 9.929   3.655   5.353   1.00 10.58 ? 66   LEU A C   1 
ATOM   519  O  O   . LEU A 1 66  ? 9.841   3.222   4.204   1.00 10.33 ? 66   LEU A O   1 
ATOM   520  C  CB  . LEU A 1 66  ? 10.865  2.200   7.159   1.00 11.11 ? 66   LEU A CB  1 
ATOM   521  C  CG  . LEU A 1 66  ? 12.037  1.609   7.947   1.00 11.60 ? 66   LEU A CG  1 
ATOM   522  C  CD1 . LEU A 1 66  ? 11.531  0.438   8.765   1.00 12.98 ? 66   LEU A CD1 1 
ATOM   523  C  CD2 . LEU A 1 66  ? 13.170  1.168   7.010   1.00 13.33 ? 66   LEU A CD2 1 
ATOM   524  N  N   . PHE A 1 67  ? 8.991   4.403   5.921   1.00 10.52 ? 67   PHE A N   1 
ATOM   525  C  CA  . PHE A 1 67  ? 7.748   4.753   5.234   1.00 10.67 ? 67   PHE A CA  1 
ATOM   526  C  C   . PHE A 1 67  ? 8.030   5.564   3.970   1.00 10.76 ? 67   PHE A C   1 
ATOM   527  O  O   . PHE A 1 67  ? 7.494   5.259   2.897   1.00 10.73 ? 67   PHE A O   1 
ATOM   528  C  CB  . PHE A 1 67  ? 6.830   5.504   6.203   1.00 10.88 ? 67   PHE A CB  1 
ATOM   529  C  CG  . PHE A 1 67  ? 5.462   5.823   5.652   1.00 10.85 ? 67   PHE A CG  1 
ATOM   530  C  CD1 . PHE A 1 67  ? 4.743   4.888   4.902   1.00 11.26 ? 67   PHE A CD1 1 
ATOM   531  C  CD2 . PHE A 1 67  ? 4.877   7.054   5.930   1.00 10.89 ? 67   PHE A CD2 1 
ATOM   532  C  CE1 . PHE A 1 67  ? 3.475   5.192   4.418   1.00 11.30 ? 67   PHE A CE1 1 
ATOM   533  C  CE2 . PHE A 1 67  ? 3.606   7.364   5.459   1.00 11.05 ? 67   PHE A CE2 1 
ATOM   534  C  CZ  . PHE A 1 67  ? 2.909   6.433   4.692   1.00 10.92 ? 67   PHE A CZ  1 
ATOM   535  N  N   . ASN A 1 68  ? 8.883   6.582   4.097   1.00 10.52 ? 68   ASN A N   1 
ATOM   536  C  CA  A ASN A 1 68  ? 9.282   7.381   2.948   0.70 10.86 ? 68   ASN A CA  1 
ATOM   537  C  CA  B ASN A 1 68  ? 9.320   7.388   2.954   0.30 10.46 ? 68   ASN A CA  1 
ATOM   538  C  C   . ASN A 1 68  ? 9.907   6.507   1.857   1.00 10.53 ? 68   ASN A C   1 
ATOM   539  O  O   . ASN A 1 68  ? 9.582   6.649   0.682   1.00 10.49 ? 68   ASN A O   1 
ATOM   540  C  CB  A ASN A 1 68  ? 10.241  8.494   3.379   0.70 11.10 ? 68   ASN A CB  1 
ATOM   541  C  CB  B ASN A 1 68  ? 10.365  8.426   3.385   0.30 10.32 ? 68   ASN A CB  1 
ATOM   542  C  CG  A ASN A 1 68  ? 10.296  9.639   2.386   0.70 12.46 ? 68   ASN A CG  1 
ATOM   543  C  CG  B ASN A 1 68  ? 9.748   9.705   3.924   0.30 10.02 ? 68   ASN A CG  1 
ATOM   544  O  OD1 A ASN A 1 68  ? 10.007  9.470   1.203   0.70 14.98 ? 68   ASN A OD1 1 
ATOM   545  O  OD1 B ASN A 1 68  ? 8.807   10.246  3.351   0.30 9.49  ? 68   ASN A OD1 1 
ATOM   546  N  ND2 A ASN A 1 68  ? 10.671  10.816  2.869   0.70 13.68 ? 68   ASN A ND2 1 
ATOM   547  N  ND2 B ASN A 1 68  ? 10.299  10.206  5.025   0.30 9.14  ? 68   ASN A ND2 1 
ATOM   548  N  N   . GLN A 1 69  ? 10.782  5.587   2.260   1.00 10.64 ? 69   GLN A N   1 
ATOM   549  C  CA  . GLN A 1 69  ? 11.420  4.664   1.323   1.00 10.39 ? 69   GLN A CA  1 
ATOM   550  C  C   . GLN A 1 69  ? 10.406  3.761   0.634   1.00 10.54 ? 69   GLN A C   1 
ATOM   551  O  O   . GLN A 1 69  ? 10.478  3.547   -0.577  1.00 10.31 ? 69   GLN A O   1 
ATOM   552  C  CB  . GLN A 1 69  ? 12.475  3.823   2.039   1.00 10.68 ? 69   GLN A CB  1 
ATOM   553  C  CG  . GLN A 1 69  ? 13.644  4.655   2.520   1.00 10.59 ? 69   GLN A CG  1 
ATOM   554  C  CD  . GLN A 1 69  ? 14.710  3.857   3.243   1.00 11.87 ? 69   GLN A CD  1 
ATOM   555  O  OE1 . GLN A 1 69  ? 15.809  4.366   3.470   1.00 12.51 ? 69   GLN A OE1 1 
ATOM   556  N  NE2 . GLN A 1 69  ? 14.397  2.616   3.619   1.00 10.83 ? 69   GLN A NE2 1 
ATOM   557  N  N   . ASP A 1 70  ? 9.464   3.243   1.420   1.00 10.48 ? 70   ASP A N   1 
ATOM   558  C  CA  . ASP A 1 70  ? 8.442   2.343   0.910   1.00 10.90 ? 70   ASP A CA  1 
ATOM   559  C  C   . ASP A 1 70  ? 7.502   3.013   -0.092  1.00 10.88 ? 70   ASP A C   1 
ATOM   560  O  O   . ASP A 1 70  ? 7.194   2.423   -1.123  1.00 10.89 ? 70   ASP A O   1 
ATOM   561  C  CB  . ASP A 1 70  ? 7.647   1.726   2.062   1.00 10.63 ? 70   ASP A CB  1 
ATOM   562  C  CG  . ASP A 1 70  ? 8.480   0.779   2.911   1.00 11.27 ? 70   ASP A CG  1 
ATOM   563  O  OD1 . ASP A 1 70  ? 9.595   0.380   2.487   1.00 10.46 ? 70   ASP A OD1 1 
ATOM   564  O  OD2 . ASP A 1 70  ? 8.011   0.435   4.019   1.00 11.25 ? 70   ASP A OD2 1 
ATOM   565  N  N   . VAL A 1 71  ? 7.052   4.233   0.216   1.00 11.59 ? 71   VAL A N   1 
ATOM   566  C  CA  . VAL A 1 71  ? 6.202   4.996   -0.711  1.00 12.27 ? 71   VAL A CA  1 
ATOM   567  C  C   . VAL A 1 71  ? 6.971   5.258   -2.008  1.00 12.56 ? 71   VAL A C   1 
ATOM   568  O  O   . VAL A 1 71  ? 6.456   5.030   -3.107  1.00 12.46 ? 71   VAL A O   1 
ATOM   569  C  CB  . VAL A 1 71  ? 5.697   6.333   -0.096  1.00 12.30 ? 71   VAL A CB  1 
ATOM   570  C  CG1 . VAL A 1 71  ? 4.987   7.190   -1.153  1.00 12.62 ? 71   VAL A CG1 1 
ATOM   571  C  CG2 . VAL A 1 71  ? 4.753   6.074   1.084   1.00 12.60 ? 71   VAL A CG2 1 
ATOM   572  N  N   . ASP A 1 72  ? 8.214   5.720   -1.862  1.00 13.09 ? 72   ASP A N   1 
ATOM   573  C  CA  . ASP A 1 72  ? 9.114   5.947   -2.992  1.00 13.71 ? 72   ASP A CA  1 
ATOM   574  C  C   . ASP A 1 72  ? 9.241   4.685   -3.849  1.00 13.56 ? 72   ASP A C   1 
ATOM   575  O  O   . ASP A 1 72  ? 9.067   4.733   -5.072  1.00 13.43 ? 72   ASP A O   1 
ATOM   576  C  CB  . ASP A 1 72  ? 10.492  6.374   -2.467  1.00 14.13 ? 72   ASP A CB  1 
ATOM   577  C  CG  . ASP A 1 72  ? 11.312  7.133   -3.489  1.00 16.24 ? 72   ASP A CG  1 
ATOM   578  O  OD1 . ASP A 1 72  ? 12.508  7.368   -3.214  1.00 18.66 ? 72   ASP A OD1 1 
ATOM   579  O  OD2 . ASP A 1 72  ? 10.777  7.510   -4.551  1.00 19.55 ? 72   ASP A OD2 1 
ATOM   580  N  N   . ALA A 1 73  ? 9.525   3.559   -3.198  1.00 13.59 ? 73   ALA A N   1 
ATOM   581  C  CA  . ALA A 1 73  ? 9.697   2.277   -3.882  1.00 13.86 ? 73   ALA A CA  1 
ATOM   582  C  C   . ALA A 1 73  ? 8.433   1.843   -4.623  1.00 13.88 ? 73   ALA A C   1 
ATOM   583  O  O   . ALA A 1 73  ? 8.518   1.322   -5.735  1.00 14.00 ? 73   ALA A O   1 
ATOM   584  C  CB  . ALA A 1 73  ? 10.134  1.197   -2.905  1.00 14.06 ? 73   ALA A CB  1 
ATOM   585  N  N   . ALA A 1 74  ? 7.272   2.068   -4.006  1.00 13.96 ? 74   ALA A N   1 
ATOM   586  C  CA  . ALA A 1 74  ? 5.984   1.721   -4.619  1.00 14.13 ? 74   ALA A CA  1 
ATOM   587  C  C   . ALA A 1 74  ? 5.790   2.484   -5.929  1.00 14.34 ? 74   ALA A C   1 
ATOM   588  O  O   . ALA A 1 74  ? 5.495   1.886   -6.970  1.00 14.27 ? 74   ALA A O   1 
ATOM   589  C  CB  . ALA A 1 74  ? 4.836   2.009   -3.654  1.00 14.13 ? 74   ALA A CB  1 
ATOM   590  N  N   . VAL A 1 75  ? 5.980   3.801   -5.870  1.00 14.64 ? 75   VAL A N   1 
ATOM   591  C  CA  . VAL A 1 75  ? 5.846   4.656   -7.048  1.00 15.36 ? 75   VAL A CA  1 
ATOM   592  C  C   . VAL A 1 75  ? 6.820   4.222   -8.144  1.00 15.52 ? 75   VAL A C   1 
ATOM   593  O  O   . VAL A 1 75  ? 6.423   4.041   -9.302  1.00 15.53 ? 75   VAL A O   1 
ATOM   594  C  CB  . VAL A 1 75  ? 6.072   6.147   -6.704  1.00 15.28 ? 75   VAL A CB  1 
ATOM   595  C  CG1 . VAL A 1 75  ? 6.024   6.999   -7.967  1.00 16.05 ? 75   VAL A CG1 1 
ATOM   596  C  CG2 . VAL A 1 75  ? 5.034   6.625   -5.714  1.00 15.53 ? 75   VAL A CG2 1 
ATOM   597  N  N   . ARG A 1 76  ? 8.087   4.044   -7.772  1.00 16.02 ? 76   ARG A N   1 
ATOM   598  C  CA  . ARG A 1 76  ? 9.118   3.628   -8.727  1.00 16.65 ? 76   ARG A CA  1 
ATOM   599  C  C   . ARG A 1 76  ? 8.804   2.286   -9.376  1.00 16.66 ? 76   ARG A C   1 
ATOM   600  O  O   . ARG A 1 76  ? 9.043   2.103   -10.571 1.00 16.67 ? 76   ARG A O   1 
ATOM   601  C  CB  . ARG A 1 76  ? 10.501  3.595   -8.071  1.00 16.94 ? 76   ARG A CB  1 
ATOM   602  C  CG  . ARG A 1 76  ? 11.122  4.970   -7.869  1.00 18.98 ? 76   ARG A CG  1 
ATOM   603  C  CD  . ARG A 1 76  ? 11.040  5.817   -9.140  1.00 22.37 ? 76   ARG A CD  1 
ATOM   604  N  NE  . ARG A 1 76  ? 12.082  5.523   -10.121 1.00 24.40 ? 76   ARG A NE  1 
ATOM   605  C  CZ  . ARG A 1 76  ? 13.287  6.088   -10.127 1.00 25.33 ? 76   ARG A CZ  1 
ATOM   606  N  NH1 . ARG A 1 76  ? 14.161  5.764   -11.068 1.00 25.38 ? 76   ARG A NH1 1 
ATOM   607  N  NH2 . ARG A 1 76  ? 13.622  6.969   -9.190  1.00 25.65 ? 76   ARG A NH2 1 
ATOM   608  N  N   . GLY A 1 77  ? 8.266   1.362   -8.582  1.00 16.49 ? 77   GLY A N   1 
ATOM   609  C  CA  . GLY A 1 77  ? 7.818   0.058   -9.069  1.00 16.47 ? 77   GLY A CA  1 
ATOM   610  C  C   . GLY A 1 77  ? 6.763   0.158   -10.157 1.00 16.57 ? 77   GLY A C   1 
ATOM   611  O  O   . GLY A 1 77  ? 6.815   -0.571  -11.154 1.00 16.38 ? 77   GLY A O   1 
ATOM   612  N  N   . ILE A 1 78  ? 5.799   1.060   -9.958  1.00 16.40 ? 78   ILE A N   1 
ATOM   613  C  CA  . ILE A 1 78  ? 4.752   1.320   -10.943 1.00 16.56 ? 78   ILE A CA  1 
ATOM   614  C  C   . ILE A 1 78  ? 5.359   1.809   -12.260 1.00 16.99 ? 78   ILE A C   1 
ATOM   615  O  O   . ILE A 1 78  ? 5.064   1.261   -13.326 1.00 16.94 ? 78   ILE A O   1 
ATOM   616  C  CB  . ILE A 1 78  ? 3.718   2.360   -10.428 1.00 16.28 ? 78   ILE A CB  1 
ATOM   617  C  CG1 . ILE A 1 78  ? 2.927   1.801   -9.241  1.00 16.32 ? 78   ILE A CG1 1 
ATOM   618  C  CG2 . ILE A 1 78  ? 2.768   2.785   -11.543 1.00 15.95 ? 78   ILE A CG2 1 
ATOM   619  C  CD1 . ILE A 1 78  ? 2.082   2.839   -8.508  1.00 15.63 ? 78   ILE A CD1 1 
ATOM   620  N  N   . LEU A 1 79  ? 6.216   2.826   -12.173 1.00 17.57 ? 79   LEU A N   1 
ATOM   621  C  CA  . LEU A 1 79  ? 6.785   3.473   -13.360 1.00 18.35 ? 79   LEU A CA  1 
ATOM   622  C  C   . LEU A 1 79  ? 7.750   2.568   -14.132 1.00 19.14 ? 79   LEU A C   1 
ATOM   623  O  O   . LEU A 1 79  ? 7.938   2.743   -15.339 1.00 19.05 ? 79   LEU A O   1 
ATOM   624  C  CB  . LEU A 1 79  ? 7.466   4.798   -12.982 1.00 18.36 ? 79   LEU A CB  1 
ATOM   625  C  CG  . LEU A 1 79  ? 6.592   5.859   -12.293 1.00 17.93 ? 79   LEU A CG  1 
ATOM   626  C  CD1 . LEU A 1 79  ? 7.438   7.051   -11.870 1.00 18.86 ? 79   LEU A CD1 1 
ATOM   627  C  CD2 . LEU A 1 79  ? 5.434   6.313   -13.182 1.00 18.47 ? 79   LEU A CD2 1 
ATOM   628  N  N   . ARG A 1 80  ? 8.333   1.601   -13.423 1.00 20.19 ? 80   ARG A N   1 
ATOM   629  C  CA  . ARG A 1 80  ? 9.272   0.630   -13.988 1.00 21.41 ? 80   ARG A CA  1 
ATOM   630  C  C   . ARG A 1 80  ? 8.552   -0.425  -14.820 1.00 21.77 ? 80   ARG A C   1 
ATOM   631  O  O   . ARG A 1 80  ? 9.140   -1.020  -15.726 1.00 22.07 ? 80   ARG A O   1 
ATOM   632  C  CB  . ARG A 1 80  ? 10.042  -0.057  -12.855 1.00 21.45 ? 80   ARG A CB  1 
ATOM   633  C  CG  . ARG A 1 80  ? 11.377  -0.653  -13.257 1.00 23.72 ? 80   ARG A CG  1 
ATOM   634  C  CD  . ARG A 1 80  ? 12.148  -1.154  -12.045 1.00 25.70 ? 80   ARG A CD  1 
ATOM   635  N  NE  . ARG A 1 80  ? 12.601  -0.055  -11.195 1.00 27.45 ? 80   ARG A NE  1 
ATOM   636  C  CZ  . ARG A 1 80  ? 12.173  0.176   -9.954  1.00 27.89 ? 80   ARG A CZ  1 
ATOM   637  N  NH1 . ARG A 1 80  ? 11.272  -0.616  -9.384  1.00 28.17 ? 80   ARG A NH1 1 
ATOM   638  N  NH2 . ARG A 1 80  ? 12.660  1.208   -9.277  1.00 28.81 ? 80   ARG A NH2 1 
ATOM   639  N  N   . ASN A 1 81  ? 7.286   -0.664  -14.494 1.00 22.23 ? 81   ASN A N   1 
ATOM   640  C  CA  . ASN A 1 81  ? 6.478   -1.653  -15.193 1.00 22.81 ? 81   ASN A CA  1 
ATOM   641  C  C   . ASN A 1 81  ? 5.825   -1.047  -16.435 1.00 22.85 ? 81   ASN A C   1 
ATOM   642  O  O   . ASN A 1 81  ? 4.920   -0.218  -16.327 1.00 22.62 ? 81   ASN A O   1 
ATOM   643  C  CB  . ASN A 1 81  ? 5.429   -2.236  -14.243 1.00 22.97 ? 81   ASN A CB  1 
ATOM   644  C  CG  . ASN A 1 81  ? 4.731   -3.456  -14.814 1.00 23.91 ? 81   ASN A CG  1 
ATOM   645  O  OD1 . ASN A 1 81  ? 4.314   -3.470  -15.975 1.00 25.32 ? 81   ASN A OD1 1 
ATOM   646  N  ND2 . ASN A 1 81  ? 4.588   -4.488  -13.990 1.00 24.67 ? 81   ASN A ND2 1 
ATOM   647  N  N   . ALA A 1 82  ? 6.283   -1.483  -17.609 1.00 22.98 ? 82   ALA A N   1 
ATOM   648  C  CA  . ALA A 1 82  ? 5.863   -0.904  -18.894 1.00 23.24 ? 82   ALA A CA  1 
ATOM   649  C  C   . ALA A 1 82  ? 4.358   -1.003  -19.176 1.00 23.23 ? 82   ALA A C   1 
ATOM   650  O  O   . ALA A 1 82  ? 3.826   -0.265  -20.015 1.00 23.48 ? 82   ALA A O   1 
ATOM   651  C  CB  . ALA A 1 82  ? 6.666   -1.520  -20.041 1.00 23.45 ? 82   ALA A CB  1 
ATOM   652  N  N   . LYS A 1 83  ? 3.682   -1.910  -18.472 1.00 23.23 ? 83   LYS A N   1 
ATOM   653  C  CA  . LYS A 1 83  ? 2.241   -2.098  -18.621 1.00 22.96 ? 83   LYS A CA  1 
ATOM   654  C  C   . LYS A 1 83  ? 1.420   -1.311  -17.595 1.00 22.44 ? 83   LYS A C   1 
ATOM   655  O  O   . LYS A 1 83  ? 0.289   -0.910  -17.883 1.00 22.50 ? 83   LYS A O   1 
ATOM   656  C  CB  . LYS A 1 83  ? 1.876   -3.586  -18.563 1.00 23.60 ? 83   LYS A CB  1 
ATOM   657  C  CG  . LYS A 1 83  ? 2.235   -4.370  -19.826 1.00 24.95 ? 83   LYS A CG  1 
ATOM   658  C  CD  . LYS A 1 83  ? 1.468   -5.685  -19.894 1.00 27.53 ? 83   LYS A CD  1 
ATOM   659  C  CE  . LYS A 1 83  ? 1.826   -6.484  -21.140 1.00 28.87 ? 83   LYS A CE  1 
ATOM   660  N  NZ  . LYS A 1 83  ? 3.188   -7.093  -21.050 1.00 30.12 ? 83   LYS A NZ  1 
ATOM   661  N  N   . LEU A 1 84  ? 1.989   -1.103  -16.404 1.00 21.33 ? 84   LEU A N   1 
ATOM   662  C  CA  . LEU A 1 84  ? 1.308   -0.393  -15.318 1.00 20.14 ? 84   LEU A CA  1 
ATOM   663  C  C   . LEU A 1 84  ? 1.475   1.114   -15.437 1.00 19.38 ? 84   LEU A C   1 
ATOM   664  O  O   . LEU A 1 84  ? 0.586   1.883   -15.050 1.00 19.17 ? 84   LEU A O   1 
ATOM   665  C  CB  . LEU A 1 84  ? 1.852   -0.836  -13.956 1.00 20.24 ? 84   LEU A CB  1 
ATOM   666  C  CG  . LEU A 1 84  ? 1.619   -2.263  -13.455 1.00 20.04 ? 84   LEU A CG  1 
ATOM   667  C  CD1 . LEU A 1 84  ? 2.299   -2.431  -12.108 1.00 19.74 ? 84   LEU A CD1 1 
ATOM   668  C  CD2 . LEU A 1 84  ? 0.137   -2.580  -13.352 1.00 19.52 ? 84   LEU A CD2 1 
ATOM   669  N  N   . LYS A 1 85  ? 2.629   1.522   -15.958 1.00 18.58 ? 85   LYS A N   1 
ATOM   670  C  CA  . LYS A 1 85  ? 2.951   2.936   -16.146 1.00 18.05 ? 85   LYS A CA  1 
ATOM   671  C  C   . LYS A 1 85  ? 1.877   3.713   -16.929 1.00 17.40 ? 85   LYS A C   1 
ATOM   672  O  O   . LYS A 1 85  ? 1.473   4.791   -16.488 1.00 16.96 ? 85   LYS A O   1 
ATOM   673  C  CB  . LYS A 1 85  ? 4.334   3.098   -16.789 1.00 18.12 ? 85   LYS A CB  1 
ATOM   674  C  CG  . LYS A 1 85  ? 4.808   4.535   -16.894 1.00 19.15 ? 85   LYS A CG  1 
ATOM   675  C  CD  . LYS A 1 85  ? 6.154   4.618   -17.604 1.00 20.84 ? 85   LYS A CD  1 
ATOM   676  C  CE  . LYS A 1 85  ? 6.669   6.046   -17.657 1.00 21.79 ? 85   LYS A CE  1 
ATOM   677  N  NZ  . LYS A 1 85  ? 5.828   6.944   -18.495 1.00 23.04 ? 85   LYS A NZ  1 
ATOM   678  N  N   . PRO A 1 86  ? 1.414   3.179   -18.085 1.00 17.01 ? 86   PRO A N   1 
ATOM   679  C  CA  . PRO A 1 86  ? 0.375   3.886   -18.843 1.00 16.57 ? 86   PRO A CA  1 
ATOM   680  C  C   . PRO A 1 86  ? -0.912  4.126   -18.054 1.00 16.01 ? 86   PRO A C   1 
ATOM   681  O  O   . PRO A 1 86  ? -1.518  5.190   -18.189 1.00 15.63 ? 86   PRO A O   1 
ATOM   682  C  CB  . PRO A 1 86  ? 0.090   2.940   -20.017 1.00 16.65 ? 86   PRO A CB  1 
ATOM   683  C  CG  . PRO A 1 86  ? 1.317   2.141   -20.164 1.00 17.50 ? 86   PRO A CG  1 
ATOM   684  C  CD  . PRO A 1 86  ? 1.820   1.938   -18.771 1.00 17.25 ? 86   PRO A CD  1 
ATOM   685  N  N   . VAL A 1 87  ? -1.331  3.154   -17.247 1.00 15.41 ? 87   VAL A N   1 
ATOM   686  C  CA  . VAL A 1 87  ? -2.553  3.320   -16.460 1.00 14.94 ? 87   VAL A CA  1 
ATOM   687  C  C   . VAL A 1 87  ? -2.347  4.431   -15.434 1.00 14.59 ? 87   VAL A C   1 
ATOM   688  O  O   . VAL A 1 87  ? -3.161  5.348   -15.319 1.00 14.31 ? 87   VAL A O   1 
ATOM   689  C  CB  . VAL A 1 87  ? -3.000  2.015   -15.761 1.00 15.32 ? 87   VAL A CB  1 
ATOM   690  C  CG1 . VAL A 1 87  ? -4.369  2.211   -15.119 1.00 14.80 ? 87   VAL A CG1 1 
ATOM   691  C  CG2 . VAL A 1 87  ? -3.031  0.855   -16.749 1.00 15.92 ? 87   VAL A CG2 1 
ATOM   692  N  N   . TYR A 1 88  ? -1.236  4.348   -14.708 1.00 14.09 ? 88   TYR A N   1 
ATOM   693  C  CA  . TYR A 1 88  ? -0.877  5.347   -13.717 1.00 13.61 ? 88   TYR A CA  1 
ATOM   694  C  C   . TYR A 1 88  ? -0.799  6.746   -14.330 1.00 13.31 ? 88   TYR A C   1 
ATOM   695  O  O   . TYR A 1 88  ? -1.365  7.699   -13.791 1.00 12.72 ? 88   TYR A O   1 
ATOM   696  C  CB  . TYR A 1 88  ? 0.451   4.970   -13.072 1.00 13.91 ? 88   TYR A CB  1 
ATOM   697  C  CG  . TYR A 1 88  ? 0.877   5.892   -11.963 1.00 14.10 ? 88   TYR A CG  1 
ATOM   698  C  CD1 . TYR A 1 88  ? 0.428   5.698   -10.657 1.00 14.54 ? 88   TYR A CD1 1 
ATOM   699  C  CD2 . TYR A 1 88  ? 1.738   6.952   -12.216 1.00 13.98 ? 88   TYR A CD2 1 
ATOM   700  C  CE1 . TYR A 1 88  ? 0.825   6.548   -9.632  1.00 14.50 ? 88   TYR A CE1 1 
ATOM   701  C  CE2 . TYR A 1 88  ? 2.138   7.797   -11.205 1.00 14.94 ? 88   TYR A CE2 1 
ATOM   702  C  CZ  . TYR A 1 88  ? 1.677   7.595   -9.916  1.00 14.82 ? 88   TYR A CZ  1 
ATOM   703  O  OH  . TYR A 1 88  ? 2.083   8.441   -8.914  1.00 15.86 ? 88   TYR A OH  1 
ATOM   704  N  N   . ASP A 1 89  ? -0.112  6.853   -15.466 1.00 12.94 ? 89   ASP A N   1 
ATOM   705  C  CA  . ASP A 1 89  ? 0.050   8.132   -16.167 1.00 13.02 ? 89   ASP A CA  1 
ATOM   706  C  C   . ASP A 1 89  ? -1.278  8.726   -16.629 1.00 12.61 ? 89   ASP A C   1 
ATOM   707  O  O   . ASP A 1 89  ? -1.405  9.945   -16.760 1.00 12.76 ? 89   ASP A O   1 
ATOM   708  C  CB  . ASP A 1 89  ? 0.985   7.969   -17.369 1.00 13.35 ? 89   ASP A CB  1 
ATOM   709  C  CG  . ASP A 1 89  ? 2.450   7.888   -16.970 1.00 14.68 ? 89   ASP A CG  1 
ATOM   710  O  OD1 . ASP A 1 89  ? 2.792   8.198   -15.809 1.00 17.09 ? 89   ASP A OD1 1 
ATOM   711  O  OD2 . ASP A 1 89  ? 3.266   7.515   -17.832 1.00 17.67 ? 89   ASP A OD2 1 
ATOM   712  N  N   . SER A 1 90  ? -2.266  7.864   -16.860 1.00 12.06 ? 90   SER A N   1 
ATOM   713  C  CA  . SER A 1 90  ? -3.580  8.304   -17.332 1.00 11.25 ? 90   SER A CA  1 
ATOM   714  C  C   . SER A 1 90  ? -4.425  8.942   -16.227 1.00 11.22 ? 90   SER A C   1 
ATOM   715  O  O   . SER A 1 90  ? -5.403  9.639   -16.507 1.00 10.69 ? 90   SER A O   1 
ATOM   716  C  CB  . SER A 1 90  ? -4.338  7.138   -17.973 1.00 11.53 ? 90   SER A CB  1 
ATOM   717  O  OG  . SER A 1 90  ? -4.885  6.277   -16.988 1.00 10.39 ? 90   SER A OG  1 
ATOM   718  N  N   . LEU A 1 91  ? -4.035  8.703   -14.975 1.00 10.74 ? 91   LEU A N   1 
ATOM   719  C  CA  . LEU A 1 91  ? -4.809  9.142   -13.815 1.00 10.93 ? 91   LEU A CA  1 
ATOM   720  C  C   . LEU A 1 91  ? -4.462  10.555  -13.348 1.00 10.80 ? 91   LEU A C   1 
ATOM   721  O  O   . LEU A 1 91  ? -3.357  11.041  -13.582 1.00 10.81 ? 91   LEU A O   1 
ATOM   722  C  CB  . LEU A 1 91  ? -4.589  8.176   -12.641 1.00 10.66 ? 91   LEU A CB  1 
ATOM   723  C  CG  . LEU A 1 91  ? -5.012  6.708   -12.771 1.00 11.21 ? 91   LEU A CG  1 
ATOM   724  C  CD1 . LEU A 1 91  ? -4.455  5.888   -11.607 1.00 12.17 ? 91   LEU A CD1 1 
ATOM   725  C  CD2 . LEU A 1 91  ? -6.531  6.585   -12.842 1.00 11.98 ? 91   LEU A CD2 1 
ATOM   726  N  N   . ASP A 1 92  ? -5.429  11.192  -12.691 1.00 10.68 ? 92   ASP A N   1 
ATOM   727  C  CA  . ASP A 1 92  ? -5.230  12.424  -11.929 1.00 10.80 ? 92   ASP A CA  1 
ATOM   728  C  C   . ASP A 1 92  ? -4.468  12.118  -10.630 1.00 10.90 ? 92   ASP A C   1 
ATOM   729  O  O   . ASP A 1 92  ? -4.338  10.951  -10.240 1.00 10.67 ? 92   ASP A O   1 
ATOM   730  C  CB  . ASP A 1 92  ? -6.592  13.010  -11.568 1.00 10.73 ? 92   ASP A CB  1 
ATOM   731  C  CG  . ASP A 1 92  ? -7.441  12.024  -10.806 1.00 10.69 ? 92   ASP A CG  1 
ATOM   732  O  OD1 . ASP A 1 92  ? -8.069  11.172  -11.462 1.00 10.33 ? 92   ASP A OD1 1 
ATOM   733  O  OD2 . ASP A 1 92  ? -7.430  12.077  -9.557  1.00 10.84 ? 92   ASP A OD2 1 
ATOM   734  N  N   . ALA A 1 93  ? -4.002  13.166  -9.948  1.00 10.76 ? 93   ALA A N   1 
ATOM   735  C  CA  . ALA A 1 93  ? -3.166  13.006  -8.747  1.00 10.95 ? 93   ALA A CA  1 
ATOM   736  C  C   . ALA A 1 93  ? -3.848  12.267  -7.591  1.00 10.66 ? 93   ALA A C   1 
ATOM   737  O  O   . ALA A 1 93  ? -3.194  11.499  -6.882  1.00 10.88 ? 93   ALA A O   1 
ATOM   738  C  CB  . ALA A 1 93  ? -2.639  14.358  -8.277  1.00 10.90 ? 93   ALA A CB  1 
ATOM   739  N  N   . VAL A 1 94  ? -5.151  12.484  -7.409  1.00 10.57 ? 94   VAL A N   1 
ATOM   740  C  CA  . VAL A 1 94  ? -5.889  11.824  -6.320  1.00 10.21 ? 94   VAL A CA  1 
ATOM   741  C  C   . VAL A 1 94  ? -5.977  10.312  -6.580  1.00 9.90  ? 94   VAL A C   1 
ATOM   742  O  O   . VAL A 1 94  ? -5.655  9.499   -5.714  1.00 9.80  ? 94   VAL A O   1 
ATOM   743  C  CB  . VAL A 1 94  ? -7.293  12.454  -6.082  1.00 10.34 ? 94   VAL A CB  1 
ATOM   744  C  CG1 . VAL A 1 94  ? -8.062  11.688  -5.007  1.00 11.20 ? 94   VAL A CG1 1 
ATOM   745  C  CG2 . VAL A 1 94  ? -7.167  13.931  -5.681  1.00 10.84 ? 94   VAL A CG2 1 
ATOM   746  N  N   . ARG A 1 95  ? -6.381  9.938   -7.787  1.00 9.26  ? 95   ARG A N   1 
ATOM   747  C  CA  . ARG A 1 95  ? -6.448  8.518   -8.150  1.00 8.89  ? 95   ARG A CA  1 
ATOM   748  C  C   . ARG A 1 95  ? -5.068  7.845   -8.194  1.00 8.93  ? 95   ARG A C   1 
ATOM   749  O  O   . ARG A 1 95  ? -4.942  6.656   -7.880  1.00 8.77  ? 95   ARG A O   1 
ATOM   750  C  CB  . ARG A 1 95  ? -7.218  8.335   -9.453  1.00 8.84  ? 95   ARG A CB  1 
ATOM   751  C  CG  . ARG A 1 95  ? -8.682  8.719   -9.320  1.00 8.67  ? 95   ARG A CG  1 
ATOM   752  C  CD  . ARG A 1 95  ? -9.442  8.388   -10.579 1.00 9.09  ? 95   ARG A CD  1 
ATOM   753  N  NE  . ARG A 1 95  ? -10.884 8.561   -10.418 1.00 9.49  ? 95   ARG A NE  1 
ATOM   754  C  CZ  . ARG A 1 95  ? -11.565 9.679   -10.675 1.00 10.26 ? 95   ARG A CZ  1 
ATOM   755  N  NH1 . ARG A 1 95  ? -10.952 10.785  -11.102 1.00 9.99  ? 95   ARG A NH1 1 
ATOM   756  N  NH2 . ARG A 1 95  ? -12.878 9.693   -10.489 1.00 10.84 ? 95   ARG A NH2 1 
ATOM   757  N  N   . ARG A 1 96  ? -4.033  8.601   -8.559  1.00 8.89  ? 96   ARG A N   1 
ATOM   758  C  CA  . ARG A 1 96  ? -2.656  8.090   -8.482  1.00 9.20  ? 96   ARG A CA  1 
ATOM   759  C  C   . ARG A 1 96  ? -2.308  7.653   -7.058  1.00 9.12  ? 96   ARG A C   1 
ATOM   760  O  O   . ARG A 1 96  ? -1.664  6.617   -6.853  1.00 9.05  ? 96   ARG A O   1 
ATOM   761  C  CB  . ARG A 1 96  ? -1.656  9.136   -8.975  1.00 9.52  ? 96   ARG A CB  1 
ATOM   762  C  CG  . ARG A 1 96  ? -1.601  9.227   -10.486 1.00 10.39 ? 96   ARG A CG  1 
ATOM   763  C  CD  . ARG A 1 96  ? -0.606  10.274  -10.961 1.00 12.13 ? 96   ARG A CD  1 
ATOM   764  N  NE  . ARG A 1 96  ? -0.655  10.394  -12.415 1.00 13.34 ? 96   ARG A NE  1 
ATOM   765  C  CZ  . ARG A 1 96  ? -0.071  11.361  -13.118 1.00 14.39 ? 96   ARG A CZ  1 
ATOM   766  N  NH1 . ARG A 1 96  ? 0.628   12.312  -12.507 1.00 15.81 ? 96   ARG A NH1 1 
ATOM   767  N  NH2 . ARG A 1 96  ? -0.190  11.378  -14.440 1.00 14.08 ? 96   ARG A NH2 1 
ATOM   768  N  N   . ALA A 1 97  ? -2.745  8.444   -6.082  1.00 9.07  ? 97   ALA A N   1 
ATOM   769  C  CA  . ALA A 1 97  ? -2.561  8.106   -4.674  1.00 9.25  ? 97   ALA A CA  1 
ATOM   770  C  C   . ALA A 1 97  ? -3.232  6.771   -4.359  1.00 9.09  ? 97   ALA A C   1 
ATOM   771  O  O   . ALA A 1 97  ? -2.651  5.926   -3.667  1.00 9.65  ? 97   ALA A O   1 
ATOM   772  C  CB  . ALA A 1 97  ? -3.103  9.202   -3.789  1.00 9.32  ? 97   ALA A CB  1 
ATOM   773  N  N   . ALA A 1 98  ? -4.442  6.575   -4.881  1.00 8.67  ? 98   ALA A N   1 
ATOM   774  C  CA  . ALA A 1 98  ? -5.169  5.317   -4.677  1.00 8.41  ? 98   ALA A CA  1 
ATOM   775  C  C   . ALA A 1 98  ? -4.413  4.122   -5.281  1.00 8.59  ? 98   ALA A C   1 
ATOM   776  O  O   . ALA A 1 98  ? -4.373  3.038   -4.688  1.00 8.41  ? 98   ALA A O   1 
ATOM   777  C  CB  . ALA A 1 98  ? -6.580  5.418   -5.230  1.00 8.57  ? 98   ALA A CB  1 
ATOM   778  N  N   . ALA A 1 99  ? -3.807  4.335   -6.450  1.00 8.45  ? 99   ALA A N   1 
ATOM   779  C  CA  . ALA A 1 99  ? -2.946  3.328   -7.076  1.00 8.54  ? 99   ALA A CA  1 
ATOM   780  C  C   . ALA A 1 99  ? -1.746  2.966   -6.201  1.00 8.68  ? 99   ALA A C   1 
ATOM   781  O  O   . ALA A 1 99  ? -1.439  1.781   -6.009  1.00 9.04  ? 99   ALA A O   1 
ATOM   782  C  CB  . ALA A 1 99  ? -2.481  3.801   -8.450  1.00 8.65  ? 99   ALA A CB  1 
ATOM   783  N  N   . ILE A 1 100 ? -1.073  3.987   -5.670  1.00 8.40  ? 100  ILE A N   1 
ATOM   784  C  CA  . ILE A 1 100 ? 0.091   3.772   -4.805  1.00 8.85  ? 100  ILE A CA  1 
ATOM   785  C  C   . ILE A 1 100 ? -0.321  2.992   -3.555  1.00 8.79  ? 100  ILE A C   1 
ATOM   786  O  O   . ILE A 1 100 ? 0.387   2.074   -3.127  1.00 8.80  ? 100  ILE A O   1 
ATOM   787  C  CB  . ILE A 1 100 ? 0.778   5.098   -4.426  1.00 8.93  ? 100  ILE A CB  1 
ATOM   788  C  CG1 . ILE A 1 100 ? 1.317   5.791   -5.686  1.00 9.18  ? 100  ILE A CG1 1 
ATOM   789  C  CG2 . ILE A 1 100 ? 1.914   4.851   -3.421  1.00 9.18  ? 100  ILE A CG2 1 
ATOM   790  C  CD1 . ILE A 1 100 ? 1.489   7.305   -5.544  1.00 10.12 ? 100  ILE A CD1 1 
ATOM   791  N  N   . ASN A 1 101 ? -1.478  3.349   -2.995  1.00 8.91  ? 101  ASN A N   1 
ATOM   792  C  CA  . ASN A 1 101 ? -2.022  2.657   -1.824  1.00 9.25  ? 101  ASN A CA  1 
ATOM   793  C  C   . ASN A 1 101 ? -2.117  1.146   -2.053  1.00 9.64  ? 101  ASN A C   1 
ATOM   794  O  O   . ASN A 1 101 ? -1.634  0.355   -1.239  1.00 9.37  ? 101  ASN A O   1 
ATOM   795  C  CB  . ASN A 1 101 ? -3.397  3.228   -1.462  1.00 9.22  ? 101  ASN A CB  1 
ATOM   796  C  CG  . ASN A 1 101 ? -3.847  2.838   -0.064  1.00 9.86  ? 101  ASN A CG  1 
ATOM   797  O  OD1 . ASN A 1 101 ? -3.894  1.654   0.283   1.00 9.72  ? 101  ASN A OD1 1 
ATOM   798  N  ND2 . ASN A 1 101 ? -4.203  3.837   0.741   1.00 9.69  ? 101  ASN A ND2 1 
HETATM 799  N  N   . MSE A 1 102 ? -2.725  0.752   -3.170  1.00 10.08 ? 102  MSE A N   1 
HETATM 800  C  CA  . MSE A 1 102 ? -2.874  -0.666  -3.496  1.00 11.21 ? 102  MSE A CA  1 
HETATM 801  C  C   . MSE A 1 102 ? -1.524  -1.364  -3.663  1.00 11.01 ? 102  MSE A C   1 
HETATM 802  O  O   . MSE A 1 102 ? -1.315  -2.452  -3.123  1.00 11.16 ? 102  MSE A O   1 
HETATM 803  C  CB  . MSE A 1 102 ? -3.750  -0.853  -4.735  1.00 10.85 ? 102  MSE A CB  1 
HETATM 804  C  CG  . MSE A 1 102 ? -5.216  -0.538  -4.482  1.00 11.31 ? 102  MSE A CG  1 
HETATM 805  SE SE  . MSE A 1 102 ? -6.358  -0.969  -6.004  1.00 14.49 ? 102  MSE A SE  1 
HETATM 806  C  CE  . MSE A 1 102 ? -6.245  -2.919  -5.951  1.00 13.64 ? 102  MSE A CE  1 
ATOM   807  N  N   . VAL A 1 103 ? -0.607  -0.725  -4.389  1.00 11.19 ? 103  VAL A N   1 
ATOM   808  C  CA  . VAL A 1 103 ? 0.743   -1.266  -4.598  1.00 11.14 ? 103  VAL A CA  1 
ATOM   809  C  C   . VAL A 1 103 ? 1.472   -1.474  -3.267  1.00 11.45 ? 103  VAL A C   1 
ATOM   810  O  O   . VAL A 1 103 ? 2.092   -2.527  -3.035  1.00 11.51 ? 103  VAL A O   1 
ATOM   811  C  CB  . VAL A 1 103 ? 1.578   -0.355  -5.533  1.00 11.19 ? 103  VAL A CB  1 
ATOM   812  C  CG1 . VAL A 1 103 ? 3.047   -0.791  -5.554  1.00 11.06 ? 103  VAL A CG1 1 
ATOM   813  C  CG2 . VAL A 1 103 ? 1.005   -0.392  -6.941  1.00 11.57 ? 103  VAL A CG2 1 
ATOM   814  N  N   . PHE A 1 104 ? 1.367   -0.472  -2.398  1.00 11.53 ? 104  PHE A N   1 
ATOM   815  C  CA  . PHE A 1 104 ? 1.951   -0.506  -1.062  1.00 11.92 ? 104  PHE A CA  1 
ATOM   816  C  C   . PHE A 1 104 ? 1.436   -1.731  -0.301  1.00 12.33 ? 104  PHE A C   1 
ATOM   817  O  O   . PHE A 1 104 ? 2.216   -2.462  0.319   1.00 12.34 ? 104  PHE A O   1 
ATOM   818  C  CB  . PHE A 1 104 ? 1.591   0.783   -0.317  1.00 11.85 ? 104  PHE A CB  1 
ATOM   819  C  CG  . PHE A 1 104 ? 2.330   0.980   0.983   1.00 11.97 ? 104  PHE A CG  1 
ATOM   820  C  CD1 . PHE A 1 104 ? 1.897   0.358   2.153   1.00 12.42 ? 104  PHE A CD1 1 
ATOM   821  C  CD2 . PHE A 1 104 ? 3.437   1.823   1.045   1.00 12.53 ? 104  PHE A CD2 1 
ATOM   822  C  CE1 . PHE A 1 104 ? 2.571   0.551   3.361   1.00 12.53 ? 104  PHE A CE1 1 
ATOM   823  C  CE2 . PHE A 1 104 ? 4.112   2.026   2.249   1.00 12.24 ? 104  PHE A CE2 1 
ATOM   824  C  CZ  . PHE A 1 104 ? 3.678   1.389   3.407   1.00 12.63 ? 104  PHE A CZ  1 
ATOM   825  N  N   . GLN A 1 105 ? 0.128   -1.963  -0.376  1.00 12.84 ? 105  GLN A N   1 
ATOM   826  C  CA  . GLN A 1 105 ? -0.496  -3.033  0.396   1.00 13.77 ? 105  GLN A CA  1 
ATOM   827  C  C   . GLN A 1 105 ? -0.172  -4.446  -0.093  1.00 15.30 ? 105  GLN A C   1 
ATOM   828  O  O   . GLN A 1 105 ? -0.016  -5.357  0.726   1.00 14.96 ? 105  GLN A O   1 
ATOM   829  C  CB  . GLN A 1 105 ? -2.018  -2.843  0.477   1.00 13.27 ? 105  GLN A CB  1 
ATOM   830  C  CG  . GLN A 1 105 ? -2.704  -3.849  1.401   1.00 12.78 ? 105  GLN A CG  1 
ATOM   831  C  CD  . GLN A 1 105 ? -4.207  -3.685  1.478   1.00 11.66 ? 105  GLN A CD  1 
ATOM   832  O  OE1 . GLN A 1 105 ? -4.787  -2.808  0.838   1.00 10.86 ? 105  GLN A OE1 1 
ATOM   833  N  NE2 . GLN A 1 105 ? -4.852  -4.543  2.267   1.00 11.58 ? 105  GLN A NE2 1 
HETATM 834  N  N   . MSE A 1 106 ? -0.063  -4.640  -1.407  1.00 16.74 ? 106  MSE A N   1 
HETATM 835  C  CA  A MSE A 1 106 ? -0.008  -5.985  -1.990  0.70 17.93 ? 106  MSE A CA  1 
HETATM 836  C  CA  B MSE A 1 106 ? 0.103   -6.013  -1.885  0.30 18.34 ? 106  MSE A CA  1 
HETATM 837  C  C   . MSE A 1 106 ? 1.173   -6.269  -2.933  1.00 18.76 ? 106  MSE A C   1 
HETATM 838  O  O   . MSE A 1 106 ? 1.358   -7.411  -3.358  1.00 18.56 ? 106  MSE A O   1 
HETATM 839  C  CB  A MSE A 1 106 ? -1.345  -6.312  -2.681  0.70 18.01 ? 106  MSE A CB  1 
HETATM 840  C  CB  B MSE A 1 106 ? -1.229  -6.588  -2.337  0.30 18.25 ? 106  MSE A CB  1 
HETATM 841  C  CG  A MSE A 1 106 ? -1.619  -5.559  -3.989  0.70 17.63 ? 106  MSE A CG  1 
HETATM 842  C  CG  B MSE A 1 106 ? -1.920  -5.811  -3.418  0.30 18.86 ? 106  MSE A CG  1 
HETATM 843  SE SE  A MSE A 1 106 ? -3.472  -5.710  -4.632  0.70 18.58 ? 106  MSE A SE  1 
HETATM 844  SE SE  B MSE A 1 106 ? -3.770  -6.317  -3.336  0.30 19.93 ? 106  MSE A SE  1 
HETATM 845  C  CE  A MSE A 1 106 ? -4.337  -4.580  -3.306  0.70 17.07 ? 106  MSE A CE  1 
HETATM 846  C  CE  B MSE A 1 106 ? -3.569  -8.249  -3.461  0.30 20.16 ? 106  MSE A CE  1 
ATOM   847  N  N   . GLY A 1 107 ? 1.920   -5.232  -3.301  1.00 20.10 ? 107  GLY A N   1 
ATOM   848  C  CA  . GLY A 1 107 ? 3.009   -5.375  -4.279  1.00 22.39 ? 107  GLY A CA  1 
ATOM   849  C  C   . GLY A 1 107 ? 2.494   -5.353  -5.709  1.00 24.07 ? 107  GLY A C   1 
ATOM   850  O  O   . GLY A 1 107 ? 1.377   -5.804  -5.974  1.00 24.08 ? 107  GLY A O   1 
ATOM   851  N  N   . GLU A 1 108 ? 3.310   -4.846  -6.637  1.00 25.73 ? 108  GLU A N   1 
ATOM   852  C  CA  . GLU A 1 108 ? 2.887   -4.666  -8.042  1.00 27.20 ? 108  GLU A CA  1 
ATOM   853  C  C   . GLU A 1 108 ? 2.477   -5.961  -8.749  1.00 28.08 ? 108  GLU A C   1 
ATOM   854  O  O   . GLU A 1 108 ? 1.817   -5.912  -9.793  1.00 28.50 ? 108  GLU A O   1 
ATOM   855  C  CB  . GLU A 1 108 ? 3.956   -3.957  -8.885  1.00 27.27 ? 108  GLU A CB  1 
ATOM   856  C  CG  . GLU A 1 108 ? 4.649   -2.788  -8.215  1.00 27.74 ? 108  GLU A CG  1 
ATOM   857  C  CD  . GLU A 1 108 ? 5.861   -3.230  -7.436  1.00 27.52 ? 108  GLU A CD  1 
ATOM   858  O  OE1 . GLU A 1 108 ? 6.923   -3.402  -8.060  1.00 28.32 ? 108  GLU A OE1 1 
ATOM   859  O  OE2 . GLU A 1 108 ? 5.751   -3.410  -6.204  1.00 26.55 ? 108  GLU A OE2 1 
ATOM   860  N  N   . THR A 1 109 ? 2.887   -7.107  -8.199  1.00 29.09 ? 109  THR A N   1 
ATOM   861  C  CA  . THR A 1 109 ? 2.490   -8.414  -8.731  1.00 29.75 ? 109  THR A CA  1 
ATOM   862  C  C   . THR A 1 109 ? 1.381   -9.035  -7.869  1.00 30.03 ? 109  THR A C   1 
ATOM   863  O  O   . THR A 1 109 ? 0.832   -10.096 -8.197  1.00 30.51 ? 109  THR A O   1 
ATOM   864  C  CB  . THR A 1 109 ? 3.706   -9.370  -8.899  1.00 29.88 ? 109  THR A CB  1 
ATOM   865  O  OG1 . THR A 1 109 ? 4.825   -8.639  -9.420  1.00 30.60 ? 109  THR A OG1 1 
ATOM   866  C  CG2 . THR A 1 109 ? 3.376   -10.517 -9.860  1.00 30.19 ? 109  THR A CG2 1 
ATOM   867  N  N   . GLY A 1 110 ? 1.063   -8.369  -6.760  1.00 30.02 ? 110  GLY A N   1 
ATOM   868  C  CA  . GLY A 1 110 ? -0.180  -8.626  -6.033  1.00 29.20 ? 110  GLY A CA  1 
ATOM   869  C  C   . GLY A 1 110 ? -1.302  -7.927  -6.781  1.00 28.68 ? 110  GLY A C   1 
ATOM   870  O  O   . GLY A 1 110 ? -2.474  -8.312  -6.682  1.00 28.82 ? 110  GLY A O   1 
ATOM   871  N  N   . VAL A 1 111 ? -0.932  -6.896  -7.542  1.00 28.06 ? 111  VAL A N   1 
ATOM   872  C  CA  . VAL A 1 111 ? -1.867  -6.210  -8.434  1.00 27.24 ? 111  VAL A CA  1 
ATOM   873  C  C   . VAL A 1 111 ? -1.945  -6.883  -9.818  1.00 26.50 ? 111  VAL A C   1 
ATOM   874  O  O   . VAL A 1 111 ? -2.742  -6.470  -10.663 1.00 26.35 ? 111  VAL A O   1 
ATOM   875  C  CB  . VAL A 1 111 ? -1.556  -4.689  -8.598  1.00 27.39 ? 111  VAL A CB  1 
ATOM   876  C  CG1 . VAL A 1 111 ? -2.823  -3.935  -8.988  1.00 27.93 ? 111  VAL A CG1 1 
ATOM   877  C  CG2 . VAL A 1 111 ? -0.977  -4.085  -7.324  1.00 27.13 ? 111  VAL A CG2 1 
ATOM   878  N  N   . ALA A 1 112 ? -1.132  -7.918  -10.047 1.00 25.65 ? 112  ALA A N   1 
ATOM   879  C  CA  . ALA A 1 112 ? -1.192  -8.682  -11.302 1.00 24.67 ? 112  ALA A CA  1 
ATOM   880  C  C   . ALA A 1 112 ? -2.620  -9.156  -11.613 1.00 23.89 ? 112  ALA A C   1 
ATOM   881  O  O   . ALA A 1 112 ? -3.054  -9.147  -12.767 1.00 23.93 ? 112  ALA A O   1 
ATOM   882  C  CB  . ALA A 1 112 ? -0.228  -9.865  -11.269 1.00 24.76 ? 112  ALA A CB  1 
ATOM   883  N  N   . GLY A 1 113 ? -3.349  -9.541  -10.571 1.00 22.83 ? 113  GLY A N   1 
ATOM   884  C  CA  . GLY A 1 113 ? -4.721  -10.013 -10.721 1.00 21.47 ? 113  GLY A CA  1 
ATOM   885  C  C   . GLY A 1 113 ? -5.742  -8.926  -11.025 1.00 20.48 ? 113  GLY A C   1 
ATOM   886  O  O   . GLY A 1 113 ? -6.904  -9.228  -11.282 1.00 20.56 ? 113  GLY A O   1 
ATOM   887  N  N   . PHE A 1 114 ? -5.318  -7.663  -11.000 1.00 19.44 ? 114  PHE A N   1 
ATOM   888  C  CA  . PHE A 1 114 ? -6.245  -6.545  -11.223 1.00 18.23 ? 114  PHE A CA  1 
ATOM   889  C  C   . PHE A 1 114 ? -6.274  -5.997  -12.653 1.00 17.96 ? 114  PHE A C   1 
ATOM   890  O  O   . PHE A 1 114 ? -6.801  -4.908  -12.894 1.00 17.10 ? 114  PHE A O   1 
ATOM   891  C  CB  . PHE A 1 114 ? -5.999  -5.429  -10.202 1.00 18.37 ? 114  PHE A CB  1 
ATOM   892  C  CG  . PHE A 1 114 ? -6.504  -5.758  -8.830  1.00 17.90 ? 114  PHE A CG  1 
ATOM   893  C  CD1 . PHE A 1 114 ? -5.654  -6.301  -7.872  1.00 17.78 ? 114  PHE A CD1 1 
ATOM   894  C  CD2 . PHE A 1 114 ? -7.842  -5.546  -8.499  1.00 16.87 ? 114  PHE A CD2 1 
ATOM   895  C  CE1 . PHE A 1 114 ? -6.129  -6.619  -6.602  1.00 17.82 ? 114  PHE A CE1 1 
ATOM   896  C  CE2 . PHE A 1 114 ? -8.322  -5.861  -7.231  1.00 17.30 ? 114  PHE A CE2 1 
ATOM   897  C  CZ  . PHE A 1 114 ? -7.462  -6.400  -6.283  1.00 18.08 ? 114  PHE A CZ  1 
ATOM   898  N  N   . THR A 1 115 ? -5.740  -6.768  -13.598 1.00 17.41 ? 115  THR A N   1 
ATOM   899  C  CA  . THR A 1 115 ? -5.698  -6.374  -15.014 1.00 17.56 ? 115  THR A CA  1 
ATOM   900  C  C   . THR A 1 115 ? -7.010  -5.766  -15.537 1.00 16.91 ? 115  THR A C   1 
ATOM   901  O  O   . THR A 1 115 ? -6.999  -4.715  -16.186 1.00 17.05 ? 115  THR A O   1 
ATOM   902  C  CB  . THR A 1 115 ? -5.248  -7.559  -15.914 1.00 17.55 ? 115  THR A CB  1 
ATOM   903  O  OG1 . THR A 1 115 ? -3.968  -8.030  -15.472 1.00 19.03 ? 115  THR A OG1 1 
ATOM   904  C  CG2 . THR A 1 115 ? -5.146  -7.136  -17.381 1.00 18.43 ? 115  THR A CG2 1 
ATOM   905  N  N   . ASN A 1 116 ? -8.134  -6.419  -15.247 1.00 16.40 ? 116  ASN A N   1 
ATOM   906  C  CA  . ASN A 1 116 ? -9.426  -5.960  -15.742 1.00 15.78 ? 116  ASN A CA  1 
ATOM   907  C  C   . ASN A 1 116 ? -9.865  -4.631  -15.123 1.00 15.34 ? 116  ASN A C   1 
ATOM   908  O  O   . ASN A 1 116 ? -10.432 -3.783  -15.812 1.00 15.37 ? 116  ASN A O   1 
ATOM   909  C  CB  . ASN A 1 116 ? -10.495 -7.037  -15.545 1.00 16.02 ? 116  ASN A CB  1 
ATOM   910  C  CG  . ASN A 1 116 ? -10.172 -8.327  -16.295 1.00 16.64 ? 116  ASN A CG  1 
ATOM   911  O  OD1 . ASN A 1 116 ? -9.388  -8.331  -17.248 1.00 17.75 ? 116  ASN A OD1 1 
ATOM   912  N  ND2 . ASN A 1 116 ? -10.770 -9.427  -15.861 1.00 15.92 ? 116  ASN A ND2 1 
ATOM   913  N  N   . SER A 1 117 ? -9.597  -4.468  -13.829 1.00 14.81 ? 117  SER A N   1 
ATOM   914  C  CA  . SER A 1 117 ? -9.863  -3.218  -13.110 1.00 14.36 ? 117  SER A CA  1 
ATOM   915  C  C   . SER A 1 117 ? -9.043  -2.081  -13.709 1.00 14.00 ? 117  SER A C   1 
ATOM   916  O  O   . SER A 1 117 ? -9.563  -0.998  -13.966 1.00 13.45 ? 117  SER A O   1 
ATOM   917  C  CB  . SER A 1 117 ? -9.505  -3.364  -11.627 1.00 14.41 ? 117  SER A CB  1 
ATOM   918  O  OG  . SER A 1 117 ? -10.285 -4.359  -10.989 1.00 15.65 ? 117  SER A OG  1 
ATOM   919  N  N   . LEU A 1 118 ? -7.756  -2.347  -13.924 1.00 13.73 ? 118  LEU A N   1 
ATOM   920  C  CA  . LEU A 1 118 ? -6.831  -1.363  -14.491 1.00 14.11 ? 118  LEU A CA  1 
ATOM   921  C  C   . LEU A 1 118 ? -7.299  -0.849  -15.845 1.00 13.98 ? 118  LEU A C   1 
ATOM   922  O  O   . LEU A 1 118 ? -7.235  0.351   -16.121 1.00 13.49 ? 118  LEU A O   1 
ATOM   923  C  CB  . LEU A 1 118 ? -5.432  -1.964  -14.630 1.00 14.15 ? 118  LEU A CB  1 
ATOM   924  C  CG  . LEU A 1 118 ? -4.760  -2.385  -13.330 1.00 15.73 ? 118  LEU A CG  1 
ATOM   925  C  CD1 . LEU A 1 118 ? -3.423  -3.049  -13.620 1.00 16.71 ? 118  LEU A CD1 1 
ATOM   926  C  CD2 . LEU A 1 118 ? -4.598  -1.189  -12.427 1.00 16.43 ? 118  LEU A CD2 1 
ATOM   927  N  N   . ARG A 1 119 ? -7.776  -1.769  -16.680 1.00 14.10 ? 119  ARG A N   1 
ATOM   928  C  CA  . ARG A 1 119 ? -8.303  -1.418  -17.989 1.00 14.70 ? 119  ARG A CA  1 
ATOM   929  C  C   . ARG A 1 119 ? -9.460  -0.430  -17.860 1.00 14.37 ? 119  ARG A C   1 
ATOM   930  O  O   . ARG A 1 119 ? -9.506  0.567   -18.572 1.00 14.16 ? 119  ARG A O   1 
ATOM   931  C  CB  . ARG A 1 119 ? -8.751  -2.674  -18.736 1.00 14.80 ? 119  ARG A CB  1 
ATOM   932  C  CG  . ARG A 1 119 ? -9.127  -2.432  -20.185 1.00 16.96 ? 119  ARG A CG  1 
ATOM   933  C  CD  . ARG A 1 119 ? -9.430  -3.740  -20.908 1.00 19.57 ? 119  ARG A CD  1 
ATOM   934  N  NE  . ARG A 1 119 ? -8.328  -4.700  -20.814 1.00 21.86 ? 119  ARG A NE  1 
ATOM   935  C  CZ  . ARG A 1 119 ? -8.367  -5.838  -20.122 1.00 22.46 ? 119  ARG A CZ  1 
ATOM   936  N  NH1 . ARG A 1 119 ? -9.463  -6.186  -19.457 1.00 21.83 ? 119  ARG A NH1 1 
ATOM   937  N  NH2 . ARG A 1 119 ? -7.305  -6.637  -20.106 1.00 23.61 ? 119  ARG A NH2 1 
HETATM 938  N  N   . MSE A 1 120 ? -10.383 -0.701  -16.937 1.00 14.41 ? 120  MSE A N   1 
HETATM 939  C  CA  . MSE A 1 120 ? -11.530 0.180   -16.732 1.00 14.77 ? 120  MSE A CA  1 
HETATM 940  C  C   . MSE A 1 120 ? -11.113 1.532   -16.161 1.00 13.70 ? 120  MSE A C   1 
HETATM 941  O  O   . MSE A 1 120 ? -11.701 2.558   -16.501 1.00 13.63 ? 120  MSE A O   1 
HETATM 942  C  CB  . MSE A 1 120 ? -12.576 -0.477  -15.840 1.00 14.87 ? 120  MSE A CB  1 
HETATM 943  C  CG  . MSE A 1 120 ? -13.096 -1.775  -16.404 1.00 15.85 ? 120  MSE A CG  1 
HETATM 944  SE SE  . MSE A 1 120 ? -14.436 -2.546  -15.236 1.00 18.56 ? 120  MSE A SE  1 
HETATM 945  C  CE  . MSE A 1 120 ? -14.413 -4.361  -15.923 1.00 18.06 ? 120  MSE A CE  1 
ATOM   946  N  N   . LEU A 1 121 ? -10.098 1.526   -15.301 1.00 13.01 ? 121  LEU A N   1 
ATOM   947  C  CA  . LEU A 1 121 ? -9.550  2.774   -14.763 1.00 12.65 ? 121  LEU A CA  1 
ATOM   948  C  C   . LEU A 1 121 ? -8.936  3.640   -15.862 1.00 12.66 ? 121  LEU A C   1 
ATOM   949  O  O   . LEU A 1 121 ? -9.123  4.855   -15.864 1.00 12.21 ? 121  LEU A O   1 
ATOM   950  C  CB  . LEU A 1 121 ? -8.531  2.507   -13.648 1.00 12.40 ? 121  LEU A CB  1 
ATOM   951  C  CG  . LEU A 1 121 ? -9.078  1.970   -12.320 1.00 11.66 ? 121  LEU A CG  1 
ATOM   952  C  CD1 . LEU A 1 121 ? -7.923  1.586   -11.400 1.00 11.56 ? 121  LEU A CD1 1 
ATOM   953  C  CD2 . LEU A 1 121 ? -9.991  2.979   -11.640 1.00 11.54 ? 121  LEU A CD2 1 
ATOM   954  N  N   . GLN A 1 122 ? -8.207  3.015   -16.789 1.00 13.01 ? 122  GLN A N   1 
ATOM   955  C  CA  . GLN A 1 122 ? -7.632  3.752   -17.920 1.00 13.59 ? 122  GLN A CA  1 
ATOM   956  C  C   . GLN A 1 122 ? -8.723  4.331   -18.831 1.00 13.22 ? 122  GLN A C   1 
ATOM   957  O  O   . GLN A 1 122 ? -8.556  5.408   -19.413 1.00 13.26 ? 122  GLN A O   1 
ATOM   958  C  CB  . GLN A 1 122 ? -6.657  2.885   -18.721 1.00 14.07 ? 122  GLN A CB  1 
ATOM   959  C  CG  . GLN A 1 122 ? -5.799  3.700   -19.686 1.00 16.43 ? 122  GLN A CG  1 
ATOM   960  C  CD  . GLN A 1 122 ? -4.595  2.948   -20.223 1.00 20.26 ? 122  GLN A CD  1 
ATOM   961  O  OE1 . GLN A 1 122 ? -4.241  1.878   -19.736 1.00 22.46 ? 122  GLN A OE1 1 
ATOM   962  N  NE2 . GLN A 1 122 ? -3.952  3.519   -21.236 1.00 22.52 ? 122  GLN A NE2 1 
ATOM   963  N  N   . GLN A 1 123 ? -9.844  3.621   -18.925 1.00 12.95 ? 123  GLN A N   1 
ATOM   964  C  CA  . GLN A 1 123 ? -11.001 4.056   -19.711 1.00 12.96 ? 123  GLN A CA  1 
ATOM   965  C  C   . GLN A 1 123 ? -11.829 5.127   -18.998 1.00 12.43 ? 123  GLN A C   1 
ATOM   966  O  O   . GLN A 1 123 ? -12.757 5.702   -19.586 1.00 12.54 ? 123  GLN A O   1 
ATOM   967  C  CB  . GLN A 1 123 ? -11.898 2.857   -20.019 1.00 13.28 ? 123  GLN A CB  1 
ATOM   968  C  CG  . GLN A 1 123 ? -11.266 1.829   -20.939 1.00 15.29 ? 123  GLN A CG  1 
ATOM   969  C  CD  . GLN A 1 123 ? -12.127 0.595   -21.110 1.00 17.52 ? 123  GLN A CD  1 
ATOM   970  O  OE1 . GLN A 1 123 ? -12.358 0.144   -22.230 1.00 21.39 ? 123  GLN A OE1 1 
ATOM   971  N  NE2 . GLN A 1 123 ? -12.608 0.043   -20.003 1.00 18.26 ? 123  GLN A NE2 1 
ATOM   972  N  N   . LYS A 1 124 ? -11.491 5.379   -17.733 1.00 11.68 ? 124  LYS A N   1 
ATOM   973  C  CA  . LYS A 1 124 ? -12.211 6.326   -16.866 1.00 11.29 ? 124  LYS A CA  1 
ATOM   974  C  C   . LYS A 1 124 ? -13.681 5.941   -16.677 1.00 11.22 ? 124  LYS A C   1 
ATOM   975  O  O   . LYS A 1 124 ? -14.562 6.797   -16.551 1.00 10.90 ? 124  LYS A O   1 
ATOM   976  C  CB  . LYS A 1 124 ? -12.046 7.774   -17.356 1.00 11.35 ? 124  LYS A CB  1 
ATOM   977  C  CG  . LYS A 1 124 ? -10.582 8.201   -17.484 1.00 11.20 ? 124  LYS A CG  1 
ATOM   978  C  CD  . LYS A 1 124 ? -10.428 9.709   -17.517 1.00 11.04 ? 124  LYS A CD  1 
ATOM   979  C  CE  . LYS A 1 124 ? -8.962  10.103  -17.668 1.00 10.56 ? 124  LYS A CE  1 
ATOM   980  N  NZ  . LYS A 1 124 ? -8.144  9.681   -16.487 1.00 9.77  ? 124  LYS A NZ  1 
ATOM   981  N  N   . ARG A 1 125 ? -13.926 4.633   -16.650 1.00 11.15 ? 125  ARG A N   1 
ATOM   982  C  CA  . ARG A 1 125 ? -15.247 4.087   -16.366 1.00 11.63 ? 125  ARG A CA  1 
ATOM   983  C  C   . ARG A 1 125 ? -15.293 3.836   -14.865 1.00 11.38 ? 125  ARG A C   1 
ATOM   984  O  O   . ARG A 1 125 ? -15.161 2.697   -14.406 1.00 11.25 ? 125  ARG A O   1 
ATOM   985  C  CB  . ARG A 1 125 ? -15.474 2.800   -17.167 1.00 11.96 ? 125  ARG A CB  1 
ATOM   986  C  CG  . ARG A 1 125 ? -15.485 3.038   -18.675 1.00 14.11 ? 125  ARG A CG  1 
ATOM   987  C  CD  . ARG A 1 125 ? -15.732 1.784   -19.484 1.00 18.16 ? 125  ARG A CD  1 
ATOM   988  N  NE  . ARG A 1 125 ? -15.757 2.103   -20.911 1.00 22.01 ? 125  ARG A NE  1 
ATOM   989  C  CZ  . ARG A 1 125 ? -16.192 1.287   -21.868 1.00 24.42 ? 125  ARG A CZ  1 
ATOM   990  N  NH1 . ARG A 1 125 ? -16.652 0.079   -21.567 1.00 26.01 ? 125  ARG A NH1 1 
ATOM   991  N  NH2 . ARG A 1 125 ? -16.169 1.687   -23.135 1.00 25.52 ? 125  ARG A NH2 1 
ATOM   992  N  N   . TRP A 1 126 ? -15.468 4.921   -14.111 1.00 11.00 ? 126  TRP A N   1 
ATOM   993  C  CA  . TRP A 1 126 ? -15.214 4.913   -12.666 1.00 11.09 ? 126  TRP A CA  1 
ATOM   994  C  C   . TRP A 1 126 ? -16.138 3.995   -11.872 1.00 11.12 ? 126  TRP A C   1 
ATOM   995  O  O   . TRP A 1 126 ? -15.672 3.240   -11.011 1.00 11.51 ? 126  TRP A O   1 
ATOM   996  C  CB  . TRP A 1 126 ? -15.260 6.332   -12.088 1.00 10.65 ? 126  TRP A CB  1 
ATOM   997  C  CG  . TRP A 1 126 ? -14.319 7.319   -12.753 1.00 10.28 ? 126  TRP A CG  1 
ATOM   998  C  CD1 . TRP A 1 126 ? -14.646 8.555   -13.238 1.00 10.53 ? 126  TRP A CD1 1 
ATOM   999  C  CD2 . TRP A 1 126 ? -12.913 7.154   -12.994 1.00 9.80  ? 126  TRP A CD2 1 
ATOM   1000 N  NE1 . TRP A 1 126 ? -13.535 9.171   -13.759 1.00 10.14 ? 126  TRP A NE1 1 
ATOM   1001 C  CE2 . TRP A 1 126 ? -12.457 8.334   -13.628 1.00 9.99  ? 126  TRP A CE2 1 
ATOM   1002 C  CE3 . TRP A 1 126 ? -11.995 6.120   -12.747 1.00 9.84  ? 126  TRP A CE3 1 
ATOM   1003 C  CZ2 . TRP A 1 126 ? -11.122 8.518   -14.005 1.00 10.65 ? 126  TRP A CZ2 1 
ATOM   1004 C  CZ3 . TRP A 1 126 ? -10.668 6.299   -13.133 1.00 10.74 ? 126  TRP A CZ3 1 
ATOM   1005 C  CH2 . TRP A 1 126 ? -10.244 7.491   -13.752 1.00 10.33 ? 126  TRP A CH2 1 
ATOM   1006 N  N   . ASP A 1 127 ? -17.439 4.052   -12.150 1.00 11.18 ? 127  ASP A N   1 
ATOM   1007 C  CA  . ASP A 1 127 ? -18.380 3.190   -11.436 1.00 11.41 ? 127  ASP A CA  1 
ATOM   1008 C  C   . ASP A 1 127 ? -18.134 1.713   -11.754 1.00 11.31 ? 127  ASP A C   1 
ATOM   1009 O  O   . ASP A 1 127 ? -18.142 0.869   -10.851 1.00 11.15 ? 127  ASP A O   1 
ATOM   1010 C  CB  . ASP A 1 127 ? -19.834 3.594   -11.709 1.00 11.38 ? 127  ASP A CB  1 
ATOM   1011 C  CG  . ASP A 1 127 ? -20.262 4.824   -10.916 1.00 12.16 ? 127  ASP A CG  1 
ATOM   1012 O  OD1 . ASP A 1 127 ? -19.390 5.617   -10.502 1.00 12.63 ? 127  ASP A OD1 1 
ATOM   1013 O  OD2 . ASP A 1 127 ? -21.481 4.996   -10.706 1.00 13.86 ? 127  ASP A OD2 1 
ATOM   1014 N  N   . GLU A 1 128 ? -17.885 1.415   -13.026 1.00 11.37 ? 128  GLU A N   1 
ATOM   1015 C  CA  . GLU A 1 128 ? -17.598 0.048   -13.468 1.00 11.70 ? 128  GLU A CA  1 
ATOM   1016 C  C   . GLU A 1 128 ? -16.301 -0.484  -12.852 1.00 11.38 ? 128  GLU A C   1 
ATOM   1017 O  O   . GLU A 1 128 ? -16.260 -1.618  -12.362 1.00 11.01 ? 128  GLU A O   1 
ATOM   1018 C  CB  . GLU A 1 128 ? -17.561 -0.032  -15.003 1.00 12.38 ? 128  GLU A CB  1 
ATOM   1019 C  CG  . GLU A 1 128 ? -18.943 0.078   -15.647 1.00 14.11 ? 128  GLU A CG  1 
ATOM   1020 C  CD  . GLU A 1 128 ? -18.889 0.306   -17.144 1.00 17.57 ? 128  GLU A CD  1 
ATOM   1021 O  OE1 . GLU A 1 128 ? -19.217 -0.633  -17.896 1.00 19.72 ? 128  GLU A OE1 1 
ATOM   1022 O  OE2 . GLU A 1 128 ? -18.515 1.419   -17.580 1.00 19.40 ? 128  GLU A OE2 1 
ATOM   1023 N  N   . ALA A 1 129 ? -15.262 0.350   -12.852 1.00 10.95 ? 129  ALA A N   1 
ATOM   1024 C  CA  . ALA A 1 129 ? -13.983 0.012   -12.223 1.00 10.67 ? 129  ALA A CA  1 
ATOM   1025 C  C   . ALA A 1 129 ? -14.169 -0.284  -10.739 1.00 10.49 ? 129  ALA A C   1 
ATOM   1026 O  O   . ALA A 1 129 ? -13.617 -1.258  -10.227 1.00 10.45 ? 129  ALA A O   1 
ATOM   1027 C  CB  . ALA A 1 129 ? -12.987 1.137   -12.408 1.00 10.57 ? 129  ALA A CB  1 
ATOM   1028 N  N   . ALA A 1 130 ? -14.951 0.560   -10.066 1.00 10.26 ? 130  ALA A N   1 
ATOM   1029 C  CA  . ALA A 1 130 ? -15.225 0.410   -8.635  1.00 10.43 ? 130  ALA A CA  1 
ATOM   1030 C  C   . ALA A 1 130 ? -15.881 -0.937  -8.328  1.00 10.57 ? 130  ALA A C   1 
ATOM   1031 O  O   . ALA A 1 130 ? -15.465 -1.641  -7.402  1.00 10.59 ? 130  ALA A O   1 
ATOM   1032 C  CB  . ALA A 1 130 ? -16.091 1.555   -8.134  1.00 10.54 ? 130  ALA A CB  1 
ATOM   1033 N  N   . VAL A 1 131 ? -16.898 -1.289  -9.116  1.00 10.59 ? 131  VAL A N   1 
ATOM   1034 C  CA  . VAL A 1 131 ? -17.577 -2.580  -8.984  1.00 11.02 ? 131  VAL A CA  1 
ATOM   1035 C  C   . VAL A 1 131 ? -16.588 -3.730  -9.199  1.00 10.89 ? 131  VAL A C   1 
ATOM   1036 O  O   . VAL A 1 131 ? -16.557 -4.689  -8.423  1.00 11.35 ? 131  VAL A O   1 
ATOM   1037 C  CB  . VAL A 1 131 ? -18.792 -2.701  -9.955  1.00 10.74 ? 131  VAL A CB  1 
ATOM   1038 C  CG1 . VAL A 1 131 ? -19.312 -4.145  -10.014 1.00 11.32 ? 131  VAL A CG1 1 
ATOM   1039 C  CG2 . VAL A 1 131 ? -19.914 -1.762  -9.537  1.00 11.18 ? 131  VAL A CG2 1 
ATOM   1040 N  N   . ASN A 1 132 ? -15.762 -3.615  -10.235 1.00 10.89 ? 132  ASN A N   1 
ATOM   1041 C  CA  . ASN A 1 132 ? -14.790 -4.663  -10.549 1.00 10.61 ? 132  ASN A CA  1 
ATOM   1042 C  C   . ASN A 1 132 ? -13.709 -4.834  -9.475  1.00 10.36 ? 132  ASN A C   1 
ATOM   1043 O  O   . ASN A 1 132 ? -13.314 -5.955  -9.158  1.00 10.55 ? 132  ASN A O   1 
ATOM   1044 C  CB  . ASN A 1 132 ? -14.138 -4.422  -11.904 1.00 10.77 ? 132  ASN A CB  1 
ATOM   1045 C  CG  . ASN A 1 132 ? -13.316 -5.603  -12.364 1.00 11.33 ? 132  ASN A CG  1 
ATOM   1046 O  OD1 . ASN A 1 132 ? -12.085 -5.596  -12.272 1.00 11.80 ? 132  ASN A OD1 1 
ATOM   1047 N  ND2 . ASN A 1 132 ? -13.994 -6.648  -12.832 1.00 12.48 ? 132  ASN A ND2 1 
ATOM   1048 N  N   . LEU A 1 133 ? -13.239 -3.718  -8.922  1.00 9.90  ? 133  LEU A N   1 
ATOM   1049 C  CA  . LEU A 1 133 ? -12.212 -3.751  -7.876  1.00 9.96  ? 133  LEU A CA  1 
ATOM   1050 C  C   . LEU A 1 133 ? -12.678 -4.520  -6.640  1.00 9.75  ? 133  LEU A C   1 
ATOM   1051 O  O   . LEU A 1 133 ? -11.876 -5.183  -5.973  1.00 9.77  ? 133  LEU A O   1 
ATOM   1052 C  CB  . LEU A 1 133 ? -11.810 -2.328  -7.474  1.00 9.73  ? 133  LEU A CB  1 
ATOM   1053 C  CG  . LEU A 1 133 ? -10.867 -1.566  -8.411  1.00 9.99  ? 133  LEU A CG  1 
ATOM   1054 C  CD1 . LEU A 1 133 ? -10.967 -0.063  -8.143  1.00 9.90  ? 133  LEU A CD1 1 
ATOM   1055 C  CD2 . LEU A 1 133 ? -9.429  -2.063  -8.278  1.00 10.40 ? 133  LEU A CD2 1 
ATOM   1056 N  N   . ALA A 1 134 ? -13.975 -4.428  -6.347  1.00 9.61  ? 134  ALA A N   1 
ATOM   1057 C  CA  . ALA A 1 134 ? -14.552 -5.068  -5.164  1.00 9.82  ? 134  ALA A CA  1 
ATOM   1058 C  C   . ALA A 1 134 ? -14.698 -6.584  -5.311  1.00 10.06 ? 134  ALA A C   1 
ATOM   1059 O  O   . ALA A 1 134 ? -14.885 -7.292  -4.319  1.00 10.27 ? 134  ALA A O   1 
ATOM   1060 C  CB  . ALA A 1 134 ? -15.894 -4.428  -4.813  1.00 9.93  ? 134  ALA A CB  1 
ATOM   1061 N  N   . LYS A 1 135 ? -14.628 -7.075  -6.548  1.00 9.93  ? 135  LYS A N   1 
ATOM   1062 C  CA  . LYS A 1 135 ? -14.712 -8.509  -6.815  1.00 10.21 ? 135  LYS A CA  1 
ATOM   1063 C  C   . LYS A 1 135 ? -13.322 -9.111  -6.668  1.00 9.79  ? 135  LYS A C   1 
ATOM   1064 O  O   . LYS A 1 135 ? -12.702 -9.525  -7.641  1.00 9.91  ? 135  LYS A O   1 
ATOM   1065 C  CB  . LYS A 1 135 ? -15.279 -8.770  -8.213  1.00 10.61 ? 135  LYS A CB  1 
ATOM   1066 C  CG  . LYS A 1 135 ? -16.687 -8.229  -8.416  1.00 12.24 ? 135  LYS A CG  1 
ATOM   1067 C  CD  . LYS A 1 135 ? -17.171 -8.479  -9.835  1.00 14.92 ? 135  LYS A CD  1 
ATOM   1068 C  CE  . LYS A 1 135 ? -18.502 -7.790  -10.083 1.00 17.19 ? 135  LYS A CE  1 
ATOM   1069 N  NZ  . LYS A 1 135 ? -18.894 -7.819  -11.527 1.00 18.30 ? 135  LYS A NZ  1 
ATOM   1070 N  N   . SER A 1 136 ? -12.822 -9.137  -5.436  1.00 9.38  ? 136  SER A N   1 
ATOM   1071 C  CA  . SER A 1 136 ? -11.431 -9.503  -5.205  1.00 9.32  ? 136  SER A CA  1 
ATOM   1072 C  C   . SER A 1 136 ? -11.231 -10.046 -3.803  1.00 9.39  ? 136  SER A C   1 
ATOM   1073 O  O   . SER A 1 136 ? -11.976 -9.692  -2.885  1.00 8.87  ? 136  SER A O   1 
ATOM   1074 C  CB  . SER A 1 136 ? -10.533 -8.278  -5.401  1.00 9.34  ? 136  SER A CB  1 
ATOM   1075 O  OG  . SER A 1 136 ? -10.866 -7.256  -4.474  1.00 9.96  ? 136  SER A OG  1 
ATOM   1076 N  N   . ARG A 1 137 ? -10.217 -10.892 -3.641  1.00 9.24  ? 137  ARG A N   1 
ATOM   1077 C  CA  . ARG A 1 137 ? -9.804  -11.324 -2.306  1.00 9.55  ? 137  ARG A CA  1 
ATOM   1078 C  C   . ARG A 1 137 ? -9.482  -10.098 -1.456  1.00 9.62  ? 137  ARG A C   1 
ATOM   1079 O  O   . ARG A 1 137 ? -9.868  -10.022 -0.289  1.00 9.53  ? 137  ARG A O   1 
ATOM   1080 C  CB  . ARG A 1 137 ? -8.592  -12.259 -2.373  1.00 9.45  ? 137  ARG A CB  1 
ATOM   1081 C  CG  . ARG A 1 137 ? -8.194  -12.760 -0.986  1.00 10.10 ? 137  ARG A CG  1 
ATOM   1082 C  CD  . ARG A 1 137 ? -6.951  -13.610 -0.983  1.00 10.94 ? 137  ARG A CD  1 
ATOM   1083 N  NE  . ARG A 1 137 ? -6.671  -14.069 0.377   1.00 11.70 ? 137  ARG A NE  1 
ATOM   1084 C  CZ  . ARG A 1 137 ? -5.966  -13.384 1.273   1.00 11.99 ? 137  ARG A CZ  1 
ATOM   1085 N  NH1 . ARG A 1 137 ? -5.453  -12.198 0.965   1.00 13.07 ? 137  ARG A NH1 1 
ATOM   1086 N  NH2 . ARG A 1 137 ? -5.771  -13.887 2.487   1.00 11.86 ? 137  ARG A NH2 1 
ATOM   1087 N  N   . TRP A 1 138 ? -8.793  -9.133  -2.062  1.00 9.44  ? 138  TRP A N   1 
ATOM   1088 C  CA  . TRP A 1 138 ? -8.433  -7.879  -1.398  1.00 9.74  ? 138  TRP A CA  1 
ATOM   1089 C  C   . TRP A 1 138 ? -9.623  -7.236  -0.678  1.00 9.59  ? 138  TRP A C   1 
ATOM   1090 O  O   . TRP A 1 138 ? -9.560  -6.957  0.526   1.00 9.31  ? 138  TRP A O   1 
ATOM   1091 C  CB  . TRP A 1 138 ? -7.843  -6.918  -2.434  1.00 9.85  ? 138  TRP A CB  1 
ATOM   1092 C  CG  . TRP A 1 138 ? -7.638  -5.506  -1.969  1.00 9.96  ? 138  TRP A CG  1 
ATOM   1093 C  CD1 . TRP A 1 138 ? -6.866  -5.086  -0.922  1.00 10.52 ? 138  TRP A CD1 1 
ATOM   1094 C  CD2 . TRP A 1 138 ? -8.178  -4.324  -2.570  1.00 10.41 ? 138  TRP A CD2 1 
ATOM   1095 N  NE1 . TRP A 1 138 ? -6.904  -3.714  -0.826  1.00 10.75 ? 138  TRP A NE1 1 
ATOM   1096 C  CE2 . TRP A 1 138 ? -7.701  -3.221  -1.826  1.00 10.33 ? 138  TRP A CE2 1 
ATOM   1097 C  CE3 . TRP A 1 138 ? -9.027  -4.091  -3.665  1.00 10.67 ? 138  TRP A CE3 1 
ATOM   1098 C  CZ2 . TRP A 1 138 ? -8.042  -1.903  -2.137  1.00 10.60 ? 138  TRP A CZ2 1 
ATOM   1099 C  CZ3 . TRP A 1 138 ? -9.371  -2.777  -3.976  1.00 11.26 ? 138  TRP A CZ3 1 
ATOM   1100 C  CH2 . TRP A 1 138 ? -8.873  -1.697  -3.214  1.00 10.67 ? 138  TRP A CH2 1 
ATOM   1101 N  N   . TYR A 1 139 ? -10.704 -7.013  -1.419  1.00 9.81  ? 139  TYR A N   1 
ATOM   1102 C  CA  . TYR A 1 139 ? -11.904 -6.390  -0.868  1.00 10.32 ? 139  TYR A CA  1 
ATOM   1103 C  C   . TYR A 1 139 ? -12.488 -7.234  0.263   1.00 10.38 ? 139  TYR A C   1 
ATOM   1104 O  O   . TYR A 1 139 ? -12.854 -6.708  1.317   1.00 10.57 ? 139  TYR A O   1 
ATOM   1105 C  CB  . TYR A 1 139 ? -12.938 -6.161  -1.971  1.00 11.02 ? 139  TYR A CB  1 
ATOM   1106 C  CG  . TYR A 1 139 ? -14.258 -5.606  -1.482  1.00 12.16 ? 139  TYR A CG  1 
ATOM   1107 C  CD1 . TYR A 1 139 ? -14.480 -4.231  -1.418  1.00 12.46 ? 139  TYR A CD1 1 
ATOM   1108 C  CD2 . TYR A 1 139 ? -15.286 -6.459  -1.086  1.00 12.76 ? 139  TYR A CD2 1 
ATOM   1109 C  CE1 . TYR A 1 139 ? -15.698 -3.720  -0.971  1.00 13.40 ? 139  TYR A CE1 1 
ATOM   1110 C  CE2 . TYR A 1 139 ? -16.501 -5.963  -0.634  1.00 13.67 ? 139  TYR A CE2 1 
ATOM   1111 C  CZ  . TYR A 1 139 ? -16.702 -4.593  -0.577  1.00 13.55 ? 139  TYR A CZ  1 
ATOM   1112 O  OH  . TYR A 1 139 ? -17.916 -4.112  -0.128  1.00 14.87 ? 139  TYR A OH  1 
ATOM   1113 N  N   . ASN A 1 140 ? -12.557 -8.545  0.049   1.00 10.26 ? 140  ASN A N   1 
ATOM   1114 C  CA  . ASN A 1 140 ? -13.168 -9.438  1.024   1.00 10.33 ? 140  ASN A CA  1 
ATOM   1115 C  C   . ASN A 1 140 ? -12.373 -9.545  2.325   1.00 10.13 ? 140  ASN A C   1 
ATOM   1116 O  O   . ASN A 1 140 ? -12.959 -9.686  3.394   1.00 10.40 ? 140  ASN A O   1 
ATOM   1117 C  CB  . ASN A 1 140 ? -13.399 -10.820 0.414   1.00 10.68 ? 140  ASN A CB  1 
ATOM   1118 C  CG  . ASN A 1 140 ? -14.607 -10.850 -0.513  1.00 11.46 ? 140  ASN A CG  1 
ATOM   1119 O  OD1 . ASN A 1 140 ? -14.475 -10.763 -1.735  1.00 13.20 ? 140  ASN A OD1 1 
ATOM   1120 N  ND2 . ASN A 1 140 ? -15.794 -10.963 0.070   1.00 11.76 ? 140  ASN A ND2 1 
ATOM   1121 N  N   . GLN A 1 141 ? -11.049 -9.467  2.232   1.00 9.47  ? 141  GLN A N   1 
ATOM   1122 C  CA  . GLN A 1 141 ? -10.193 -9.603  3.418   1.00 9.58  ? 141  GLN A CA  1 
ATOM   1123 C  C   . GLN A 1 141 ? -10.021 -8.284  4.180   1.00 9.58  ? 141  GLN A C   1 
ATOM   1124 O  O   . GLN A 1 141 ? -9.966  -8.274  5.413   1.00 9.78  ? 141  GLN A O   1 
ATOM   1125 C  CB  . GLN A 1 141 ? -8.830  -10.212 3.060   1.00 9.65  ? 141  GLN A CB  1 
ATOM   1126 C  CG  . GLN A 1 141 ? -8.886  -11.608 2.396   1.00 10.74 ? 141  GLN A CG  1 
ATOM   1127 C  CD  . GLN A 1 141 ? -9.611  -12.675 3.218   1.00 11.77 ? 141  GLN A CD  1 
ATOM   1128 O  OE1 . GLN A 1 141 ? -10.503 -13.361 2.710   1.00 11.71 ? 141  GLN A OE1 1 
ATOM   1129 N  NE2 . GLN A 1 141 ? -9.224  -12.828 4.481   1.00 11.07 ? 141  GLN A NE2 1 
ATOM   1130 N  N   . THR A 1 142 ? -9.933  -7.175  3.446   1.00 9.38  ? 142  THR A N   1 
ATOM   1131 C  CA  . THR A 1 142 ? -9.848  -5.850  4.067   1.00 9.29  ? 142  THR A CA  1 
ATOM   1132 C  C   . THR A 1 142 ? -10.912 -4.906  3.493   1.00 9.38  ? 142  THR A C   1 
ATOM   1133 O  O   . THR A 1 142 ? -10.576 -3.969  2.769   1.00 9.63  ? 142  THR A O   1 
ATOM   1134 C  CB  . THR A 1 142 ? -8.432  -5.224  3.903   1.00 8.99  ? 142  THR A CB  1 
ATOM   1135 O  OG1 . THR A 1 142 ? -8.024  -5.302  2.530   1.00 9.22  ? 142  THR A OG1 1 
ATOM   1136 C  CG2 . THR A 1 142 ? -7.416  -5.964  4.770   1.00 8.71  ? 142  THR A CG2 1 
ATOM   1137 N  N   . PRO A 1 143 ? -12.199 -5.151  3.815   1.00 9.27  ? 143  PRO A N   1 
ATOM   1138 C  CA  . PRO A 1 143 ? -13.282 -4.377  3.198   1.00 9.42  ? 143  PRO A CA  1 
ATOM   1139 C  C   . PRO A 1 143 ? -13.306 -2.888  3.543   1.00 9.61  ? 143  PRO A C   1 
ATOM   1140 O  O   . PRO A 1 143 ? -13.548 -2.078  2.660   1.00 9.46  ? 143  PRO A O   1 
ATOM   1141 C  CB  . PRO A 1 143 ? -14.555 -5.090  3.683   1.00 9.18  ? 143  PRO A CB  1 
ATOM   1142 C  CG  . PRO A 1 143 ? -14.153 -5.802  4.913   1.00 9.13  ? 143  PRO A CG  1 
ATOM   1143 C  CD  . PRO A 1 143 ? -12.719 -6.189  4.727   1.00 9.63  ? 143  PRO A CD  1 
ATOM   1144 N  N   . ASN A 1 144 ? -13.047 -2.519  4.796   1.00 9.94  ? 144  ASN A N   1 
ATOM   1145 C  CA  . ASN A 1 144 ? -13.081 -1.102  5.167   1.00 10.64 ? 144  ASN A CA  1 
ATOM   1146 C  C   . ASN A 1 144 ? -12.044 -0.282  4.399   1.00 10.19 ? 144  ASN A C   1 
ATOM   1147 O  O   . ASN A 1 144 ? -12.362 0.784   3.864   1.00 10.10 ? 144  ASN A O   1 
ATOM   1148 C  CB  . ASN A 1 144 ? -12.902 -0.914  6.673   1.00 11.24 ? 144  ASN A CB  1 
ATOM   1149 C  CG  . ASN A 1 144 ? -14.131 -1.330  7.466   1.00 13.48 ? 144  ASN A CG  1 
ATOM   1150 O  OD1 . ASN A 1 144 ? -15.018 -2.004  6.954   1.00 18.07 ? 144  ASN A OD1 1 
ATOM   1151 N  ND2 . ASN A 1 144 ? -14.180 -0.925  8.727   1.00 17.26 ? 144  ASN A ND2 1 
ATOM   1152 N  N   . ARG A 1 145 ? -10.816 -0.792  4.341   1.00 9.93  ? 145  ARG A N   1 
ATOM   1153 C  CA  . ARG A 1 145 ? -9.746  -0.123  3.604   1.00 9.91  ? 145  ARG A CA  1 
ATOM   1154 C  C   . ARG A 1 145 ? -10.011 -0.131  2.100   1.00 9.50  ? 145  ARG A C   1 
ATOM   1155 O  O   . ARG A 1 145 ? -9.843  0.896   1.435   1.00 9.18  ? 145  ARG A O   1 
ATOM   1156 C  CB  . ARG A 1 145 ? -8.391  -0.760  3.902   1.00 10.09 ? 145  ARG A CB  1 
ATOM   1157 C  CG  . ARG A 1 145 ? -7.228  0.043   3.335   1.00 11.34 ? 145  ARG A CG  1 
ATOM   1158 C  CD  . ARG A 1 145 ? -6.031  -0.834  3.190   1.00 12.79 ? 145  ARG A CD  1 
ATOM   1159 N  NE  . ARG A 1 145 ? -4.885  -0.137  2.616   1.00 11.83 ? 145  ARG A NE  1 
ATOM   1160 C  CZ  . ARG A 1 145 ? -3.634  -0.345  3.014   1.00 11.74 ? 145  ARG A CZ  1 
ATOM   1161 N  NH1 . ARG A 1 145 ? -3.387  -1.198  4.002   1.00 12.38 ? 145  ARG A NH1 1 
ATOM   1162 N  NH2 . ARG A 1 145 ? -2.631  0.314   2.445   1.00 10.21 ? 145  ARG A NH2 1 
ATOM   1163 N  N   . ALA A 1 146 ? -10.423 -1.284  1.571   1.00 9.41  ? 146  ALA A N   1 
ATOM   1164 C  CA  . ALA A 1 146 ? -10.749 -1.403  0.146   1.00 9.59  ? 146  ALA A CA  1 
ATOM   1165 C  C   . ALA A 1 146 ? -11.852 -0.429  -0.247  1.00 9.79  ? 146  ALA A C   1 
ATOM   1166 O  O   . ALA A 1 146 ? -11.761 0.221   -1.291  1.00 9.95  ? 146  ALA A O   1 
ATOM   1167 C  CB  . ALA A 1 146 ? -11.135 -2.832  -0.219  1.00 9.64  ? 146  ALA A CB  1 
ATOM   1168 N  N   . LYS A 1 147 ? -12.879 -0.318  0.596   1.00 9.76  ? 147  LYS A N   1 
ATOM   1169 C  CA  . LYS A 1 147 ? -13.958 0.639   0.354   1.00 10.10 ? 147  LYS A CA  1 
ATOM   1170 C  C   . LYS A 1 147 ? -13.426 2.067   0.244   1.00 9.79  ? 147  LYS A C   1 
ATOM   1171 O  O   . LYS A 1 147 ? -13.829 2.801   -0.652  1.00 9.66  ? 147  LYS A O   1 
ATOM   1172 C  CB  . LYS A 1 147 ? -15.041 0.540   1.427   1.00 10.42 ? 147  LYS A CB  1 
ATOM   1173 C  CG  . LYS A 1 147 ? -15.946 -0.670  1.263   1.00 12.32 ? 147  LYS A CG  1 
ATOM   1174 C  CD  . LYS A 1 147 ? -17.005 -0.695  2.352   1.00 15.10 ? 147  LYS A CD  1 
ATOM   1175 C  CE  . LYS A 1 147 ? -17.739 -2.019  2.371   1.00 16.75 ? 147  LYS A CE  1 
ATOM   1176 N  NZ  . LYS A 1 147 ? -18.651 -2.113  3.544   1.00 19.13 ? 147  LYS A NZ  1 
ATOM   1177 N  N   . ARG A 1 148 ? -12.505 2.441   1.135   1.00 9.64  ? 148  ARG A N   1 
ATOM   1178 C  CA  . ARG A 1 148 ? -11.899 3.778   1.088   1.00 9.58  ? 148  ARG A CA  1 
ATOM   1179 C  C   . ARG A 1 148 ? -11.130 4.011   -0.211  1.00 9.43  ? 148  ARG A C   1 
ATOM   1180 O  O   . ARG A 1 148 ? -11.295 5.038   -0.869  1.00 9.48  ? 148  ARG A O   1 
ATOM   1181 C  CB  . ARG A 1 148 ? -10.985 4.009   2.294   1.00 9.47  ? 148  ARG A CB  1 
ATOM   1182 C  CG  . ARG A 1 148 ? -11.736 4.251   3.603   1.00 10.21 ? 148  ARG A CG  1 
ATOM   1183 C  CD  . ARG A 1 148 ? -10.811 4.802   4.677   1.00 10.01 ? 148  ARG A CD  1 
ATOM   1184 N  NE  . ARG A 1 148 ? -9.810  3.830   5.119   1.00 10.81 ? 148  ARG A NE  1 
ATOM   1185 C  CZ  . ARG A 1 148 ? -10.000 2.915   6.069   1.00 11.39 ? 148  ARG A CZ  1 
ATOM   1186 N  NH1 . ARG A 1 148 ? -11.174 2.815   6.697   1.00 11.82 ? 148  ARG A NH1 1 
ATOM   1187 N  NH2 . ARG A 1 148 ? -9.009  2.093   6.397   1.00 10.95 ? 148  ARG A NH2 1 
ATOM   1188 N  N   . VAL A 1 149 ? -10.291 3.044   -0.572  1.00 9.52  ? 149  VAL A N   1 
ATOM   1189 C  CA  . VAL A 1 149 ? -9.478  3.134   -1.779  1.00 9.55  ? 149  VAL A CA  1 
ATOM   1190 C  C   . VAL A 1 149 ? -10.371 3.162   -3.025  1.00 9.78  ? 149  VAL A C   1 
ATOM   1191 O  O   . VAL A 1 149 ? -10.152 3.968   -3.931  1.00 9.67  ? 149  VAL A O   1 
ATOM   1192 C  CB  . VAL A 1 149 ? -8.445  1.989   -1.835  1.00 9.51  ? 149  VAL A CB  1 
ATOM   1193 C  CG1 . VAL A 1 149 ? -7.706  1.977   -3.163  1.00 10.01 ? 149  VAL A CG1 1 
ATOM   1194 C  CG2 . VAL A 1 149 ? -7.453  2.125   -0.672  1.00 9.67  ? 149  VAL A CG2 1 
ATOM   1195 N  N   . ILE A 1 150 ? -11.381 2.292   -3.055  1.00 9.64  ? 150  ILE A N   1 
ATOM   1196 C  CA  . ILE A 1 150 ? -12.312 2.232   -4.182  1.00 9.78  ? 150  ILE A CA  1 
ATOM   1197 C  C   . ILE A 1 150 ? -13.098 3.539   -4.346  1.00 10.03 ? 150  ILE A C   1 
ATOM   1198 O  O   . ILE A 1 150 ? -13.247 4.032   -5.463  1.00 9.55  ? 150  ILE A O   1 
ATOM   1199 C  CB  . ILE A 1 150 ? -13.248 1.003   -4.085  1.00 9.94  ? 150  ILE A CB  1 
ATOM   1200 C  CG1 . ILE A 1 150 ? -12.441 -0.270  -4.357  1.00 9.82  ? 150  ILE A CG1 1 
ATOM   1201 C  CG2 . ILE A 1 150 ? -14.407 1.122   -5.074  1.00 10.25 ? 150  ILE A CG2 1 
ATOM   1202 C  CD1 . ILE A 1 150 ? -13.131 -1.566  -3.918  1.00 11.62 ? 150  ILE A CD1 1 
ATOM   1203 N  N   . THR A 1 151 ? -13.566 4.107   -3.233  1.00 10.21 ? 151  THR A N   1 
ATOM   1204 C  CA  . THR A 1 151 ? -14.280 5.393   -3.266  1.00 10.90 ? 151  THR A CA  1 
ATOM   1205 C  C   . THR A 1 151 ? -13.396 6.496   -3.844  1.00 10.87 ? 151  THR A C   1 
ATOM   1206 O  O   . THR A 1 151 ? -13.869 7.362   -4.590  1.00 10.70 ? 151  THR A O   1 
ATOM   1207 C  CB  . THR A 1 151 ? -14.823 5.773   -1.871  1.00 11.20 ? 151  THR A CB  1 
ATOM   1208 O  OG1 . THR A 1 151 ? -15.926 4.915   -1.562  1.00 11.82 ? 151  THR A OG1 1 
ATOM   1209 C  CG2 . THR A 1 151 ? -15.304 7.236   -1.821  1.00 12.05 ? 151  THR A CG2 1 
ATOM   1210 N  N   . THR A 1 152 ? -12.109 6.435   -3.509  1.00 10.49 ? 152  THR A N   1 
ATOM   1211 C  CA  . THR A 1 152 ? -11.114 7.362   -4.043  1.00 10.49 ? 152  THR A CA  1 
ATOM   1212 C  C   . THR A 1 152 ? -10.975 7.197   -5.566  1.00 10.54 ? 152  THR A C   1 
ATOM   1213 O  O   . THR A 1 152 ? -10.917 8.187   -6.288  1.00 10.64 ? 152  THR A O   1 
ATOM   1214 C  CB  . THR A 1 152 ? -9.758  7.204   -3.322  1.00 10.76 ? 152  THR A CB  1 
ATOM   1215 O  OG1 . THR A 1 152 ? -9.973  7.242   -1.903  1.00 10.57 ? 152  THR A OG1 1 
ATOM   1216 C  CG2 . THR A 1 152 ? -8.800  8.335   -3.706  1.00 10.53 ? 152  THR A CG2 1 
ATOM   1217 N  N   . PHE A 1 153 ? -10.959 5.954   -6.048  1.00 10.68 ? 153  PHE A N   1 
ATOM   1218 C  CA  . PHE A 1 153 ? -10.975 5.700   -7.497  1.00 11.07 ? 153  PHE A CA  1 
ATOM   1219 C  C   . PHE A 1 153 ? -12.287 6.099   -8.165  1.00 11.62 ? 153  PHE A C   1 
ATOM   1220 O  O   . PHE A 1 153 ? -12.290 6.549   -9.314  1.00 11.54 ? 153  PHE A O   1 
ATOM   1221 C  CB  . PHE A 1 153 ? -10.708 4.228   -7.812  1.00 11.15 ? 153  PHE A CB  1 
ATOM   1222 C  CG  . PHE A 1 153 ? -9.255  3.856   -7.849  1.00 11.18 ? 153  PHE A CG  1 
ATOM   1223 C  CD1 . PHE A 1 153 ? -8.369  4.493   -8.721  1.00 10.71 ? 153  PHE A CD1 1 
ATOM   1224 C  CD2 . PHE A 1 153 ? -8.775  2.835   -7.035  1.00 10.85 ? 153  PHE A CD2 1 
ATOM   1225 C  CE1 . PHE A 1 153 ? -7.028  4.132   -8.763  1.00 10.87 ? 153  PHE A CE1 1 
ATOM   1226 C  CE2 . PHE A 1 153 ? -7.434  2.465   -7.071  1.00 11.51 ? 153  PHE A CE2 1 
ATOM   1227 C  CZ  . PHE A 1 153 ? -6.556  3.117   -7.939  1.00 11.25 ? 153  PHE A CZ  1 
ATOM   1228 N  N   . ARG A 1 154 ? -13.402 5.909   -7.458  1.00 11.77 ? 154  ARG A N   1 
ATOM   1229 C  CA  . ARG A 1 154 ? -14.716 6.182   -8.031  1.00 12.26 ? 154  ARG A CA  1 
ATOM   1230 C  C   . ARG A 1 154 ? -14.933 7.681   -8.217  1.00 12.17 ? 154  ARG A C   1 
ATOM   1231 O  O   . ARG A 1 154 ? -15.445 8.106   -9.252  1.00 11.94 ? 154  ARG A O   1 
ATOM   1232 C  CB  . ARG A 1 154 ? -15.838 5.571   -7.176  1.00 12.49 ? 154  ARG A CB  1 
ATOM   1233 C  CG  . ARG A 1 154 ? -17.233 5.681   -7.802  1.00 13.62 ? 154  ARG A CG  1 
ATOM   1234 C  CD  . ARG A 1 154 ? -18.338 5.090   -6.914  1.00 16.48 ? 154  ARG A CD  1 
ATOM   1235 N  NE  . ARG A 1 154 ? -18.305 5.582   -5.530  1.00 19.54 ? 154  ARG A NE  1 
ATOM   1236 C  CZ  . ARG A 1 154 ? -18.837 6.731   -5.109  1.00 21.72 ? 154  ARG A CZ  1 
ATOM   1237 N  NH1 . ARG A 1 154 ? -19.460 7.548   -5.954  1.00 22.76 ? 154  ARG A NH1 1 
ATOM   1238 N  NH2 . ARG A 1 154 ? -18.742 7.073   -3.829  1.00 22.72 ? 154  ARG A NH2 1 
ATOM   1239 N  N   . THR A 1 155 ? -14.504 8.466   -7.225  1.00 12.24 ? 155  THR A N   1 
ATOM   1240 C  CA  . THR A 1 155 ? -14.835 9.899   -7.150  1.00 12.29 ? 155  THR A CA  1 
ATOM   1241 C  C   . THR A 1 155 ? -13.698 10.856  -7.518  1.00 12.26 ? 155  THR A C   1 
ATOM   1242 O  O   . THR A 1 155 ? -13.950 12.001  -7.917  1.00 12.38 ? 155  THR A O   1 
ATOM   1243 C  CB  . THR A 1 155 ? -15.325 10.281  -5.740  1.00 12.38 ? 155  THR A CB  1 
ATOM   1244 O  OG1 . THR A 1 155 ? -14.242 10.139  -4.812  1.00 12.37 ? 155  THR A OG1 1 
ATOM   1245 C  CG2 . THR A 1 155 ? -16.487 9.397   -5.308  1.00 13.00 ? 155  THR A CG2 1 
ATOM   1246 N  N   . GLY A 1 156 ? -12.456 10.407  -7.363  1.00 11.77 ? 156  GLY A N   1 
ATOM   1247 C  CA  . GLY A 1 156 ? -11.303 11.291  -7.533  1.00 11.76 ? 156  GLY A CA  1 
ATOM   1248 C  C   . GLY A 1 156 ? -11.248 12.373  -6.462  1.00 11.50 ? 156  GLY A C   1 
ATOM   1249 O  O   . GLY A 1 156 ? -10.674 13.442  -6.678  1.00 11.63 ? 156  GLY A O   1 
ATOM   1250 N  N   . THR A 1 157 ? -11.856 12.085  -5.312  1.00 11.50 ? 157  THR A N   1 
ATOM   1251 C  CA  . THR A 1 157 ? -11.845 12.972  -4.150  1.00 11.30 ? 157  THR A CA  1 
ATOM   1252 C  C   . THR A 1 157 ? -11.275 12.235  -2.941  1.00 11.36 ? 157  THR A C   1 
ATOM   1253 O  O   . THR A 1 157 ? -11.120 11.011  -2.958  1.00 10.92 ? 157  THR A O   1 
ATOM   1254 C  CB  . THR A 1 157 ? -13.269 13.446  -3.761  1.00 11.30 ? 157  THR A CB  1 
ATOM   1255 O  OG1 . THR A 1 157 ? -13.976 12.369  -3.132  1.00 10.96 ? 157  THR A OG1 1 
ATOM   1256 C  CG2 . THR A 1 157 ? -14.052 13.942  -4.984  1.00 11.54 ? 157  THR A CG2 1 
ATOM   1257 N  N   . TRP A 1 158 ? -10.995 12.992  -1.889  1.00 11.79 ? 158  TRP A N   1 
ATOM   1258 C  CA  . TRP A 1 158 ? -10.525 12.436  -0.622  1.00 12.44 ? 158  TRP A CA  1 
ATOM   1259 C  C   . TRP A 1 158 ? -11.659 12.187  0.379   1.00 12.78 ? 158  TRP A C   1 
ATOM   1260 O  O   . TRP A 1 158 ? -11.412 12.015  1.572   1.00 12.59 ? 158  TRP A O   1 
ATOM   1261 C  CB  . TRP A 1 158 ? -9.507  13.390  0.000   1.00 12.26 ? 158  TRP A CB  1 
ATOM   1262 C  CG  . TRP A 1 158 ? -8.229  13.502  -0.763  1.00 12.67 ? 158  TRP A CG  1 
ATOM   1263 C  CD1 . TRP A 1 158 ? -7.769  14.596  -1.443  1.00 12.41 ? 158  TRP A CD1 1 
ATOM   1264 C  CD2 . TRP A 1 158 ? -7.240  12.478  -0.931  1.00 12.18 ? 158  TRP A CD2 1 
ATOM   1265 N  NE1 . TRP A 1 158 ? -6.547  14.318  -2.013  1.00 12.95 ? 158  TRP A NE1 1 
ATOM   1266 C  CE2 . TRP A 1 158 ? -6.198  13.027  -1.709  1.00 12.65 ? 158  TRP A CE2 1 
ATOM   1267 C  CE3 . TRP A 1 158 ? -7.125  11.150  -0.482  1.00 12.78 ? 158  TRP A CE3 1 
ATOM   1268 C  CZ2 . TRP A 1 158 ? -5.056  12.294  -2.058  1.00 12.63 ? 158  TRP A CZ2 1 
ATOM   1269 C  CZ3 . TRP A 1 158 ? -5.983  10.428  -0.819  1.00 12.99 ? 158  TRP A CZ3 1 
ATOM   1270 C  CH2 . TRP A 1 158 ? -4.969  11.003  -1.601  1.00 12.45 ? 158  TRP A CH2 1 
ATOM   1271 N  N   . ASP A 1 159 ? -12.898 12.157  -0.109  1.00 13.45 ? 159  ASP A N   1 
ATOM   1272 C  CA  . ASP A 1 159 ? -14.080 12.057  0.763   1.00 14.28 ? 159  ASP A CA  1 
ATOM   1273 C  C   . ASP A 1 159 ? -14.056 10.882  1.751   1.00 14.27 ? 159  ASP A C   1 
ATOM   1274 O  O   . ASP A 1 159 ? -14.543 11.000  2.882   1.00 14.40 ? 159  ASP A O   1 
ATOM   1275 C  CB  . ASP A 1 159 ? -15.359 12.021  -0.074  1.00 14.71 ? 159  ASP A CB  1 
ATOM   1276 C  CG  . ASP A 1 159 ? -15.709 13.379  -0.673  1.00 16.62 ? 159  ASP A CG  1 
ATOM   1277 O  OD1 . ASP A 1 159 ? -14.932 14.349  -0.508  1.00 18.86 ? 159  ASP A OD1 1 
ATOM   1278 O  OD2 . ASP A 1 159 ? -16.775 13.475  -1.313  1.00 19.12 ? 159  ASP A OD2 1 
ATOM   1279 N  N   . ALA A 1 160 ? -13.484 9.757   1.330   1.00 14.22 ? 160  ALA A N   1 
ATOM   1280 C  CA  . ALA A 1 160 ? -13.441 8.561   2.176   1.00 14.74 ? 160  ALA A CA  1 
ATOM   1281 C  C   . ALA A 1 160 ? -12.466 8.695   3.357   1.00 15.26 ? 160  ALA A C   1 
ATOM   1282 O  O   . ALA A 1 160 ? -12.496 7.882   4.282   1.00 15.41 ? 160  ALA A O   1 
ATOM   1283 C  CB  . ALA A 1 160 ? -13.107 7.329   1.342   1.00 14.64 ? 160  ALA A CB  1 
ATOM   1284 N  N   . TYR A 1 161 ? -11.620 9.723   3.319   1.00 15.78 ? 161  TYR A N   1 
ATOM   1285 C  CA  . TYR A 1 161 ? -10.593 9.927   4.342   1.00 16.81 ? 161  TYR A CA  1 
ATOM   1286 C  C   . TYR A 1 161 ? -10.841 11.165  5.214   1.00 18.41 ? 161  TYR A C   1 
ATOM   1287 O  O   . TYR A 1 161 ? -9.991  11.536  6.032   1.00 18.59 ? 161  TYR A O   1 
ATOM   1288 C  CB  . TYR A 1 161 ? -9.204  9.964   3.692   1.00 15.66 ? 161  TYR A CB  1 
ATOM   1289 C  CG  . TYR A 1 161 ? -8.763  8.613   3.170   1.00 14.61 ? 161  TYR A CG  1 
ATOM   1290 C  CD1 . TYR A 1 161 ? -9.100  8.199   1.880   1.00 12.77 ? 161  TYR A CD1 1 
ATOM   1291 C  CD2 . TYR A 1 161 ? -8.027  7.739   3.973   1.00 13.05 ? 161  TYR A CD2 1 
ATOM   1292 C  CE1 . TYR A 1 161 ? -8.713  6.955   1.401   1.00 12.29 ? 161  TYR A CE1 1 
ATOM   1293 C  CE2 . TYR A 1 161 ? -7.633  6.485   3.499   1.00 12.31 ? 161  TYR A CE2 1 
ATOM   1294 C  CZ  . TYR A 1 161 ? -7.984  6.102   2.210   1.00 13.00 ? 161  TYR A CZ  1 
ATOM   1295 O  OH  . TYR A 1 161 ? -7.603  4.870   1.719   1.00 12.73 ? 161  TYR A OH  1 
ATOM   1296 N  N   . LYS A 1 162 ? -12.018 11.771  5.051   1.00 20.28 ? 162  LYS A N   1 
ATOM   1297 C  CA  . LYS A 1 162 ? -12.381 13.022  5.731   1.00 21.86 ? 162  LYS A CA  1 
ATOM   1298 C  C   . LYS A 1 162 ? -12.669 12.844  7.224   1.00 22.35 ? 162  LYS A C   1 
ATOM   1299 O  O   . LYS A 1 162 ? -13.498 12.019  7.624   1.00 23.23 ? 162  LYS A O   1 
ATOM   1300 C  CB  . LYS A 1 162 ? -13.581 13.672  5.027   1.00 22.27 ? 162  LYS A CB  1 
ATOM   1301 C  CG  . LYS A 1 162 ? -13.673 15.191  5.173   1.00 24.33 ? 162  LYS A CG  1 
ATOM   1302 C  CD  . LYS A 1 162 ? -12.610 15.908  4.334   1.00 26.74 ? 162  LYS A CD  1 
ATOM   1303 C  CE  . LYS A 1 162 ? -12.967 17.372  4.104   1.00 27.95 ? 162  LYS A CE  1 
ATOM   1304 N  NZ  . LYS A 1 162 ? -12.938 18.182  5.355   1.00 28.84 ? 162  LYS A NZ  1 
HETATM 1305 P  P   . PO4 B 2 .   ? -19.193 4.512   -15.631 1.00 21.37 ? 901  PO4 A P   1 
HETATM 1306 O  O1  . PO4 B 2 .   ? -18.573 5.098   -16.884 1.00 19.85 ? 901  PO4 A O1  1 
HETATM 1307 O  O2  . PO4 B 2 .   ? -18.917 5.373   -14.419 1.00 18.83 ? 901  PO4 A O2  1 
HETATM 1308 O  O3  . PO4 B 2 .   ? -18.540 3.158   -15.408 1.00 18.33 ? 901  PO4 A O3  1 
HETATM 1309 O  O4  . PO4 B 2 .   ? -20.693 4.362   -15.831 1.00 19.95 ? 901  PO4 A O4  1 
HETATM 1310 CL CL  . CL  C 3 .   ? -11.629 1.106   9.444   1.00 41.70 ? 902  CL  A CL  1 
HETATM 1311 C  C1  . HED D 4 .   ? -3.796  -7.476  0.166   1.00 32.01 ? 903  HED A C1  1 
HETATM 1312 O  O1  . HED D 4 .   ? -4.965  -8.137  -0.268  1.00 31.07 ? 903  HED A O1  1 
HETATM 1313 C  C2  . HED D 4 .   ? -3.159  -8.243  1.319   1.00 32.52 ? 903  HED A C2  1 
HETATM 1314 S  S3  . HED D 4 .   ? -2.647  -9.906  0.829   1.00 32.86 ? 903  HED A S3  1 
HETATM 1315 S  S4  . HED D 4 .   ? -1.099  -9.611  -0.467  1.00 33.77 ? 903  HED A S4  1 
HETATM 1316 C  C5  . HED D 4 .   ? 0.182   -10.755 0.113   1.00 33.91 ? 903  HED A C5  1 
HETATM 1317 C  C6  . HED D 4 .   ? 0.483   -10.622 1.601   1.00 33.99 ? 903  HED A C6  1 
HETATM 1318 O  O6  . HED D 4 .   ? 1.569   -9.743  1.800   1.00 33.89 ? 903  HED A O6  1 
HETATM 1319 C  C1  . HED E 4 .   ? -0.178  10.729  -5.868  1.00 49.25 ? 904  HED A C1  1 
HETATM 1320 O  O1  . HED E 4 .   ? -1.009  11.771  -5.407  1.00 49.18 ? 904  HED A O1  1 
HETATM 1321 C  C2  . HED E 4 .   ? 0.811   11.286  -6.882  1.00 49.33 ? 904  HED A C2  1 
HETATM 1322 S  S3  . HED E 4 .   ? 1.802   12.624  -6.175  1.00 50.13 ? 904  HED A S3  1 
HETATM 1323 S  S4  . HED E 4 .   ? 2.773   11.761  -4.614  1.00 48.68 ? 904  HED A S4  1 
HETATM 1324 C  C5  . HED E 4 .   ? 4.509   12.050  -5.015  1.00 49.13 ? 904  HED A C5  1 
HETATM 1325 C  C6  . HED E 4 .   ? 4.903   11.266  -6.256  1.00 48.94 ? 904  HED A C6  1 
HETATM 1326 O  O6  . HED E 4 .   ? 6.120   11.767  -6.753  1.00 49.09 ? 904  HED A O6  1 
HETATM 1327 C  C1  . BME F 5 .   ? 4.660   9.498   -10.521 1.00 83.23 ? 905  BME A C1  1 
HETATM 1328 C  C2  . BME F 5 .   ? 5.593   10.160  -9.524  1.00 83.26 ? 905  BME A C2  1 
HETATM 1329 O  O1  . BME F 5 .   ? 3.813   10.476  -11.082 1.00 83.27 ? 905  BME A O1  1 
HETATM 1330 S  S2  . BME F 5 .   ? 7.249   10.357  -10.210 1.00 83.44 ? 905  BME A S2  1 
HETATM 1331 C  C1  . HED G 4 .   ? 8.548   -3.522  2.435   1.00 31.35 ? 906  HED A C1  1 
HETATM 1332 O  O1  . HED G 4 .   ? 8.560   -4.816  2.985   1.00 32.46 ? 906  HED A O1  1 
HETATM 1333 C  C2  . HED G 4 .   ? 7.511   -2.690  3.167   1.00 31.73 ? 906  HED A C2  1 
HETATM 1334 S  S3  . HED G 4 .   ? 5.820   -3.144  2.730   1.00 29.65 ? 906  HED A S3  1 
HETATM 1335 S  S4  . HED G 4 .   ? 5.277   -1.729  1.355   1.00 33.01 ? 906  HED A S4  1 
HETATM 1336 C  C5  . HED G 4 .   ? 6.697   -1.573  0.236   1.00 30.28 ? 906  HED A C5  1 
HETATM 1337 C  C6  . HED G 4 .   ? 6.351   -0.856  -1.064  1.00 30.43 ? 906  HED A C6  1 
HETATM 1338 O  O6  . HED G 4 .   ? 5.733   -1.765  -1.944  1.00 30.07 ? 906  HED A O6  1 
HETATM 1339 F  F6  . IBF H 6 .   ? -4.675  1.985   -10.635 1.00 19.85 ? 900  IBF A F6  1 
HETATM 1340 C  C6  . IBF H 6 .   ? -3.454  1.419   -10.611 1.00 19.62 ? 900  IBF A C6  1 
HETATM 1341 C  C1  . IBF H 6 .   ? -3.174  0.416   -9.683  1.00 19.43 ? 900  IBF A C1  1 
HETATM 1342 I  I1  . IBF H 6 .   ? -4.621  -0.236  -8.323  1.00 19.17 ? 900  IBF A I1  1 
HETATM 1343 C  C5  . IBF H 6 .   ? -2.493  1.862   -11.520 1.00 19.35 ? 900  IBF A C5  1 
HETATM 1344 F  F5  . IBF H 6 .   ? -2.811  2.838   -12.390 1.00 19.81 ? 900  IBF A F5  1 
HETATM 1345 C  C4  . IBF H 6 .   ? -1.218  1.316   -11.539 1.00 19.57 ? 900  IBF A C4  1 
HETATM 1346 F  F4  . IBF H 6 .   ? -0.294  1.736   -12.417 1.00 19.97 ? 900  IBF A F4  1 
HETATM 1347 C  C3  . IBF H 6 .   ? -0.879  0.244   -10.575 1.00 19.45 ? 900  IBF A C3  1 
HETATM 1348 F  F3  . IBF H 6 .   ? 0.338   -0.319  -10.546 1.00 19.99 ? 900  IBF A F3  1 
HETATM 1349 C  C2  . IBF H 6 .   ? -1.932  -0.191  -9.634  1.00 19.30 ? 900  IBF A C2  1 
HETATM 1350 F  F2  . IBF H 6 .   ? -1.679  -1.159  -8.740  1.00 19.06 ? 900  IBF A F2  1 
HETATM 1351 O  O   . HOH I 7 .   ? -7.577  6.989   -16.310 1.00 11.02 ? 907  HOH A O   1 
HETATM 1352 O  O   . HOH I 7 .   ? 7.429   2.312   8.565   1.00 9.72  ? 908  HOH A O   1 
HETATM 1353 O  O   . HOH I 7 .   ? 6.460   1.819   5.988   1.00 10.78 ? 909  HOH A O   1 
HETATM 1354 O  O   . HOH I 7 .   ? 5.865   -17.111 14.873  1.00 13.34 ? 910  HOH A O   1 
HETATM 1355 O  O   . HOH I 7 .   ? 2.586   -5.745  6.308   1.00 12.16 ? 911  HOH A O   1 
HETATM 1356 O  O   . HOH I 7 .   ? -10.242 16.208  -6.161  1.00 15.14 ? 912  HOH A O   1 
HETATM 1357 O  O   . HOH I 7 .   ? -11.836 9.341   -1.051  1.00 12.83 ? 913  HOH A O   1 
HETATM 1358 O  O   . HOH I 7 .   ? -4.841  -13.365 8.789   1.00 10.61 ? 914  HOH A O   1 
HETATM 1359 O  O   . HOH I 7 .   ? -13.730 4.153   6.446   1.00 15.60 ? 915  HOH A O   1 
HETATM 1360 O  O   . HOH I 7 .   ? -0.522  -2.053  9.227   1.00 13.91 ? 916  HOH A O   1 
HETATM 1361 O  O   . HOH I 7 .   ? -4.983  -0.652  -0.912  1.00 10.73 ? 917  HOH A O   1 
HETATM 1362 O  O   . HOH I 7 .   ? 16.128  0.484   4.620   1.00 11.52 ? 918  HOH A O   1 
HETATM 1363 O  O   . HOH I 7 .   ? -17.027 9.809   -10.463 1.00 15.68 ? 919  HOH A O   1 
HETATM 1364 O  O   . HOH I 7 .   ? -5.974  10.057  -19.246 1.00 12.77 ? 920  HOH A O   1 
HETATM 1365 O  O   . HOH I 7 .   ? 9.412   12.499  1.164   1.00 18.11 ? 921  HOH A O   1 
HETATM 1366 O  O   . HOH I 7 .   ? -9.879  -2.959  5.984   1.00 11.56 ? 922  HOH A O   1 
HETATM 1367 O  O   . HOH I 7 .   ? 0.573   -8.331  3.931   1.00 20.63 ? 923  HOH A O   1 
HETATM 1368 O  O   . HOH I 7 .   ? -17.748 -3.618  -13.585 1.00 13.42 ? 924  HOH A O   1 
HETATM 1369 O  O   . HOH I 7 .   ? -0.656  17.900  1.507   1.00 15.08 ? 925  HOH A O   1 
HETATM 1370 O  O   . HOH I 7 .   ? 0.688   -3.755  7.098   1.00 15.66 ? 926  HOH A O   1 
HETATM 1371 O  O   . HOH I 7 .   ? -10.363 -9.726  7.642   1.00 11.96 ? 927  HOH A O   1 
HETATM 1372 O  O   . HOH I 7 .   ? -2.833  13.675  -14.247 1.00 14.28 ? 928  HOH A O   1 
HETATM 1373 O  O   . HOH I 7 .   ? -9.234  14.160  -8.857  1.00 15.47 ? 929  HOH A O   1 
HETATM 1374 O  O   . HOH I 7 .   ? -18.711 -5.574  -6.855  1.00 13.15 ? 930  HOH A O   1 
HETATM 1375 O  O   . HOH I 7 .   ? -17.378 7.533   -14.522 1.00 14.11 ? 931  HOH A O   1 
HETATM 1376 O  O   . HOH I 7 .   ? 21.929  -2.105  6.044   1.00 15.16 ? 932  HOH A O   1 
HETATM 1377 O  O   . HOH I 7 .   ? -14.619 2.083   4.627   1.00 11.25 ? 933  HOH A O   1 
HETATM 1378 O  O   . HOH I 7 .   ? -18.630 8.106   -11.905 1.00 14.44 ? 934  HOH A O   1 
HETATM 1379 O  O   . HOH I 7 .   ? 17.960  3.733   4.749   1.00 13.38 ? 935  HOH A O   1 
HETATM 1380 O  O   . HOH I 7 .   ? -2.948  10.754  8.345   1.00 15.63 ? 936  HOH A O   1 
HETATM 1381 O  O   . HOH I 7 .   ? -19.534 1.901   -8.384  1.00 17.04 ? 937  HOH A O   1 
HETATM 1382 O  O   . HOH I 7 .   ? -17.437 -1.219  -5.335  1.00 14.73 ? 938  HOH A O   1 
HETATM 1383 O  O   . HOH I 7 .   ? -11.230 15.873  -2.058  1.00 16.25 ? 939  HOH A O   1 
HETATM 1384 O  O   . HOH I 7 .   ? 7.611   9.503   6.000   1.00 19.09 ? 940  HOH A O   1 
HETATM 1385 O  O   . HOH I 7 .   ? -0.061  -3.376  3.910   1.00 18.08 ? 941  HOH A O   1 
HETATM 1386 O  O   . HOH I 7 .   ? -4.935  -3.087  5.596   1.00 18.19 ? 942  HOH A O   1 
HETATM 1387 O  O   . HOH I 7 .   ? -3.188  -5.484  4.554   1.00 23.70 ? 943  HOH A O   1 
HETATM 1388 O  O   . HOH I 7 .   ? -16.572 7.513   -18.345 1.00 15.29 ? 944  HOH A O   1 
HETATM 1389 O  O   . HOH I 7 .   ? 12.187  0.765   3.589   1.00 17.37 ? 945  HOH A O   1 
HETATM 1390 O  O   . HOH I 7 .   ? -5.262  -10.641 -1.717  1.00 22.72 ? 946  HOH A O   1 
HETATM 1391 O  O   . HOH I 7 .   ? -7.089  7.666   -20.030 1.00 15.39 ? 947  HOH A O   1 
HETATM 1392 O  O   . HOH I 7 .   ? 17.583  4.854   17.266  1.00 21.44 ? 948  HOH A O   1 
HETATM 1393 O  O   . HOH I 7 .   ? 5.964   -13.073 9.021   1.00 12.60 ? 949  HOH A O   1 
HETATM 1394 O  O   . HOH I 7 .   ? -16.909 -6.245  -13.075 1.00 15.38 ? 950  HOH A O   1 
HETATM 1395 O  O   . HOH I 7 .   ? 17.038  2.972   7.385   1.00 15.95 ? 951  HOH A O   1 
HETATM 1396 O  O   . HOH I 7 .   ? 5.567   -13.616 17.639  1.00 26.52 ? 952  HOH A O   1 
HETATM 1397 O  O   . HOH I 7 .   ? 2.729   -3.883  4.356   1.00 18.87 ? 953  HOH A O   1 
HETATM 1398 O  O   . HOH I 7 .   ? 11.697  9.497   16.783  1.00 21.80 ? 954  HOH A O   1 
HETATM 1399 O  O   . HOH I 7 .   ? -16.174 -11.590 2.772   1.00 18.86 ? 955  HOH A O   1 
HETATM 1400 O  O   . HOH I 7 .   ? -6.817  -0.047  7.092   1.00 13.97 ? 956  HOH A O   1 
HETATM 1401 O  O   . HOH I 7 .   ? -18.579 -1.726  -1.280  1.00 20.36 ? 957  HOH A O   1 
HETATM 1402 O  O   . HOH I 7 .   ? 4.190   -16.427 12.936  1.00 22.38 ? 958  HOH A O   1 
HETATM 1403 O  O   . HOH I 7 .   ? 1.035   -15.492 11.958  1.00 17.99 ? 959  HOH A O   1 
HETATM 1404 O  O   . HOH I 7 .   ? 1.266   15.801  4.977   1.00 14.24 ? 960  HOH A O   1 
HETATM 1405 O  O   . HOH I 7 .   ? 12.579  10.034  9.460   1.00 18.41 ? 961  HOH A O   1 
HETATM 1406 O  O   . HOH I 7 .   ? 18.571  5.151   13.117  1.00 20.06 ? 962  HOH A O   1 
HETATM 1407 O  O   . HOH I 7 .   ? -2.594  17.459  3.392   1.00 20.97 ? 963  HOH A O   1 
HETATM 1408 O  O   . HOH I 7 .   ? 13.555  5.626   -1.384  1.00 23.41 ? 964  HOH A O   1 
HETATM 1409 O  O   . HOH I 7 .   ? -14.513 6.323   4.970   1.00 17.06 ? 965  HOH A O   1 
HETATM 1410 O  O   . HOH I 7 .   ? 9.908   7.530   18.872  1.00 17.14 ? 966  HOH A O   1 
HETATM 1411 O  O   . HOH I 7 .   ? 4.282   -14.607 10.950  1.00 17.86 ? 967  HOH A O   1 
HETATM 1412 O  O   . HOH I 7 .   ? 4.517   -9.739  16.976  1.00 21.46 ? 968  HOH A O   1 
HETATM 1413 O  O   . HOH I 7 .   ? 15.957  -0.522  19.497  1.00 18.52 ? 969  HOH A O   1 
HETATM 1414 O  O   . HOH I 7 .   ? -16.552 5.168   0.991   1.00 27.87 ? 970  HOH A O   1 
HETATM 1415 O  O   . HOH I 7 .   ? -1.860  -3.640  13.994  1.00 27.52 ? 971  HOH A O   1 
HETATM 1416 O  O   . HOH I 7 .   ? -8.617  -8.473  -13.205 1.00 22.46 ? 972  HOH A O   1 
HETATM 1417 O  O   . HOH I 7 .   ? -16.379 13.154  -7.941  1.00 22.32 ? 973  HOH A O   1 
HETATM 1418 O  O   . HOH I 7 .   ? 20.945  -0.231  18.369  1.00 21.80 ? 974  HOH A O   1 
HETATM 1419 O  O   . HOH I 7 .   ? -5.418  -8.755  4.254   1.00 19.22 ? 975  HOH A O   1 
HETATM 1420 O  O   . HOH I 7 .   ? -2.384  -14.870 5.390   1.00 26.99 ? 976  HOH A O   1 
HETATM 1421 O  O   . HOH I 7 .   ? -16.485 2.004   -1.955  1.00 16.45 ? 977  HOH A O   1 
HETATM 1422 O  O   . HOH I 7 .   ? 17.464  -11.954 14.662  1.00 23.52 ? 978  HOH A O   1 
HETATM 1423 O  O   . HOH I 7 .   ? -13.379 15.522  1.182   1.00 35.84 ? 979  HOH A O   1 
HETATM 1424 O  O   . HOH I 7 .   ? 8.028   -2.932  -11.367 1.00 21.45 ? 980  HOH A O   1 
HETATM 1425 O  O   . HOH I 7 .   ? 9.398   -13.061 3.063   1.00 25.42 ? 981  HOH A O   1 
HETATM 1426 O  O   . HOH I 7 .   ? -6.555  -7.686  1.886   1.00 18.60 ? 982  HOH A O   1 
HETATM 1427 O  O   . HOH I 7 .   ? -7.323  -11.989 6.456   1.00 22.21 ? 983  HOH A O   1 
HETATM 1428 O  O   . HOH I 7 .   ? 10.198  3.146   20.397  1.00 19.23 ? 984  HOH A O   1 
HETATM 1429 O  O   . HOH I 7 .   ? -0.769  -5.838  3.521   1.00 20.93 ? 985  HOH A O   1 
HETATM 1430 O  O   . HOH I 7 .   ? 3.339   -4.526  1.833   1.00 24.30 ? 986  HOH A O   1 
HETATM 1431 O  O   . HOH I 7 .   ? -20.089 7.502   -8.739  1.00 19.60 ? 987  HOH A O   1 
HETATM 1432 O  O   . HOH I 7 .   ? 3.525   -16.558 16.382  1.00 22.38 ? 988  HOH A O   1 
HETATM 1433 O  O   . HOH I 7 .   ? -4.635  -10.793 -14.468 1.00 23.31 ? 989  HOH A O   1 
HETATM 1434 O  O   . HOH I 7 .   ? 10.182  -1.007  -0.016  1.00 24.14 ? 990  HOH A O   1 
HETATM 1435 O  O   . HOH I 7 .   ? -1.689  2.742   14.827  1.00 25.39 ? 991  HOH A O   1 
HETATM 1436 O  O   . HOH I 7 .   ? 14.832  -5.755  5.727   1.00 21.46 ? 992  HOH A O   1 
HETATM 1437 O  O   . HOH I 7 .   ? 4.251   -16.087 8.754   1.00 29.75 ? 993  HOH A O   1 
HETATM 1438 O  O   . HOH I 7 .   ? 13.289  8.136   4.241   1.00 20.16 ? 994  HOH A O   1 
HETATM 1439 O  O   . HOH I 7 .   ? -7.369  -9.325  6.585   1.00 18.99 ? 995  HOH A O   1 
HETATM 1440 O  O   . HOH I 7 .   ? 0.973   0.165   12.251  1.00 20.66 ? 996  HOH A O   1 
HETATM 1441 O  O   . HOH I 7 .   ? 13.270  -19.125 14.942  1.00 35.82 ? 997  HOH A O   1 
HETATM 1442 O  O   . HOH I 7 .   ? 10.757  -0.116  -6.328  1.00 20.78 ? 998  HOH A O   1 
HETATM 1443 O  O   . HOH I 7 .   ? 3.894   1.658   19.190  1.00 23.23 ? 999  HOH A O   1 
HETATM 1444 O  O   . HOH I 7 .   ? -4.818  4.492   11.542  1.00 28.43 ? 1000 HOH A O   1 
HETATM 1445 O  O   . HOH I 7 .   ? -7.301  -16.033 3.379   1.00 23.72 ? 1001 HOH A O   1 
HETATM 1446 O  O   . HOH I 7 .   ? 24.546  -0.229  9.377   1.00 31.34 ? 1002 HOH A O   1 
HETATM 1447 O  O   . HOH I 7 .   ? -5.330  -14.083 6.176   1.00 20.04 ? 1003 HOH A O   1 
HETATM 1448 O  O   . HOH I 7 .   ? -2.312  -6.360  -13.365 1.00 32.60 ? 1004 HOH A O   1 
HETATM 1449 O  O   . HOH I 7 .   ? 5.902   -4.562  -11.496 1.00 32.85 ? 1005 HOH A O   1 
HETATM 1450 O  O   . HOH I 7 .   ? 23.790  -1.784  16.894  1.00 39.51 ? 1006 HOH A O   1 
HETATM 1451 O  O   . HOH I 7 .   ? 12.553  -7.139  4.875   1.00 30.90 ? 1007 HOH A O   1 
HETATM 1452 O  O   . HOH I 7 .   ? -0.154  14.364  -15.128 1.00 27.62 ? 1008 HOH A O   1 
HETATM 1453 O  O   . HOH I 7 .   ? -17.358 3.265   -4.244  1.00 25.05 ? 1009 HOH A O   1 
HETATM 1454 O  O   . HOH I 7 .   ? -5.172  -9.571  -7.519  1.00 25.62 ? 1010 HOH A O   1 
HETATM 1455 O  O   . HOH I 7 .   ? -9.661  7.016   -21.675 1.00 25.48 ? 1011 HOH A O   1 
HETATM 1456 O  O   . HOH I 7 .   ? -21.590 -7.002  -11.176 1.00 40.30 ? 1012 HOH A O   1 
HETATM 1457 O  O   . HOH I 7 .   ? 3.268   -5.725  18.755  1.00 21.72 ? 1013 HOH A O   1 
HETATM 1458 O  O   . HOH I 7 .   ? -15.984 16.212  -2.357  1.00 24.96 ? 1014 HOH A O   1 
HETATM 1459 O  O   . HOH I 7 .   ? 13.382  -13.410 19.266  1.00 40.08 ? 1015 HOH A O   1 
HETATM 1460 O  O   . HOH I 7 .   ? -1.135  6.596   -20.348 1.00 24.85 ? 1016 HOH A O   1 
HETATM 1461 O  O   . HOH I 7 .   ? 4.829   -5.620  -17.993 1.00 48.01 ? 1017 HOH A O   1 
HETATM 1462 O  O   . HOH I 7 .   ? -4.112  -1.680  8.601   1.00 40.51 ? 1018 HOH A O   1 
HETATM 1463 O  O   . HOH I 7 .   ? 10.906  -3.386  -15.244 1.00 37.14 ? 1019 HOH A O   1 
HETATM 1464 O  O   . HOH I 7 .   ? -16.984 -1.374  -19.178 1.00 36.25 ? 1020 HOH A O   1 
HETATM 1465 O  O   . HOH I 7 .   ? -11.505 -4.618  -18.113 1.00 26.29 ? 1021 HOH A O   1 
HETATM 1466 O  O   . HOH I 7 .   ? -16.777 -3.335  5.436   1.00 26.85 ? 1022 HOH A O   1 
HETATM 1467 O  O   . HOH I 7 .   ? 15.695  7.806   16.064  1.00 24.98 ? 1023 HOH A O   1 
HETATM 1468 O  O   . HOH I 7 .   ? 9.225   -17.118 15.964  1.00 27.56 ? 1024 HOH A O   1 
HETATM 1469 O  O   . HOH I 7 .   ? -3.536  5.391   14.154  1.00 38.13 ? 1025 HOH A O   1 
HETATM 1470 O  O   . HOH I 7 .   ? -3.541  9.789   10.879  1.00 23.87 ? 1026 HOH A O   1 
HETATM 1471 O  O   . HOH I 7 .   ? -4.935  7.643   11.941  1.00 25.41 ? 1027 HOH A O   1 
HETATM 1472 O  O   . HOH I 7 .   ? -19.277 -3.087  -5.198  1.00 19.25 ? 1028 HOH A O   1 
HETATM 1473 O  O   . HOH I 7 .   ? -16.621 -0.618  -2.619  1.00 15.60 ? 1029 HOH A O   1 
HETATM 1474 O  O   . HOH I 7 .   ? -15.576 4.139   3.171   1.00 24.52 ? 1030 HOH A O   1 
HETATM 1475 O  O   . HOH I 7 .   ? 16.617  3.862   19.723  1.00 18.38 ? 1031 HOH A O   1 
HETATM 1476 O  O   . HOH I 7 .   ? 14.469  2.022   19.720  1.00 21.45 ? 1032 HOH A O   1 
HETATM 1477 O  O   . HOH I 7 .   ? 12.724  2.880   21.488  1.00 21.55 ? 1033 HOH A O   1 
HETATM 1478 O  O   . HOH I 7 .   ? -7.191  -2.935  6.942   1.00 19.84 ? 1034 HOH A O   1 
HETATM 1479 O  O   . HOH I 7 .   ? -8.906  16.915  -3.900  1.00 23.02 ? 1035 HOH A O   1 
HETATM 1480 O  O   . HOH I 7 .   ? -1.693  -4.868  8.101   1.00 24.89 ? 1036 HOH A O   1 
HETATM 1481 O  O   . HOH I 7 .   ? 17.344  5.990   10.601  1.00 23.32 ? 1037 HOH A O   1 
HETATM 1482 O  O   . HOH I 7 .   ? 7.895   -6.177  0.704   1.00 36.14 ? 1038 HOH A O   1 
HETATM 1483 O  O   . HOH I 7 .   ? -18.438 -7.579  -5.035  1.00 27.92 ? 1039 HOH A O   1 
HETATM 1484 O  O   . HOH I 7 .   ? -17.909 13.271  -5.456  1.00 26.35 ? 1040 HOH A O   1 
HETATM 1485 O  O   . HOH I 7 .   ? 15.704  7.326   3.666   1.00 21.69 ? 1041 HOH A O   1 
HETATM 1486 O  O   . HOH I 7 .   ? 0.319   -16.100 7.986   1.00 30.02 ? 1042 HOH A O   1 
HETATM 1487 O  O   . HOH I 7 .   ? 12.623  3.603   -2.179  1.00 25.25 ? 1043 HOH A O   1 
HETATM 1488 O  O   . HOH I 7 .   ? 22.367  -3.893  10.335  1.00 18.58 ? 1044 HOH A O   1 
HETATM 1489 O  O   . HOH I 7 .   ? 13.188  -4.041  4.410   1.00 26.68 ? 1045 HOH A O   1 
HETATM 1490 O  O   . HOH I 7 .   ? -13.161 14.609  -8.682  1.00 21.10 ? 1046 HOH A O   1 
HETATM 1491 O  O   . HOH I 7 .   ? -16.492 12.853  3.485   1.00 37.84 ? 1047 HOH A O   1 
HETATM 1492 O  O   . HOH I 7 .   ? 23.659  -2.772  8.312   1.00 22.19 ? 1048 HOH A O   1 
HETATM 1493 O  O   . HOH I 7 .   ? -6.897  2.103   9.532   1.00 36.90 ? 1049 HOH A O   1 
HETATM 1494 O  O   . HOH I 7 .   ? -8.380  -16.490 -0.431  1.00 28.22 ? 1050 HOH A O   1 
HETATM 1495 O  O   . HOH I 7 .   ? 3.837   9.674   10.766  1.00 31.95 ? 1051 HOH A O   1 
HETATM 1496 O  O   . HOH I 7 .   ? 7.840   -19.797 14.416  1.00 35.62 ? 1052 HOH A O   1 
HETATM 1497 O  O   . HOH I 7 .   ? 7.131   -7.344  19.084  1.00 31.25 ? 1053 HOH A O   1 
HETATM 1498 O  O   . HOH I 7 .   ? -17.201 11.915  -3.290  1.00 35.80 ? 1054 HOH A O   1 
HETATM 1499 O  O   . HOH I 7 .   ? -7.666  -9.575  -18.932 1.00 27.17 ? 1055 HOH A O   1 
HETATM 1500 O  O   . HOH I 7 .   ? 11.949  -17.098 16.002  1.00 32.57 ? 1056 HOH A O   1 
HETATM 1501 O  O   . HOH I 7 .   ? 18.057  -7.480  17.029  1.00 26.24 ? 1057 HOH A O   1 
HETATM 1502 O  O   . HOH I 7 .   ? -21.777 2.209   -16.965 1.00 29.29 ? 1058 HOH A O   1 
HETATM 1503 O  O   . HOH I 7 .   ? -8.863  14.526  6.458   1.00 58.85 ? 1059 HOH A O   1 
HETATM 1504 O  O   . HOH I 7 .   ? 1.935   9.819   12.563  1.00 31.29 ? 1060 HOH A O   1 
HETATM 1505 O  O   . HOH I 7 .   ? -0.043  5.011   16.610  1.00 42.15 ? 1061 HOH A O   1 
HETATM 1506 O  O   . HOH I 7 .   ? 19.123  -9.832  14.049  1.00 34.35 ? 1062 HOH A O   1 
HETATM 1507 O  O   . HOH I 7 .   ? 21.276  -8.200  13.694  1.00 28.63 ? 1063 HOH A O   1 
HETATM 1508 O  O   . HOH I 7 .   ? 15.882  -18.698 15.325  1.00 41.18 ? 1064 HOH A O   1 
HETATM 1509 O  O   . HOH I 7 .   ? -16.332 -10.388 -3.897  1.00 20.86 ? 1065 HOH A O   1 
HETATM 1510 O  O   . HOH I 7 .   ? -22.185 4.825   -7.565  1.00 35.87 ? 1066 HOH A O   1 
HETATM 1511 O  O   . HOH I 7 .   ? 6.033   -6.005  -20.481 1.00 40.66 ? 1067 HOH A O   1 
HETATM 1512 O  O   . HOH I 7 .   ? 9.247   -4.406  -13.350 1.00 30.78 ? 1068 HOH A O   1 
HETATM 1513 O  O   . HOH I 7 .   ? -1.179  -15.534 3.052   1.00 38.37 ? 1069 HOH A O   1 
HETATM 1514 O  O   . HOH I 7 .   ? 2.177   -0.997  -22.266 1.00 43.87 ? 1070 HOH A O   1 
HETATM 1515 O  O   . HOH I 7 .   ? 5.013   2.202   -20.573 1.00 39.73 ? 1071 HOH A O   1 
HETATM 1516 O  O   . HOH I 7 .   ? -22.868 1.460   -14.190 1.00 31.29 ? 1072 HOH A O   1 
HETATM 1517 O  O   . HOH I 7 .   ? 24.710  0.193   13.547  1.00 24.58 ? 1073 HOH A O   1 
HETATM 1518 O  O   . HOH I 7 .   ? -2.047  -13.811 1.129   1.00 38.67 ? 1074 HOH A O   1 
HETATM 1519 O  O   . HOH I 7 .   ? -20.083 10.915  -5.927  1.00 41.88 ? 1075 HOH A O   1 
HETATM 1520 O  O   . HOH I 7 .   ? 14.356  9.838   17.291  1.00 41.75 ? 1076 HOH A O   1 
HETATM 1521 O  O   . HOH I 7 .   ? 3.533   -3.179  17.902  1.00 31.60 ? 1077 HOH A O   1 
HETATM 1522 O  O   . HOH I 7 .   ? -1.428  4.645   -22.639 1.00 38.17 ? 1078 HOH A O   1 
HETATM 1523 O  O   . HOH I 7 .   ? -16.880 -1.838  -23.688 1.00 45.42 ? 1079 HOH A O   1 
HETATM 1524 O  O   . HOH I 7 .   ? -14.338 5.102   -21.617 1.00 29.21 ? 1080 HOH A O   1 
HETATM 1525 O  O   . HOH I 7 .   ? -22.722 7.689   -7.364  1.00 35.79 ? 1081 HOH A O   1 
HETATM 1526 O  O   . HOH I 7 .   ? -2.664  -2.916  6.723   1.00 27.95 ? 1082 HOH A O   1 
HETATM 1527 O  O   . HOH I 7 .   ? -12.989 -2.719  -19.738 1.00 33.71 ? 1083 HOH A O   1 
HETATM 1528 O  O   . HOH I 7 .   ? -20.221 -6.350  -13.634 1.00 44.91 ? 1084 HOH A O   1 
HETATM 1529 O  O   . HOH I 7 .   ? -2.973  -1.289  10.924  1.00 33.78 ? 1085 HOH A O   1 
HETATM 1530 O  O   . HOH I 7 .   ? 9.061   12.433  13.602  1.00 41.35 ? 1086 HOH A O   1 
HETATM 1531 O  O   . HOH I 7 .   ? 5.796   -7.577  -0.246  1.00 41.77 ? 1087 HOH A O   1 
HETATM 1532 O  O   . HOH I 7 .   ? 3.615   10.611  18.319  1.00 47.41 ? 1088 HOH A O   1 
HETATM 1533 O  O   . HOH I 7 .   ? 0.719   7.593   16.920  1.00 47.95 ? 1089 HOH A O   1 
HETATM 1534 O  O   . HOH I 7 .   ? 1.254   9.479   15.086  1.00 42.28 ? 1090 HOH A O   1 
HETATM 1535 O  O   . HOH I 7 .   ? -5.097  -10.967 -18.075 1.00 33.27 ? 1091 HOH A O   1 
HETATM 1536 O  O   . HOH I 7 .   ? 5.126   -19.727 14.658  1.00 45.87 ? 1092 HOH A O   1 
HETATM 1537 O  O   . HOH I 7 .   ? -2.475  -10.284 -16.472 1.00 40.77 ? 1093 HOH A O   1 
HETATM 1538 O  O   . HOH I 7 .   ? 2.493   -18.725 11.567  1.00 43.97 ? 1094 HOH A O   1 
HETATM 1539 O  O   . HOH I 7 .   ? -21.252 -5.900  -7.625  1.00 36.08 ? 1095 HOH A O   1 
HETATM 1540 O  O   . HOH I 7 .   ? 2.789   13.052  17.278  1.00 46.65 ? 1096 HOH A O   1 
HETATM 1541 O  O   . HOH I 7 .   ? -6.873  16.648  4.906   1.00 37.94 ? 1097 HOH A O   1 
HETATM 1542 O  O   . HOH I 7 .   ? -22.950 -4.134  -8.881  1.00 36.98 ? 1098 HOH A O   1 
HETATM 1543 O  O   . HOH I 7 .   ? -5.773  -4.298  -22.800 1.00 45.82 ? 1099 HOH A O   1 
HETATM 1544 O  O   . HOH I 7 .   ? -0.993  14.900  8.600   1.00 40.14 ? 1100 HOH A O   1 
HETATM 1545 O  O   . HOH I 7 .   ? -15.888 8.799   -20.978 1.00 21.91 ? 1101 HOH A O   1 
HETATM 1546 O  O   . HOH I 7 .   ? -15.121 -12.540 -5.162  1.00 20.53 ? 1102 HOH A O   1 
HETATM 1547 O  O   . HOH I 7 .   ? -21.244 -0.092  -12.725 1.00 19.52 ? 1103 HOH A O   1 
HETATM 1548 O  O   . HOH I 7 .   ? -0.613  11.970  9.023   1.00 18.36 ? 1104 HOH A O   1 
HETATM 1549 O  O   . HOH I 7 .   ? -18.696 1.170   -5.785  1.00 19.29 ? 1105 HOH A O   1 
HETATM 1550 O  O   . HOH I 7 .   ? -13.402 -13.220 2.828   1.00 27.59 ? 1106 HOH A O   1 
HETATM 1551 O  O   . HOH I 7 .   ? 3.296   9.759   8.109   1.00 22.06 ? 1107 HOH A O   1 
HETATM 1552 O  O   . HOH I 7 .   ? 7.089   -10.110 0.432   1.00 29.45 ? 1108 HOH A O   1 
HETATM 1553 O  O   . HOH I 7 .   ? 4.758   -7.638  -2.610  1.00 45.82 ? 1109 HOH A O   1 
HETATM 1554 O  O   . HOH I 7 .   ? 0.177   11.670  11.607  1.00 30.89 ? 1110 HOH A O   1 
HETATM 1555 O  O   . HOH I 7 .   ? -1.027  -1.585  12.617  1.00 33.03 ? 1111 HOH A O   1 
HETATM 1556 O  O   . HOH I 7 .   ? 20.335  -10.669 16.693  1.00 42.33 ? 1112 HOH A O   1 
HETATM 1557 O  O   . HOH I 7 .   ? -4.663  0.711   11.486  1.00 32.65 ? 1113 HOH A O   1 
HETATM 1558 O  O   . HOH I 7 .   ? 1.568   -11.385 -2.842  1.00 46.18 ? 1114 HOH A O   1 
HETATM 1559 O  O   . HOH I 7 .   ? -21.046 0.816   -4.247  1.00 37.67 ? 1115 HOH A O   1 
HETATM 1560 O  O   . HOH I 7 .   ? 1.368   11.414  7.147   1.00 21.04 ? 1116 HOH A O   1 
# 
loop_
_pdbx_poly_seq_scheme.asym_id 
_pdbx_poly_seq_scheme.entity_id 
_pdbx_poly_seq_scheme.seq_id 
_pdbx_poly_seq_scheme.mon_id 
_pdbx_poly_seq_scheme.ndb_seq_num 
_pdbx_poly_seq_scheme.pdb_seq_num 
_pdbx_poly_seq_scheme.auth_seq_num 
_pdbx_poly_seq_scheme.pdb_mon_id 
_pdbx_poly_seq_scheme.auth_mon_id 
_pdbx_poly_seq_scheme.pdb_strand_id 
_pdbx_poly_seq_scheme.pdb_ins_code 
_pdbx_poly_seq_scheme.hetero 
A 1 1   MSE 1   1   1   MSE MSE A . n 
A 1 2   ASN 2   2   2   ASN ASN A . n 
A 1 3   ILE 3   3   3   ILE ILE A . n 
A 1 4   PHE 4   4   4   PHE PHE A . n 
A 1 5   GLU 5   5   5   GLU GLU A . n 
A 1 6   MSE 6   6   6   MSE MSE A . n 
A 1 7   LEU 7   7   7   LEU LEU A . n 
A 1 8   ARG 8   8   8   ARG ARG A . n 
A 1 9   ILE 9   9   9   ILE ILE A . n 
A 1 10  ASP 10  10  10  ASP ASP A . n 
A 1 11  GLU 11  11  11  GLU GLU A . n 
A 1 12  GLY 12  12  12  GLY GLY A . n 
A 1 13  LEU 13  13  13  LEU LEU A . n 
A 1 14  ARG 14  14  14  ARG ARG A . n 
A 1 15  LEU 15  15  15  LEU LEU A . n 
A 1 16  LYS 16  16  16  LYS LYS A . n 
A 1 17  ILE 17  17  17  ILE ILE A . n 
A 1 18  TYR 18  18  18  TYR TYR A . n 
A 1 19  LYS 19  19  19  LYS LYS A . n 
A 1 20  ASP 20  20  20  ASP ASP A . n 
A 1 21  THR 21  21  21  THR THR A . n 
A 1 22  GLU 22  22  22  GLU GLU A . n 
A 1 23  GLY 23  23  23  GLY GLY A . n 
A 1 24  TYR 24  24  24  TYR TYR A . n 
A 1 25  TYR 25  25  25  TYR TYR A . n 
A 1 26  THR 26  26  26  THR THR A . n 
A 1 27  ILE 27  27  27  ILE ILE A . n 
A 1 28  GLY 28  28  28  GLY GLY A . n 
A 1 29  ILE 29  29  29  ILE ILE A . n 
A 1 30  GLY 30  30  30  GLY GLY A . n 
A 1 31  HIS 31  31  31  HIS HIS A . n 
A 1 32  LEU 32  32  32  LEU LEU A . n 
A 1 33  LEU 33  33  33  LEU LEU A . n 
A 1 34  THR 34  34  34  THR THR A . n 
A 1 35  LYS 35  35  35  LYS LYS A . n 
A 1 36  SER 36  36  36  SER SER A . n 
A 1 37  PRO 37  37  37  PRO PRO A . n 
A 1 38  SER 38  38  38  SER SER A . n 
A 1 39  LEU 39  39  39  LEU LEU A . n 
A 1 40  ASN 40  40  40  ASN ASN A . n 
A 1 41  ALA 41  41  41  ALA ALA A . n 
A 1 42  ALA 42  42  42  ALA ALA A . n 
A 1 43  LYS 43  43  43  LYS LYS A . n 
A 1 44  SER 44  44  44  SER SER A . n 
A 1 45  GLU 45  45  45  GLU GLU A . n 
A 1 46  LEU 46  46  46  LEU LEU A . n 
A 1 47  ASP 47  47  47  ASP ASP A . n 
A 1 48  LYS 48  48  48  LYS LYS A . n 
A 1 49  ALA 49  49  49  ALA ALA A . n 
A 1 50  ILE 50  50  50  ILE ILE A . n 
A 1 51  GLY 51  51  51  GLY GLY A . n 
A 1 52  ARG 52  52  52  ARG ARG A . n 
A 1 53  ASN 53  53  53  ASN ASN A . n 
A 1 54  THR 54  54  54  THR THR A . n 
A 1 55  ASN 55  55  55  ASN ASN A . n 
A 1 56  GLY 56  56  56  GLY GLY A . n 
A 1 57  VAL 57  57  57  VAL VAL A . n 
A 1 58  ILE 58  58  58  ILE ILE A . n 
A 1 59  THR 59  59  59  THR THR A . n 
A 1 60  LYS 60  60  60  LYS LYS A . n 
A 1 61  ASP 61  61  61  ASP ASP A . n 
A 1 62  GLU 62  62  62  GLU GLU A . n 
A 1 63  ALA 63  63  63  ALA ALA A . n 
A 1 64  GLU 64  64  64  GLU GLU A . n 
A 1 65  LYS 65  65  65  LYS LYS A . n 
A 1 66  LEU 66  66  66  LEU LEU A . n 
A 1 67  PHE 67  67  67  PHE PHE A . n 
A 1 68  ASN 68  68  68  ASN ASN A . n 
A 1 69  GLN 69  69  69  GLN GLN A . n 
A 1 70  ASP 70  70  70  ASP ASP A . n 
A 1 71  VAL 71  71  71  VAL VAL A . n 
A 1 72  ASP 72  72  72  ASP ASP A . n 
A 1 73  ALA 73  73  73  ALA ALA A . n 
A 1 74  ALA 74  74  74  ALA ALA A . n 
A 1 75  VAL 75  75  75  VAL VAL A . n 
A 1 76  ARG 76  76  76  ARG ARG A . n 
A 1 77  GLY 77  77  77  GLY GLY A . n 
A 1 78  ILE 78  78  78  ILE ILE A . n 
A 1 79  LEU 79  79  79  LEU LEU A . n 
A 1 80  ARG 80  80  80  ARG ARG A . n 
A 1 81  ASN 81  81  81  ASN ASN A . n 
A 1 82  ALA 82  82  82  ALA ALA A . n 
A 1 83  LYS 83  83  83  LYS LYS A . n 
A 1 84  LEU 84  84  84  LEU LEU A . n 
A 1 85  LYS 85  85  85  LYS LYS A . n 
A 1 86  PRO 86  86  86  PRO PRO A . n 
A 1 87  VAL 87  87  87  VAL VAL A . n 
A 1 88  TYR 88  88  88  TYR TYR A . n 
A 1 89  ASP 89  89  89  ASP ASP A . n 
A 1 90  SER 90  90  90  SER SER A . n 
A 1 91  LEU 91  91  91  LEU LEU A . n 
A 1 92  ASP 92  92  92  ASP ASP A . n 
A 1 93  ALA 93  93  93  ALA ALA A . n 
A 1 94  VAL 94  94  94  VAL VAL A . n 
A 1 95  ARG 95  95  95  ARG ARG A . n 
A 1 96  ARG 96  96  96  ARG ARG A . n 
A 1 97  ALA 97  97  97  ALA ALA A . n 
A 1 98  ALA 98  98  98  ALA ALA A . n 
A 1 99  ALA 99  99  99  ALA ALA A . n 
A 1 100 ILE 100 100 100 ILE ILE A . n 
A 1 101 ASN 101 101 101 ASN ASN A . n 
A 1 102 MSE 102 102 102 MSE MSE A . n 
A 1 103 VAL 103 103 103 VAL VAL A . n 
A 1 104 PHE 104 104 104 PHE PHE A . n 
A 1 105 GLN 105 105 105 GLN GLN A . n 
A 1 106 MSE 106 106 106 MSE MSE A . n 
A 1 107 GLY 107 107 107 GLY GLY A . n 
A 1 108 GLU 108 108 108 GLU GLU A . n 
A 1 109 THR 109 109 109 THR THR A . n 
A 1 110 GLY 110 110 110 GLY GLY A . n 
A 1 111 VAL 111 111 111 VAL VAL A . n 
A 1 112 ALA 112 112 112 ALA ALA A . n 
A 1 113 GLY 113 113 113 GLY GLY A . n 
A 1 114 PHE 114 114 114 PHE PHE A . n 
A 1 115 THR 115 115 115 THR THR A . n 
A 1 116 ASN 116 116 116 ASN ASN A . n 
A 1 117 SER 117 117 117 SER SER A . n 
A 1 118 LEU 118 118 118 LEU LEU A . n 
A 1 119 ARG 119 119 119 ARG ARG A . n 
A 1 120 MSE 120 120 120 MSE MSE A . n 
A 1 121 LEU 121 121 121 LEU LEU A . n 
A 1 122 GLN 122 122 122 GLN GLN A . n 
A 1 123 GLN 123 123 123 GLN GLN A . n 
A 1 124 LYS 124 124 124 LYS LYS A . n 
A 1 125 ARG 125 125 125 ARG ARG A . n 
A 1 126 TRP 126 126 126 TRP TRP A . n 
A 1 127 ASP 127 127 127 ASP ASP A . n 
A 1 128 GLU 128 128 128 GLU GLU A . n 
A 1 129 ALA 129 129 129 ALA ALA A . n 
A 1 130 ALA 130 130 130 ALA ALA A . n 
A 1 131 VAL 131 131 131 VAL VAL A . n 
A 1 132 ASN 132 132 132 ASN ASN A . n 
A 1 133 LEU 133 133 133 LEU LEU A . n 
A 1 134 ALA 134 134 134 ALA ALA A . n 
A 1 135 LYS 135 135 135 LYS LYS A . n 
A 1 136 SER 136 136 136 SER SER A . n 
A 1 137 ARG 137 137 137 ARG ARG A . n 
A 1 138 TRP 138 138 138 TRP TRP A . n 
A 1 139 TYR 139 139 139 TYR TYR A . n 
A 1 140 ASN 140 140 140 ASN ASN A . n 
A 1 141 GLN 141 141 141 GLN GLN A . n 
A 1 142 THR 142 142 142 THR THR A . n 
A 1 143 PRO 143 143 143 PRO PRO A . n 
A 1 144 ASN 144 144 144 ASN ASN A . n 
A 1 145 ARG 145 145 145 ARG ARG A . n 
A 1 146 ALA 146 146 146 ALA ALA A . n 
A 1 147 LYS 147 147 147 LYS LYS A . n 
A 1 148 ARG 148 148 148 ARG ARG A . n 
A 1 149 VAL 149 149 149 VAL VAL A . n 
A 1 150 ILE 150 150 150 ILE ILE A . n 
A 1 151 THR 151 151 151 THR THR A . n 
A 1 152 THR 152 152 152 THR THR A . n 
A 1 153 PHE 153 153 153 PHE PHE A . n 
A 1 154 ARG 154 154 154 ARG ARG A . n 
A 1 155 THR 155 155 155 THR THR A . n 
A 1 156 GLY 156 156 156 GLY GLY A . n 
A 1 157 THR 157 157 157 THR THR A . n 
A 1 158 TRP 158 158 158 TRP TRP A . n 
A 1 159 ASP 159 159 159 ASP ASP A . n 
A 1 160 ALA 160 160 160 ALA ALA A . n 
A 1 161 TYR 161 161 161 TYR TYR A . n 
A 1 162 LYS 162 162 162 LYS LYS A . n 
A 1 163 ASN 163 163 ?   ?   ?   A . n 
A 1 164 LEU 164 164 ?   ?   ?   A . n 
# 
loop_
_pdbx_nonpoly_scheme.asym_id 
_pdbx_nonpoly_scheme.entity_id 
_pdbx_nonpoly_scheme.mon_id 
_pdbx_nonpoly_scheme.ndb_seq_num 
_pdbx_nonpoly_scheme.pdb_seq_num 
_pdbx_nonpoly_scheme.auth_seq_num 
_pdbx_nonpoly_scheme.pdb_mon_id 
_pdbx_nonpoly_scheme.auth_mon_id 
_pdbx_nonpoly_scheme.pdb_strand_id 
_pdbx_nonpoly_scheme.pdb_ins_code 
B 2 PO4 1   901  901 PO4 PO4 A . 
C 3 CL  1   902  902 CL  CL  A . 
D 4 HED 1   903  903 HED HED A . 
E 4 HED 1   904  904 HED HED A . 
F 5 BME 1   905  905 BME BME A . 
G 4 HED 1   906  906 HED HED A . 
H 6 IBF 1   900  900 IBF IFB A . 
I 7 HOH 1   907  1   HOH HOH A . 
I 7 HOH 2   908  2   HOH HOH A . 
I 7 HOH 3   909  3   HOH HOH A . 
I 7 HOH 4   910  4   HOH HOH A . 
I 7 HOH 5   911  5   HOH HOH A . 
I 7 HOH 6   912  6   HOH HOH A . 
I 7 HOH 7   913  7   HOH HOH A . 
I 7 HOH 8   914  8   HOH HOH A . 
I 7 HOH 9   915  9   HOH HOH A . 
I 7 HOH 10  916  10  HOH HOH A . 
I 7 HOH 11  917  11  HOH HOH A . 
I 7 HOH 12  918  12  HOH HOH A . 
I 7 HOH 13  919  13  HOH HOH A . 
I 7 HOH 14  920  14  HOH HOH A . 
I 7 HOH 15  921  15  HOH HOH A . 
I 7 HOH 16  922  16  HOH HOH A . 
I 7 HOH 17  923  17  HOH HOH A . 
I 7 HOH 18  924  18  HOH HOH A . 
I 7 HOH 19  925  19  HOH HOH A . 
I 7 HOH 20  926  20  HOH HOH A . 
I 7 HOH 21  927  21  HOH HOH A . 
I 7 HOH 22  928  22  HOH HOH A . 
I 7 HOH 23  929  23  HOH HOH A . 
I 7 HOH 24  930  24  HOH HOH A . 
I 7 HOH 25  931  25  HOH HOH A . 
I 7 HOH 26  932  26  HOH HOH A . 
I 7 HOH 27  933  27  HOH HOH A . 
I 7 HOH 28  934  28  HOH HOH A . 
I 7 HOH 29  935  29  HOH HOH A . 
I 7 HOH 30  936  30  HOH HOH A . 
I 7 HOH 31  937  31  HOH HOH A . 
I 7 HOH 32  938  32  HOH HOH A . 
I 7 HOH 33  939  33  HOH HOH A . 
I 7 HOH 34  940  34  HOH HOH A . 
I 7 HOH 35  941  35  HOH HOH A . 
I 7 HOH 36  942  36  HOH HOH A . 
I 7 HOH 37  943  37  HOH HOH A . 
I 7 HOH 38  944  38  HOH HOH A . 
I 7 HOH 39  945  39  HOH HOH A . 
I 7 HOH 40  946  40  HOH HOH A . 
I 7 HOH 41  947  41  HOH HOH A . 
I 7 HOH 42  948  42  HOH HOH A . 
I 7 HOH 43  949  43  HOH HOH A . 
I 7 HOH 44  950  44  HOH HOH A . 
I 7 HOH 45  951  45  HOH HOH A . 
I 7 HOH 46  952  46  HOH HOH A . 
I 7 HOH 47  953  47  HOH HOH A . 
I 7 HOH 48  954  48  HOH HOH A . 
I 7 HOH 49  955  49  HOH HOH A . 
I 7 HOH 50  956  50  HOH HOH A . 
I 7 HOH 51  957  51  HOH HOH A . 
I 7 HOH 52  958  52  HOH HOH A . 
I 7 HOH 53  959  53  HOH HOH A . 
I 7 HOH 54  960  54  HOH HOH A . 
I 7 HOH 55  961  55  HOH HOH A . 
I 7 HOH 56  962  56  HOH HOH A . 
I 7 HOH 57  963  57  HOH HOH A . 
I 7 HOH 58  964  58  HOH HOH A . 
I 7 HOH 59  965  59  HOH HOH A . 
I 7 HOH 60  966  60  HOH HOH A . 
I 7 HOH 61  967  61  HOH HOH A . 
I 7 HOH 62  968  62  HOH HOH A . 
I 7 HOH 63  969  63  HOH HOH A . 
I 7 HOH 64  970  64  HOH HOH A . 
I 7 HOH 65  971  65  HOH HOH A . 
I 7 HOH 66  972  66  HOH HOH A . 
I 7 HOH 67  973  67  HOH HOH A . 
I 7 HOH 68  974  68  HOH HOH A . 
I 7 HOH 69  975  69  HOH HOH A . 
I 7 HOH 70  976  70  HOH HOH A . 
I 7 HOH 71  977  71  HOH HOH A . 
I 7 HOH 72  978  72  HOH HOH A . 
I 7 HOH 73  979  73  HOH HOH A . 
I 7 HOH 74  980  74  HOH HOH A . 
I 7 HOH 75  981  75  HOH HOH A . 
I 7 HOH 76  982  76  HOH HOH A . 
I 7 HOH 77  983  77  HOH HOH A . 
I 7 HOH 78  984  78  HOH HOH A . 
I 7 HOH 79  985  79  HOH HOH A . 
I 7 HOH 80  986  80  HOH HOH A . 
I 7 HOH 81  987  81  HOH HOH A . 
I 7 HOH 82  988  82  HOH HOH A . 
I 7 HOH 83  989  83  HOH HOH A . 
I 7 HOH 84  990  84  HOH HOH A . 
I 7 HOH 85  991  85  HOH HOH A . 
I 7 HOH 86  992  86  HOH HOH A . 
I 7 HOH 87  993  87  HOH HOH A . 
I 7 HOH 88  994  88  HOH HOH A . 
I 7 HOH 89  995  89  HOH HOH A . 
I 7 HOH 90  996  90  HOH HOH A . 
I 7 HOH 91  997  91  HOH HOH A . 
I 7 HOH 92  998  92  HOH HOH A . 
I 7 HOH 93  999  93  HOH HOH A . 
I 7 HOH 94  1000 94  HOH HOH A . 
I 7 HOH 95  1001 95  HOH HOH A . 
I 7 HOH 96  1002 96  HOH HOH A . 
I 7 HOH 97  1003 97  HOH HOH A . 
I 7 HOH 98  1004 98  HOH HOH A . 
I 7 HOH 99  1005 99  HOH HOH A . 
I 7 HOH 100 1006 100 HOH HOH A . 
I 7 HOH 101 1007 101 HOH HOH A . 
I 7 HOH 102 1008 102 HOH HOH A . 
I 7 HOH 103 1009 103 HOH HOH A . 
I 7 HOH 104 1010 104 HOH HOH A . 
I 7 HOH 105 1011 105 HOH HOH A . 
I 7 HOH 106 1012 106 HOH HOH A . 
I 7 HOH 107 1013 107 HOH HOH A . 
I 7 HOH 108 1014 108 HOH HOH A . 
I 7 HOH 109 1015 109 HOH HOH A . 
I 7 HOH 110 1016 110 HOH HOH A . 
I 7 HOH 111 1017 111 HOH HOH A . 
I 7 HOH 112 1018 112 HOH HOH A . 
I 7 HOH 113 1019 113 HOH HOH A . 
I 7 HOH 114 1020 114 HOH HOH A . 
I 7 HOH 115 1021 115 HOH HOH A . 
I 7 HOH 116 1022 116 HOH HOH A . 
I 7 HOH 117 1023 117 HOH HOH A . 
I 7 HOH 118 1024 118 HOH HOH A . 
I 7 HOH 119 1025 119 HOH HOH A . 
I 7 HOH 120 1026 120 HOH HOH A . 
I 7 HOH 121 1027 121 HOH HOH A . 
I 7 HOH 122 1028 122 HOH HOH A . 
I 7 HOH 123 1029 123 HOH HOH A . 
I 7 HOH 124 1030 124 HOH HOH A . 
I 7 HOH 125 1031 125 HOH HOH A . 
I 7 HOH 126 1032 126 HOH HOH A . 
I 7 HOH 127 1033 127 HOH HOH A . 
I 7 HOH 128 1034 128 HOH HOH A . 
I 7 HOH 129 1035 129 HOH HOH A . 
I 7 HOH 130 1036 130 HOH HOH A . 
I 7 HOH 131 1037 131 HOH HOH A . 
I 7 HOH 132 1038 132 HOH HOH A . 
I 7 HOH 133 1039 133 HOH HOH A . 
I 7 HOH 134 1040 134 HOH HOH A . 
I 7 HOH 135 1041 135 HOH HOH A . 
I 7 HOH 136 1042 201 HOH HOH A . 
I 7 HOH 137 1043 202 HOH HOH A . 
I 7 HOH 138 1044 203 HOH HOH A . 
I 7 HOH 139 1045 204 HOH HOH A . 
I 7 HOH 140 1046 205 HOH HOH A . 
I 7 HOH 141 1047 206 HOH HOH A . 
I 7 HOH 142 1048 207 HOH HOH A . 
I 7 HOH 143 1049 208 HOH HOH A . 
I 7 HOH 144 1050 209 HOH HOH A . 
I 7 HOH 145 1051 210 HOH HOH A . 
I 7 HOH 146 1052 211 HOH HOH A . 
I 7 HOH 147 1053 212 HOH HOH A . 
I 7 HOH 148 1054 213 HOH HOH A . 
I 7 HOH 149 1055 214 HOH HOH A . 
I 7 HOH 150 1056 215 HOH HOH A . 
I 7 HOH 151 1057 216 HOH HOH A . 
I 7 HOH 152 1058 217 HOH HOH A . 
I 7 HOH 153 1059 218 HOH HOH A . 
I 7 HOH 154 1060 219 HOH HOH A . 
I 7 HOH 155 1061 220 HOH HOH A . 
I 7 HOH 156 1062 221 HOH HOH A . 
I 7 HOH 157 1063 222 HOH HOH A . 
I 7 HOH 158 1064 223 HOH HOH A . 
I 7 HOH 159 1065 224 HOH HOH A . 
I 7 HOH 160 1066 225 HOH HOH A . 
I 7 HOH 161 1067 226 HOH HOH A . 
I 7 HOH 162 1068 227 HOH HOH A . 
I 7 HOH 163 1069 228 HOH HOH A . 
I 7 HOH 164 1070 229 HOH HOH A . 
I 7 HOH 165 1071 230 HOH HOH A . 
I 7 HOH 166 1072 231 HOH HOH A . 
I 7 HOH 167 1073 232 HOH HOH A . 
I 7 HOH 168 1074 233 HOH HOH A . 
I 7 HOH 169 1075 234 HOH HOH A . 
I 7 HOH 170 1076 235 HOH HOH A . 
I 7 HOH 171 1077 236 HOH HOH A . 
I 7 HOH 172 1078 237 HOH HOH A . 
I 7 HOH 173 1079 238 HOH HOH A . 
I 7 HOH 174 1080 239 HOH HOH A . 
I 7 HOH 175 1081 240 HOH HOH A . 
I 7 HOH 176 1082 241 HOH HOH A . 
I 7 HOH 177 1083 242 HOH HOH A . 
I 7 HOH 178 1084 243 HOH HOH A . 
I 7 HOH 179 1085 244 HOH HOH A . 
I 7 HOH 180 1086 245 HOH HOH A . 
I 7 HOH 181 1087 246 HOH HOH A . 
I 7 HOH 182 1088 247 HOH HOH A . 
I 7 HOH 183 1089 248 HOH HOH A . 
I 7 HOH 184 1090 249 HOH HOH A . 
I 7 HOH 185 1091 250 HOH HOH A . 
I 7 HOH 186 1092 251 HOH HOH A . 
I 7 HOH 187 1093 252 HOH HOH A . 
I 7 HOH 188 1094 253 HOH HOH A . 
I 7 HOH 189 1095 254 HOH HOH A . 
I 7 HOH 190 1096 255 HOH HOH A . 
I 7 HOH 191 1097 256 HOH HOH A . 
I 7 HOH 192 1098 257 HOH HOH A . 
I 7 HOH 193 1099 258 HOH HOH A . 
I 7 HOH 194 1100 259 HOH HOH A . 
I 7 HOH 195 1101 260 HOH HOH A . 
I 7 HOH 196 1102 261 HOH HOH A . 
I 7 HOH 197 1103 262 HOH HOH A . 
I 7 HOH 198 1104 263 HOH HOH A . 
I 7 HOH 199 1105 264 HOH HOH A . 
I 7 HOH 200 1106 265 HOH HOH A . 
I 7 HOH 201 1107 266 HOH HOH A . 
I 7 HOH 202 1108 267 HOH HOH A . 
I 7 HOH 203 1109 268 HOH HOH A . 
I 7 HOH 204 1110 269 HOH HOH A . 
I 7 HOH 205 1111 270 HOH HOH A . 
I 7 HOH 206 1112 271 HOH HOH A . 
I 7 HOH 207 1113 272 HOH HOH A . 
I 7 HOH 208 1114 273 HOH HOH A . 
I 7 HOH 209 1115 274 HOH HOH A . 
I 7 HOH 210 1116 275 HOH HOH A . 
# 
loop_
_pdbx_struct_mod_residue.id 
_pdbx_struct_mod_residue.label_asym_id 
_pdbx_struct_mod_residue.label_comp_id 
_pdbx_struct_mod_residue.label_seq_id 
_pdbx_struct_mod_residue.auth_asym_id 
_pdbx_struct_mod_residue.auth_comp_id 
_pdbx_struct_mod_residue.auth_seq_id 
_pdbx_struct_mod_residue.PDB_ins_code 
_pdbx_struct_mod_residue.parent_comp_id 
_pdbx_struct_mod_residue.details 
1 A MSE 1   A MSE 1   ? MET SELENOMETHIONINE 
2 A MSE 6   A MSE 6   ? MET SELENOMETHIONINE 
3 A MSE 102 A MSE 102 ? MET SELENOMETHIONINE 
4 A MSE 106 A MSE 106 ? MET SELENOMETHIONINE 
5 A MSE 120 A MSE 120 ? MET SELENOMETHIONINE 
# 
_pdbx_struct_assembly.id                   1 
_pdbx_struct_assembly.details              author_and_software_defined_assembly 
_pdbx_struct_assembly.method_details       PISA 
_pdbx_struct_assembly.oligomeric_details   monomeric 
_pdbx_struct_assembly.oligomeric_count     1 
# 
_pdbx_struct_assembly_gen.assembly_id       1 
_pdbx_struct_assembly_gen.oper_expression   1 
_pdbx_struct_assembly_gen.asym_id_list      A,B,C,D,E,F,G,H,I 
# 
_pdbx_struct_oper_list.id                   1 
_pdbx_struct_oper_list.type                 'identity operation' 
_pdbx_struct_oper_list.name                 1_555 
_pdbx_struct_oper_list.symmetry_operation   x,y,z 
_pdbx_struct_oper_list.matrix[1][1]         1.0000000000 
_pdbx_struct_oper_list.matrix[1][2]         0.0000000000 
_pdbx_struct_oper_list.matrix[1][3]         0.0000000000 
_pdbx_struct_oper_list.vector[1]            0.0000000000 
_pdbx_struct_oper_list.matrix[2][1]         0.0000000000 
_pdbx_struct_oper_list.matrix[2][2]         1.0000000000 
_pdbx_struct_oper_list.matrix[2][3]         0.0000000000 
_pdbx_struct_oper_list.vector[2]            0.0000000000 
_pdbx_struct_oper_list.matrix[3][1]         0.0000000000 
_pdbx_struct_oper_list.matrix[3][2]         0.0000000000 
_pdbx_struct_oper_list.matrix[3][3]         1.0000000000 
_pdbx_struct_oper_list.vector[3]            0.0000000000 
# 
loop_
_pdbx_audit_revision_history.ordinal 
_pdbx_audit_revision_history.data_content_type 
_pdbx_audit_revision_history.major_revision 
_pdbx_audit_revision_history.minor_revision 
_pdbx_audit_revision_history.revision_date 
1 'Structure model' 1 0 2008-11-11 
2 'Structure model' 1 1 2011-07-13 
3 'Structure model' 1 2 2021-10-20 
4 'Structure model' 1 3 2023-08-30 
5 'Structure model' 1 4 2023-11-15 
# 
_pdbx_audit_revision_details.ordinal             1 
_pdbx_audit_revision_details.revision_ordinal    1 
_pdbx_audit_revision_details.data_content_type   'Structure model' 
_pdbx_audit_revision_details.provider            repository 
_pdbx_audit_revision_details.type                'Initial release' 
_pdbx_audit_revision_details.description         ? 
_pdbx_audit_revision_details.details             ? 
# 
loop_
_pdbx_audit_revision_group.ordinal 
_pdbx_audit_revision_group.revision_ordinal 
_pdbx_audit_revision_group.data_content_type 
_pdbx_audit_revision_group.group 
1 2 'Structure model' 'Version format compliance' 
2 3 'Structure model' 'Database references'       
3 3 'Structure model' 'Derived calculations'      
4 4 'Structure model' 'Data collection'           
5 4 'Structure model' 'Refinement description'    
6 5 'Structure model' 'Data collection'           
# 
loop_
_pdbx_audit_revision_category.ordinal 
_pdbx_audit_revision_category.revision_ordinal 
_pdbx_audit_revision_category.data_content_type 
_pdbx_audit_revision_category.category 
1 3 'Structure model' database_2                    
2 3 'Structure model' struct_conn                   
3 3 'Structure model' struct_ref_seq_dif            
4 3 'Structure model' struct_site                   
5 4 'Structure model' chem_comp_atom                
6 4 'Structure model' chem_comp_bond                
7 4 'Structure model' pdbx_initial_refinement_model 
8 5 'Structure model' chem_comp_atom                
9 5 'Structure model' chem_comp_bond                
# 
loop_
_pdbx_audit_revision_item.ordinal 
_pdbx_audit_revision_item.revision_ordinal 
_pdbx_audit_revision_item.data_content_type 
_pdbx_audit_revision_item.item 
1 3 'Structure model' '_database_2.pdbx_DOI'                
2 3 'Structure model' '_database_2.pdbx_database_accession' 
3 3 'Structure model' '_struct_conn.pdbx_leaving_atom_flag' 
4 3 'Structure model' '_struct_ref_seq_dif.details'         
5 3 'Structure model' '_struct_site.pdbx_auth_asym_id'      
6 3 'Structure model' '_struct_site.pdbx_auth_comp_id'      
7 3 'Structure model' '_struct_site.pdbx_auth_seq_id'       
8 5 'Structure model' '_chem_comp_atom.atom_id'             
9 5 'Structure model' '_chem_comp_bond.atom_id_2'           
# 
loop_
_software.name 
_software.classification 
_software.version 
_software.citation_id 
_software.pdbx_ordinal 
REFMAC   refinement        5.2.0019 ? 1 
HKL-2000 'data collection' .        ? 2 
HKL-2000 'data reduction'  .        ? 3 
HKL-2000 'data scaling'    .        ? 4 
AMoRE    phasing           .        ? 5 
# 
_pdbx_validate_torsion.id              1 
_pdbx_validate_torsion.PDB_model_num   1 
_pdbx_validate_torsion.auth_comp_id    ILE 
_pdbx_validate_torsion.auth_asym_id    A 
_pdbx_validate_torsion.auth_seq_id     29 
_pdbx_validate_torsion.PDB_ins_code    ? 
_pdbx_validate_torsion.label_alt_id    ? 
_pdbx_validate_torsion.phi             -100.87 
_pdbx_validate_torsion.psi             73.66 
# 
loop_
_pdbx_unobs_or_zero_occ_residues.id 
_pdbx_unobs_or_zero_occ_residues.PDB_model_num 
_pdbx_unobs_or_zero_occ_residues.polymer_flag 
_pdbx_unobs_or_zero_occ_residues.occupancy_flag 
_pdbx_unobs_or_zero_occ_residues.auth_asym_id 
_pdbx_unobs_or_zero_occ_residues.auth_comp_id 
_pdbx_unobs_or_zero_occ_residues.auth_seq_id 
_pdbx_unobs_or_zero_occ_residues.PDB_ins_code 
_pdbx_unobs_or_zero_occ_residues.label_asym_id 
_pdbx_unobs_or_zero_occ_residues.label_comp_id 
_pdbx_unobs_or_zero_occ_residues.label_seq_id 
1 1 Y 1 A ASN 163 ? A ASN 163 
2 1 Y 1 A LEU 164 ? A LEU 164 
# 
loop_
_chem_comp_atom.comp_id 
_chem_comp_atom.atom_id 
_chem_comp_atom.type_symbol 
_chem_comp_atom.pdbx_aromatic_flag 
_chem_comp_atom.pdbx_stereo_config 
_chem_comp_atom.pdbx_ordinal 
ALA N    N  N N 1   
ALA CA   C  N S 2   
ALA C    C  N N 3   
ALA O    O  N N 4   
ALA CB   C  N N 5   
ALA OXT  O  N N 6   
ALA H    H  N N 7   
ALA H2   H  N N 8   
ALA HA   H  N N 9   
ALA HB1  H  N N 10  
ALA HB2  H  N N 11  
ALA HB3  H  N N 12  
ALA HXT  H  N N 13  
ARG N    N  N N 14  
ARG CA   C  N S 15  
ARG C    C  N N 16  
ARG O    O  N N 17  
ARG CB   C  N N 18  
ARG CG   C  N N 19  
ARG CD   C  N N 20  
ARG NE   N  N N 21  
ARG CZ   C  N N 22  
ARG NH1  N  N N 23  
ARG NH2  N  N N 24  
ARG OXT  O  N N 25  
ARG H    H  N N 26  
ARG H2   H  N N 27  
ARG HA   H  N N 28  
ARG HB2  H  N N 29  
ARG HB3  H  N N 30  
ARG HG2  H  N N 31  
ARG HG3  H  N N 32  
ARG HD2  H  N N 33  
ARG HD3  H  N N 34  
ARG HE   H  N N 35  
ARG HH11 H  N N 36  
ARG HH12 H  N N 37  
ARG HH21 H  N N 38  
ARG HH22 H  N N 39  
ARG HXT  H  N N 40  
ASN N    N  N N 41  
ASN CA   C  N S 42  
ASN C    C  N N 43  
ASN O    O  N N 44  
ASN CB   C  N N 45  
ASN CG   C  N N 46  
ASN OD1  O  N N 47  
ASN ND2  N  N N 48  
ASN OXT  O  N N 49  
ASN H    H  N N 50  
ASN H2   H  N N 51  
ASN HA   H  N N 52  
ASN HB2  H  N N 53  
ASN HB3  H  N N 54  
ASN HD21 H  N N 55  
ASN HD22 H  N N 56  
ASN HXT  H  N N 57  
ASP N    N  N N 58  
ASP CA   C  N S 59  
ASP C    C  N N 60  
ASP O    O  N N 61  
ASP CB   C  N N 62  
ASP CG   C  N N 63  
ASP OD1  O  N N 64  
ASP OD2  O  N N 65  
ASP OXT  O  N N 66  
ASP H    H  N N 67  
ASP H2   H  N N 68  
ASP HA   H  N N 69  
ASP HB2  H  N N 70  
ASP HB3  H  N N 71  
ASP HD2  H  N N 72  
ASP HXT  H  N N 73  
BME C1   C  N N 74  
BME C2   C  N N 75  
BME O1   O  N N 76  
BME S2   S  N N 77  
BME H11  H  N N 78  
BME H12  H  N N 79  
BME H21  H  N N 80  
BME H22  H  N N 81  
BME HO1  H  N N 82  
BME HS2  H  N N 83  
CL  CL   CL N N 84  
CYS N    N  N N 85  
CYS CA   C  N R 86  
CYS C    C  N N 87  
CYS O    O  N N 88  
CYS CB   C  N N 89  
CYS SG   S  N N 90  
CYS OXT  O  N N 91  
CYS H    H  N N 92  
CYS H2   H  N N 93  
CYS HA   H  N N 94  
CYS HB2  H  N N 95  
CYS HB3  H  N N 96  
CYS HG   H  N N 97  
CYS HXT  H  N N 98  
GLN N    N  N N 99  
GLN CA   C  N S 100 
GLN C    C  N N 101 
GLN O    O  N N 102 
GLN CB   C  N N 103 
GLN CG   C  N N 104 
GLN CD   C  N N 105 
GLN OE1  O  N N 106 
GLN NE2  N  N N 107 
GLN OXT  O  N N 108 
GLN H    H  N N 109 
GLN H2   H  N N 110 
GLN HA   H  N N 111 
GLN HB2  H  N N 112 
GLN HB3  H  N N 113 
GLN HG2  H  N N 114 
GLN HG3  H  N N 115 
GLN HE21 H  N N 116 
GLN HE22 H  N N 117 
GLN HXT  H  N N 118 
GLU N    N  N N 119 
GLU CA   C  N S 120 
GLU C    C  N N 121 
GLU O    O  N N 122 
GLU CB   C  N N 123 
GLU CG   C  N N 124 
GLU CD   C  N N 125 
GLU OE1  O  N N 126 
GLU OE2  O  N N 127 
GLU OXT  O  N N 128 
GLU H    H  N N 129 
GLU H2   H  N N 130 
GLU HA   H  N N 131 
GLU HB2  H  N N 132 
GLU HB3  H  N N 133 
GLU HG2  H  N N 134 
GLU HG3  H  N N 135 
GLU HE2  H  N N 136 
GLU HXT  H  N N 137 
GLY N    N  N N 138 
GLY CA   C  N N 139 
GLY C    C  N N 140 
GLY O    O  N N 141 
GLY OXT  O  N N 142 
GLY H    H  N N 143 
GLY H2   H  N N 144 
GLY HA2  H  N N 145 
GLY HA3  H  N N 146 
GLY HXT  H  N N 147 
HED C1   C  N N 148 
HED O1   O  N N 149 
HED C2   C  N N 150 
HED S3   S  N N 151 
HED S4   S  N N 152 
HED C5   C  N N 153 
HED C6   C  N N 154 
HED O6   O  N N 155 
HED H11  H  N N 156 
HED H12  H  N N 157 
HED HO1  H  N N 158 
HED H21  H  N N 159 
HED H22  H  N N 160 
HED H51  H  N N 161 
HED H52  H  N N 162 
HED H61  H  N N 163 
HED H62  H  N N 164 
HED HO6  H  N N 165 
HIS N    N  N N 166 
HIS CA   C  N S 167 
HIS C    C  N N 168 
HIS O    O  N N 169 
HIS CB   C  N N 170 
HIS CG   C  Y N 171 
HIS ND1  N  Y N 172 
HIS CD2  C  Y N 173 
HIS CE1  C  Y N 174 
HIS NE2  N  Y N 175 
HIS OXT  O  N N 176 
HIS H    H  N N 177 
HIS H2   H  N N 178 
HIS HA   H  N N 179 
HIS HB2  H  N N 180 
HIS HB3  H  N N 181 
HIS HD1  H  N N 182 
HIS HD2  H  N N 183 
HIS HE1  H  N N 184 
HIS HE2  H  N N 185 
HIS HXT  H  N N 186 
HOH O    O  N N 187 
HOH H1   H  N N 188 
HOH H2   H  N N 189 
IBF F6   F  N N 190 
IBF C6   C  Y N 191 
IBF C1   C  Y N 192 
IBF I1   I  N N 193 
IBF C5   C  Y N 194 
IBF F5   F  N N 195 
IBF C4   C  Y N 196 
IBF F4   F  N N 197 
IBF C3   C  Y N 198 
IBF F3   F  N N 199 
IBF C2   C  Y N 200 
IBF F2   F  N N 201 
ILE N    N  N N 202 
ILE CA   C  N S 203 
ILE C    C  N N 204 
ILE O    O  N N 205 
ILE CB   C  N S 206 
ILE CG1  C  N N 207 
ILE CG2  C  N N 208 
ILE CD1  C  N N 209 
ILE OXT  O  N N 210 
ILE H    H  N N 211 
ILE H2   H  N N 212 
ILE HA   H  N N 213 
ILE HB   H  N N 214 
ILE HG12 H  N N 215 
ILE HG13 H  N N 216 
ILE HG21 H  N N 217 
ILE HG22 H  N N 218 
ILE HG23 H  N N 219 
ILE HD11 H  N N 220 
ILE HD12 H  N N 221 
ILE HD13 H  N N 222 
ILE HXT  H  N N 223 
LEU N    N  N N 224 
LEU CA   C  N S 225 
LEU C    C  N N 226 
LEU O    O  N N 227 
LEU CB   C  N N 228 
LEU CG   C  N N 229 
LEU CD1  C  N N 230 
LEU CD2  C  N N 231 
LEU OXT  O  N N 232 
LEU H    H  N N 233 
LEU H2   H  N N 234 
LEU HA   H  N N 235 
LEU HB2  H  N N 236 
LEU HB3  H  N N 237 
LEU HG   H  N N 238 
LEU HD11 H  N N 239 
LEU HD12 H  N N 240 
LEU HD13 H  N N 241 
LEU HD21 H  N N 242 
LEU HD22 H  N N 243 
LEU HD23 H  N N 244 
LEU HXT  H  N N 245 
LYS N    N  N N 246 
LYS CA   C  N S 247 
LYS C    C  N N 248 
LYS O    O  N N 249 
LYS CB   C  N N 250 
LYS CG   C  N N 251 
LYS CD   C  N N 252 
LYS CE   C  N N 253 
LYS NZ   N  N N 254 
LYS OXT  O  N N 255 
LYS H    H  N N 256 
LYS H2   H  N N 257 
LYS HA   H  N N 258 
LYS HB2  H  N N 259 
LYS HB3  H  N N 260 
LYS HG2  H  N N 261 
LYS HG3  H  N N 262 
LYS HD2  H  N N 263 
LYS HD3  H  N N 264 
LYS HE2  H  N N 265 
LYS HE3  H  N N 266 
LYS HZ1  H  N N 267 
LYS HZ2  H  N N 268 
LYS HZ3  H  N N 269 
LYS HXT  H  N N 270 
MSE N    N  N N 271 
MSE CA   C  N S 272 
MSE C    C  N N 273 
MSE O    O  N N 274 
MSE OXT  O  N N 275 
MSE CB   C  N N 276 
MSE CG   C  N N 277 
MSE SE   SE N N 278 
MSE CE   C  N N 279 
MSE H    H  N N 280 
MSE H2   H  N N 281 
MSE HA   H  N N 282 
MSE HXT  H  N N 283 
MSE HB2  H  N N 284 
MSE HB3  H  N N 285 
MSE HG2  H  N N 286 
MSE HG3  H  N N 287 
MSE HE1  H  N N 288 
MSE HE2  H  N N 289 
MSE HE3  H  N N 290 
PHE N    N  N N 291 
PHE CA   C  N S 292 
PHE C    C  N N 293 
PHE O    O  N N 294 
PHE CB   C  N N 295 
PHE CG   C  Y N 296 
PHE CD1  C  Y N 297 
PHE CD2  C  Y N 298 
PHE CE1  C  Y N 299 
PHE CE2  C  Y N 300 
PHE CZ   C  Y N 301 
PHE OXT  O  N N 302 
PHE H    H  N N 303 
PHE H2   H  N N 304 
PHE HA   H  N N 305 
PHE HB2  H  N N 306 
PHE HB3  H  N N 307 
PHE HD1  H  N N 308 
PHE HD2  H  N N 309 
PHE HE1  H  N N 310 
PHE HE2  H  N N 311 
PHE HZ   H  N N 312 
PHE HXT  H  N N 313 
PO4 P    P  N N 314 
PO4 O1   O  N N 315 
PO4 O2   O  N N 316 
PO4 O3   O  N N 317 
PO4 O4   O  N N 318 
PRO N    N  N N 319 
PRO CA   C  N S 320 
PRO C    C  N N 321 
PRO O    O  N N 322 
PRO CB   C  N N 323 
PRO CG   C  N N 324 
PRO CD   C  N N 325 
PRO OXT  O  N N 326 
PRO H    H  N N 327 
PRO HA   H  N N 328 
PRO HB2  H  N N 329 
PRO HB3  H  N N 330 
PRO HG2  H  N N 331 
PRO HG3  H  N N 332 
PRO HD2  H  N N 333 
PRO HD3  H  N N 334 
PRO HXT  H  N N 335 
SER N    N  N N 336 
SER CA   C  N S 337 
SER C    C  N N 338 
SER O    O  N N 339 
SER CB   C  N N 340 
SER OG   O  N N 341 
SER OXT  O  N N 342 
SER H    H  N N 343 
SER H2   H  N N 344 
SER HA   H  N N 345 
SER HB2  H  N N 346 
SER HB3  H  N N 347 
SER HG   H  N N 348 
SER HXT  H  N N 349 
THR N    N  N N 350 
THR CA   C  N S 351 
THR C    C  N N 352 
THR O    O  N N 353 
THR CB   C  N R 354 
THR OG1  O  N N 355 
THR CG2  C  N N 356 
THR OXT  O  N N 357 
THR H    H  N N 358 
THR H2   H  N N 359 
THR HA   H  N N 360 
THR HB   H  N N 361 
THR HG1  H  N N 362 
THR HG21 H  N N 363 
THR HG22 H  N N 364 
THR HG23 H  N N 365 
THR HXT  H  N N 366 
TRP N    N  N N 367 
TRP CA   C  N S 368 
TRP C    C  N N 369 
TRP O    O  N N 370 
TRP CB   C  N N 371 
TRP CG   C  Y N 372 
TRP CD1  C  Y N 373 
TRP CD2  C  Y N 374 
TRP NE1  N  Y N 375 
TRP CE2  C  Y N 376 
TRP CE3  C  Y N 377 
TRP CZ2  C  Y N 378 
TRP CZ3  C  Y N 379 
TRP CH2  C  Y N 380 
TRP OXT  O  N N 381 
TRP H    H  N N 382 
TRP H2   H  N N 383 
TRP HA   H  N N 384 
TRP HB2  H  N N 385 
TRP HB3  H  N N 386 
TRP HD1  H  N N 387 
TRP HE1  H  N N 388 
TRP HE3  H  N N 389 
TRP HZ2  H  N N 390 
TRP HZ3  H  N N 391 
TRP HH2  H  N N 392 
TRP HXT  H  N N 393 
TYR N    N  N N 394 
TYR CA   C  N S 395 
TYR C    C  N N 396 
TYR O    O  N N 397 
TYR CB   C  N N 398 
TYR CG   C  Y N 399 
TYR CD1  C  Y N 400 
TYR CD2  C  Y N 401 
TYR CE1  C  Y N 402 
TYR CE2  C  Y N 403 
TYR CZ   C  Y N 404 
TYR OH   O  N N 405 
TYR OXT  O  N N 406 
TYR H    H  N N 407 
TYR H2   H  N N 408 
TYR HA   H  N N 409 
TYR HB2  H  N N 410 
TYR HB3  H  N N 411 
TYR HD1  H  N N 412 
TYR HD2  H  N N 413 
TYR HE1  H  N N 414 
TYR HE2  H  N N 415 
TYR HH   H  N N 416 
TYR HXT  H  N N 417 
VAL N    N  N N 418 
VAL CA   C  N S 419 
VAL C    C  N N 420 
VAL O    O  N N 421 
VAL CB   C  N N 422 
VAL CG1  C  N N 423 
VAL CG2  C  N N 424 
VAL OXT  O  N N 425 
VAL H    H  N N 426 
VAL H2   H  N N 427 
VAL HA   H  N N 428 
VAL HB   H  N N 429 
VAL HG11 H  N N 430 
VAL HG12 H  N N 431 
VAL HG13 H  N N 432 
VAL HG21 H  N N 433 
VAL HG22 H  N N 434 
VAL HG23 H  N N 435 
VAL HXT  H  N N 436 
# 
loop_
_chem_comp_bond.comp_id 
_chem_comp_bond.atom_id_1 
_chem_comp_bond.atom_id_2 
_chem_comp_bond.value_order 
_chem_comp_bond.pdbx_aromatic_flag 
_chem_comp_bond.pdbx_stereo_config 
_chem_comp_bond.pdbx_ordinal 
ALA N   CA   sing N N 1   
ALA N   H    sing N N 2   
ALA N   H2   sing N N 3   
ALA CA  C    sing N N 4   
ALA CA  CB   sing N N 5   
ALA CA  HA   sing N N 6   
ALA C   O    doub N N 7   
ALA C   OXT  sing N N 8   
ALA CB  HB1  sing N N 9   
ALA CB  HB2  sing N N 10  
ALA CB  HB3  sing N N 11  
ALA OXT HXT  sing N N 12  
ARG N   CA   sing N N 13  
ARG N   H    sing N N 14  
ARG N   H2   sing N N 15  
ARG CA  C    sing N N 16  
ARG CA  CB   sing N N 17  
ARG CA  HA   sing N N 18  
ARG C   O    doub N N 19  
ARG C   OXT  sing N N 20  
ARG CB  CG   sing N N 21  
ARG CB  HB2  sing N N 22  
ARG CB  HB3  sing N N 23  
ARG CG  CD   sing N N 24  
ARG CG  HG2  sing N N 25  
ARG CG  HG3  sing N N 26  
ARG CD  NE   sing N N 27  
ARG CD  HD2  sing N N 28  
ARG CD  HD3  sing N N 29  
ARG NE  CZ   sing N N 30  
ARG NE  HE   sing N N 31  
ARG CZ  NH1  sing N N 32  
ARG CZ  NH2  doub N N 33  
ARG NH1 HH11 sing N N 34  
ARG NH1 HH12 sing N N 35  
ARG NH2 HH21 sing N N 36  
ARG NH2 HH22 sing N N 37  
ARG OXT HXT  sing N N 38  
ASN N   CA   sing N N 39  
ASN N   H    sing N N 40  
ASN N   H2   sing N N 41  
ASN CA  C    sing N N 42  
ASN CA  CB   sing N N 43  
ASN CA  HA   sing N N 44  
ASN C   O    doub N N 45  
ASN C   OXT  sing N N 46  
ASN CB  CG   sing N N 47  
ASN CB  HB2  sing N N 48  
ASN CB  HB3  sing N N 49  
ASN CG  OD1  doub N N 50  
ASN CG  ND2  sing N N 51  
ASN ND2 HD21 sing N N 52  
ASN ND2 HD22 sing N N 53  
ASN OXT HXT  sing N N 54  
ASP N   CA   sing N N 55  
ASP N   H    sing N N 56  
ASP N   H2   sing N N 57  
ASP CA  C    sing N N 58  
ASP CA  CB   sing N N 59  
ASP CA  HA   sing N N 60  
ASP C   O    doub N N 61  
ASP C   OXT  sing N N 62  
ASP CB  CG   sing N N 63  
ASP CB  HB2  sing N N 64  
ASP CB  HB3  sing N N 65  
ASP CG  OD1  doub N N 66  
ASP CG  OD2  sing N N 67  
ASP OD2 HD2  sing N N 68  
ASP OXT HXT  sing N N 69  
BME C1  C2   sing N N 70  
BME C1  O1   sing N N 71  
BME C1  H11  sing N N 72  
BME C1  H12  sing N N 73  
BME C2  S2   sing N N 74  
BME C2  H21  sing N N 75  
BME C2  H22  sing N N 76  
BME O1  HO1  sing N N 77  
BME S2  HS2  sing N N 78  
CYS N   CA   sing N N 79  
CYS N   H    sing N N 80  
CYS N   H2   sing N N 81  
CYS CA  C    sing N N 82  
CYS CA  CB   sing N N 83  
CYS CA  HA   sing N N 84  
CYS C   O    doub N N 85  
CYS C   OXT  sing N N 86  
CYS CB  SG   sing N N 87  
CYS CB  HB2  sing N N 88  
CYS CB  HB3  sing N N 89  
CYS SG  HG   sing N N 90  
CYS OXT HXT  sing N N 91  
GLN N   CA   sing N N 92  
GLN N   H    sing N N 93  
GLN N   H2   sing N N 94  
GLN CA  C    sing N N 95  
GLN CA  CB   sing N N 96  
GLN CA  HA   sing N N 97  
GLN C   O    doub N N 98  
GLN C   OXT  sing N N 99  
GLN CB  CG   sing N N 100 
GLN CB  HB2  sing N N 101 
GLN CB  HB3  sing N N 102 
GLN CG  CD   sing N N 103 
GLN CG  HG2  sing N N 104 
GLN CG  HG3  sing N N 105 
GLN CD  OE1  doub N N 106 
GLN CD  NE2  sing N N 107 
GLN NE2 HE21 sing N N 108 
GLN NE2 HE22 sing N N 109 
GLN OXT HXT  sing N N 110 
GLU N   CA   sing N N 111 
GLU N   H    sing N N 112 
GLU N   H2   sing N N 113 
GLU CA  C    sing N N 114 
GLU CA  CB   sing N N 115 
GLU CA  HA   sing N N 116 
GLU C   O    doub N N 117 
GLU C   OXT  sing N N 118 
GLU CB  CG   sing N N 119 
GLU CB  HB2  sing N N 120 
GLU CB  HB3  sing N N 121 
GLU CG  CD   sing N N 122 
GLU CG  HG2  sing N N 123 
GLU CG  HG3  sing N N 124 
GLU CD  OE1  doub N N 125 
GLU CD  OE2  sing N N 126 
GLU OE2 HE2  sing N N 127 
GLU OXT HXT  sing N N 128 
GLY N   CA   sing N N 129 
GLY N   H    sing N N 130 
GLY N   H2   sing N N 131 
GLY CA  C    sing N N 132 
GLY CA  HA2  sing N N 133 
GLY CA  HA3  sing N N 134 
GLY C   O    doub N N 135 
GLY C   OXT  sing N N 136 
GLY OXT HXT  sing N N 137 
HED C1  O1   sing N N 138 
HED C1  C2   sing N N 139 
HED C1  H11  sing N N 140 
HED C1  H12  sing N N 141 
HED O1  HO1  sing N N 142 
HED C2  S3   sing N N 143 
HED C2  H21  sing N N 144 
HED C2  H22  sing N N 145 
HED S3  S4   sing N N 146 
HED S4  C5   sing N N 147 
HED C5  C6   sing N N 148 
HED C5  H51  sing N N 149 
HED C5  H52  sing N N 150 
HED C6  O6   sing N N 151 
HED C6  H61  sing N N 152 
HED C6  H62  sing N N 153 
HED O6  HO6  sing N N 154 
HIS N   CA   sing N N 155 
HIS N   H    sing N N 156 
HIS N   H2   sing N N 157 
HIS CA  C    sing N N 158 
HIS CA  CB   sing N N 159 
HIS CA  HA   sing N N 160 
HIS C   O    doub N N 161 
HIS C   OXT  sing N N 162 
HIS CB  CG   sing N N 163 
HIS CB  HB2  sing N N 164 
HIS CB  HB3  sing N N 165 
HIS CG  ND1  sing Y N 166 
HIS CG  CD2  doub Y N 167 
HIS ND1 CE1  doub Y N 168 
HIS ND1 HD1  sing N N 169 
HIS CD2 NE2  sing Y N 170 
HIS CD2 HD2  sing N N 171 
HIS CE1 NE2  sing Y N 172 
HIS CE1 HE1  sing N N 173 
HIS NE2 HE2  sing N N 174 
HIS OXT HXT  sing N N 175 
HOH O   H1   sing N N 176 
HOH O   H2   sing N N 177 
IBF F6  C6   sing N N 178 
IBF C6  C1   doub Y N 179 
IBF C6  C5   sing Y N 180 
IBF C1  I1   sing N N 181 
IBF C1  C2   sing Y N 182 
IBF C5  F5   sing N N 183 
IBF C5  C4   doub Y N 184 
IBF C4  F4   sing N N 185 
IBF C4  C3   sing Y N 186 
IBF C3  F3   sing N N 187 
IBF C3  C2   doub Y N 188 
IBF C2  F2   sing N N 189 
ILE N   CA   sing N N 190 
ILE N   H    sing N N 191 
ILE N   H2   sing N N 192 
ILE CA  C    sing N N 193 
ILE CA  CB   sing N N 194 
ILE CA  HA   sing N N 195 
ILE C   O    doub N N 196 
ILE C   OXT  sing N N 197 
ILE CB  CG1  sing N N 198 
ILE CB  CG2  sing N N 199 
ILE CB  HB   sing N N 200 
ILE CG1 CD1  sing N N 201 
ILE CG1 HG12 sing N N 202 
ILE CG1 HG13 sing N N 203 
ILE CG2 HG21 sing N N 204 
ILE CG2 HG22 sing N N 205 
ILE CG2 HG23 sing N N 206 
ILE CD1 HD11 sing N N 207 
ILE CD1 HD12 sing N N 208 
ILE CD1 HD13 sing N N 209 
ILE OXT HXT  sing N N 210 
LEU N   CA   sing N N 211 
LEU N   H    sing N N 212 
LEU N   H2   sing N N 213 
LEU CA  C    sing N N 214 
LEU CA  CB   sing N N 215 
LEU CA  HA   sing N N 216 
LEU C   O    doub N N 217 
LEU C   OXT  sing N N 218 
LEU CB  CG   sing N N 219 
LEU CB  HB2  sing N N 220 
LEU CB  HB3  sing N N 221 
LEU CG  CD1  sing N N 222 
LEU CG  CD2  sing N N 223 
LEU CG  HG   sing N N 224 
LEU CD1 HD11 sing N N 225 
LEU CD1 HD12 sing N N 226 
LEU CD1 HD13 sing N N 227 
LEU CD2 HD21 sing N N 228 
LEU CD2 HD22 sing N N 229 
LEU CD2 HD23 sing N N 230 
LEU OXT HXT  sing N N 231 
LYS N   CA   sing N N 232 
LYS N   H    sing N N 233 
LYS N   H2   sing N N 234 
LYS CA  C    sing N N 235 
LYS CA  CB   sing N N 236 
LYS CA  HA   sing N N 237 
LYS C   O    doub N N 238 
LYS C   OXT  sing N N 239 
LYS CB  CG   sing N N 240 
LYS CB  HB2  sing N N 241 
LYS CB  HB3  sing N N 242 
LYS CG  CD   sing N N 243 
LYS CG  HG2  sing N N 244 
LYS CG  HG3  sing N N 245 
LYS CD  CE   sing N N 246 
LYS CD  HD2  sing N N 247 
LYS CD  HD3  sing N N 248 
LYS CE  NZ   sing N N 249 
LYS CE  HE2  sing N N 250 
LYS CE  HE3  sing N N 251 
LYS NZ  HZ1  sing N N 252 
LYS NZ  HZ2  sing N N 253 
LYS NZ  HZ3  sing N N 254 
LYS OXT HXT  sing N N 255 
MSE N   CA   sing N N 256 
MSE N   H    sing N N 257 
MSE N   H2   sing N N 258 
MSE CA  C    sing N N 259 
MSE CA  CB   sing N N 260 
MSE CA  HA   sing N N 261 
MSE C   O    doub N N 262 
MSE C   OXT  sing N N 263 
MSE OXT HXT  sing N N 264 
MSE CB  CG   sing N N 265 
MSE CB  HB2  sing N N 266 
MSE CB  HB3  sing N N 267 
MSE CG  SE   sing N N 268 
MSE CG  HG2  sing N N 269 
MSE CG  HG3  sing N N 270 
MSE SE  CE   sing N N 271 
MSE CE  HE1  sing N N 272 
MSE CE  HE2  sing N N 273 
MSE CE  HE3  sing N N 274 
PHE N   CA   sing N N 275 
PHE N   H    sing N N 276 
PHE N   H2   sing N N 277 
PHE CA  C    sing N N 278 
PHE CA  CB   sing N N 279 
PHE CA  HA   sing N N 280 
PHE C   O    doub N N 281 
PHE C   OXT  sing N N 282 
PHE CB  CG   sing N N 283 
PHE CB  HB2  sing N N 284 
PHE CB  HB3  sing N N 285 
PHE CG  CD1  doub Y N 286 
PHE CG  CD2  sing Y N 287 
PHE CD1 CE1  sing Y N 288 
PHE CD1 HD1  sing N N 289 
PHE CD2 CE2  doub Y N 290 
PHE CD2 HD2  sing N N 291 
PHE CE1 CZ   doub Y N 292 
PHE CE1 HE1  sing N N 293 
PHE CE2 CZ   sing Y N 294 
PHE CE2 HE2  sing N N 295 
PHE CZ  HZ   sing N N 296 
PHE OXT HXT  sing N N 297 
PO4 P   O1   doub N N 298 
PO4 P   O2   sing N N 299 
PO4 P   O3   sing N N 300 
PO4 P   O4   sing N N 301 
PRO N   CA   sing N N 302 
PRO N   CD   sing N N 303 
PRO N   H    sing N N 304 
PRO CA  C    sing N N 305 
PRO CA  CB   sing N N 306 
PRO CA  HA   sing N N 307 
PRO C   O    doub N N 308 
PRO C   OXT  sing N N 309 
PRO CB  CG   sing N N 310 
PRO CB  HB2  sing N N 311 
PRO CB  HB3  sing N N 312 
PRO CG  CD   sing N N 313 
PRO CG  HG2  sing N N 314 
PRO CG  HG3  sing N N 315 
PRO CD  HD2  sing N N 316 
PRO CD  HD3  sing N N 317 
PRO OXT HXT  sing N N 318 
SER N   CA   sing N N 319 
SER N   H    sing N N 320 
SER N   H2   sing N N 321 
SER CA  C    sing N N 322 
SER CA  CB   sing N N 323 
SER CA  HA   sing N N 324 
SER C   O    doub N N 325 
SER C   OXT  sing N N 326 
SER CB  OG   sing N N 327 
SER CB  HB2  sing N N 328 
SER CB  HB3  sing N N 329 
SER OG  HG   sing N N 330 
SER OXT HXT  sing N N 331 
THR N   CA   sing N N 332 
THR N   H    sing N N 333 
THR N   H2   sing N N 334 
THR CA  C    sing N N 335 
THR CA  CB   sing N N 336 
THR CA  HA   sing N N 337 
THR C   O    doub N N 338 
THR C   OXT  sing N N 339 
THR CB  OG1  sing N N 340 
THR CB  CG2  sing N N 341 
THR CB  HB   sing N N 342 
THR OG1 HG1  sing N N 343 
THR CG2 HG21 sing N N 344 
THR CG2 HG22 sing N N 345 
THR CG2 HG23 sing N N 346 
THR OXT HXT  sing N N 347 
TRP N   CA   sing N N 348 
TRP N   H    sing N N 349 
TRP N   H2   sing N N 350 
TRP CA  C    sing N N 351 
TRP CA  CB   sing N N 352 
TRP CA  HA   sing N N 353 
TRP C   O    doub N N 354 
TRP C   OXT  sing N N 355 
TRP CB  CG   sing N N 356 
TRP CB  HB2  sing N N 357 
TRP CB  HB3  sing N N 358 
TRP CG  CD1  doub Y N 359 
TRP CG  CD2  sing Y N 360 
TRP CD1 NE1  sing Y N 361 
TRP CD1 HD1  sing N N 362 
TRP CD2 CE2  doub Y N 363 
TRP CD2 CE3  sing Y N 364 
TRP NE1 CE2  sing Y N 365 
TRP NE1 HE1  sing N N 366 
TRP CE2 CZ2  sing Y N 367 
TRP CE3 CZ3  doub Y N 368 
TRP CE3 HE3  sing N N 369 
TRP CZ2 CH2  doub Y N 370 
TRP CZ2 HZ2  sing N N 371 
TRP CZ3 CH2  sing Y N 372 
TRP CZ3 HZ3  sing N N 373 
TRP CH2 HH2  sing N N 374 
TRP OXT HXT  sing N N 375 
TYR N   CA   sing N N 376 
TYR N   H    sing N N 377 
TYR N   H2   sing N N 378 
TYR CA  C    sing N N 379 
TYR CA  CB   sing N N 380 
TYR CA  HA   sing N N 381 
TYR C   O    doub N N 382 
TYR C   OXT  sing N N 383 
TYR CB  CG   sing N N 384 
TYR CB  HB2  sing N N 385 
TYR CB  HB3  sing N N 386 
TYR CG  CD1  doub Y N 387 
TYR CG  CD2  sing Y N 388 
TYR CD1 CE1  sing Y N 389 
TYR CD1 HD1  sing N N 390 
TYR CD2 CE2  doub Y N 391 
TYR CD2 HD2  sing N N 392 
TYR CE1 CZ   doub Y N 393 
TYR CE1 HE1  sing N N 394 
TYR CE2 CZ   sing Y N 395 
TYR CE2 HE2  sing N N 396 
TYR CZ  OH   sing N N 397 
TYR OH  HH   sing N N 398 
TYR OXT HXT  sing N N 399 
VAL N   CA   sing N N 400 
VAL N   H    sing N N 401 
VAL N   H2   sing N N 402 
VAL CA  C    sing N N 403 
VAL CA  CB   sing N N 404 
VAL CA  HA   sing N N 405 
VAL C   O    doub N N 406 
VAL C   OXT  sing N N 407 
VAL CB  CG1  sing N N 408 
VAL CB  CG2  sing N N 409 
VAL CB  HB   sing N N 410 
VAL CG1 HG11 sing N N 411 
VAL CG1 HG12 sing N N 412 
VAL CG1 HG13 sing N N 413 
VAL CG2 HG21 sing N N 414 
VAL CG2 HG22 sing N N 415 
VAL CG2 HG23 sing N N 416 
VAL OXT HXT  sing N N 417 
# 
loop_
_pdbx_entity_nonpoly.entity_id 
_pdbx_entity_nonpoly.name 
_pdbx_entity_nonpoly.comp_id 
2 'PHOSPHATE ION'                     PO4 
3 'CHLORIDE ION'                      CL  
4 '2-HYDROXYETHYL DISULFIDE'          HED 
5 BETA-MERCAPTOETHANOL                BME 
6 1,2,3,4,5-pentafluoro-6-iodobenzene IBF 
7 water                               HOH 
# 
_pdbx_initial_refinement_model.id               1 
_pdbx_initial_refinement_model.entity_id_list   ? 
_pdbx_initial_refinement_model.type             'experimental model' 
_pdbx_initial_refinement_model.source_name      PDB 
_pdbx_initial_refinement_model.accession_code   3DMV 
_pdbx_initial_refinement_model.details          'PDB entry 3DMV' 
# 
